data_1WJ4
#
_entry.id   1WJ4
#
_entity_poly.entity_id   1
_entity_poly.type   'polypeptide(L)'
_entity_poly.pdbx_seq_one_letter_code
;GSSGSSGTATNHQGLPAVDSEILEMPPEKADGVVEGIDVNGPKAQLMLRYPDGKREQITLPEQAKLLALVKHVQSKGYPN
ERFELLTNFPRRKLSHLDYDITLQEAGLCPQETVFVQESGPSSG
;
_entity_poly.pdbx_strand_id   A
#
# COMPACT_ATOMS: atom_id res chain seq x y z
N GLY A 1 -30.45 -49.22 55.82
CA GLY A 1 -29.26 -49.41 55.02
C GLY A 1 -29.60 -50.00 53.65
N SER A 2 -28.79 -49.65 52.67
CA SER A 2 -28.99 -50.14 51.32
C SER A 2 -27.72 -49.94 50.49
N SER A 3 -27.69 -50.60 49.34
CA SER A 3 -26.54 -50.50 48.45
C SER A 3 -26.74 -51.43 47.24
N GLY A 4 -25.89 -51.22 46.24
CA GLY A 4 -25.97 -52.02 45.03
C GLY A 4 -25.36 -51.27 43.84
N SER A 5 -24.94 -52.05 42.85
CA SER A 5 -24.34 -51.47 41.65
C SER A 5 -23.91 -52.58 40.70
N SER A 6 -23.60 -52.17 39.47
CA SER A 6 -23.17 -53.11 38.45
C SER A 6 -22.92 -52.38 37.13
N GLY A 7 -22.36 -53.11 36.19
CA GLY A 7 -22.07 -52.56 34.88
C GLY A 7 -21.17 -53.50 34.07
N THR A 8 -21.13 -53.24 32.77
CA THR A 8 -20.33 -54.06 31.87
C THR A 8 -20.32 -53.46 30.46
N ALA A 9 -19.38 -53.91 29.66
CA ALA A 9 -19.26 -53.44 28.29
C ALA A 9 -18.07 -54.12 27.62
N THR A 10 -18.00 -53.97 26.31
CA THR A 10 -16.92 -54.56 25.53
C THR A 10 -16.98 -54.07 24.08
N ASN A 11 -15.81 -54.02 23.47
CA ASN A 11 -15.70 -53.58 22.09
C ASN A 11 -14.24 -53.66 21.64
N HIS A 12 -14.05 -53.62 20.33
CA HIS A 12 -12.72 -53.68 19.76
C HIS A 12 -12.81 -53.57 18.23
N GLN A 13 -12.07 -52.61 17.70
CA GLN A 13 -12.05 -52.38 16.26
C GLN A 13 -10.84 -51.53 15.87
N GLY A 14 -10.69 -51.35 14.57
CA GLY A 14 -9.58 -50.56 14.05
C GLY A 14 -9.40 -50.79 12.55
N LEU A 15 -8.68 -49.87 11.93
CA LEU A 15 -8.43 -49.96 10.50
C LEU A 15 -7.40 -48.90 10.10
N PRO A 16 -6.43 -49.34 9.25
CA PRO A 16 -5.38 -48.44 8.79
C PRO A 16 -5.92 -47.47 7.74
N ALA A 17 -5.20 -46.37 7.55
CA ALA A 17 -5.59 -45.37 6.58
C ALA A 17 -4.34 -44.84 5.87
N VAL A 18 -4.58 -44.01 4.87
CA VAL A 18 -3.50 -43.43 4.10
C VAL A 18 -3.18 -42.03 4.63
N ASP A 19 -2.23 -41.38 3.99
CA ASP A 19 -1.83 -40.04 4.39
C ASP A 19 -0.72 -39.55 3.47
N SER A 20 -0.45 -38.25 3.57
CA SER A 20 0.58 -37.64 2.74
C SER A 20 1.49 -36.77 3.61
N GLU A 21 2.79 -36.87 3.35
CA GLU A 21 3.77 -36.10 4.09
C GLU A 21 4.57 -35.21 3.15
N ILE A 22 5.36 -35.86 2.30
CA ILE A 22 6.18 -35.13 1.34
C ILE A 22 5.28 -34.33 0.41
N LEU A 23 5.64 -33.06 0.25
CA LEU A 23 4.87 -32.17 -0.61
C LEU A 23 5.41 -32.26 -2.04
N GLU A 24 4.57 -31.85 -2.99
CA GLU A 24 4.96 -31.88 -4.38
C GLU A 24 5.83 -30.67 -4.72
N MET A 25 7.02 -30.66 -4.13
CA MET A 25 7.96 -29.58 -4.36
C MET A 25 7.22 -28.27 -4.65
N PRO A 26 6.94 -27.52 -3.56
CA PRO A 26 6.23 -26.24 -3.69
C PRO A 26 7.17 -25.16 -4.24
N PRO A 27 6.55 -24.18 -4.95
CA PRO A 27 7.30 -23.09 -5.53
C PRO A 27 7.73 -22.08 -4.45
N GLU A 28 8.41 -21.04 -4.89
CA GLU A 28 8.87 -20.01 -3.99
C GLU A 28 9.66 -18.94 -4.75
N LYS A 29 9.39 -17.69 -4.40
CA LYS A 29 10.06 -16.57 -5.04
C LYS A 29 9.85 -15.30 -4.20
N ALA A 30 10.62 -14.28 -4.53
CA ALA A 30 10.55 -13.02 -3.82
C ALA A 30 11.50 -12.02 -4.46
N ASP A 31 10.92 -11.05 -5.16
CA ASP A 31 11.72 -10.02 -5.81
C ASP A 31 10.80 -9.14 -6.67
N GLY A 32 11.26 -7.93 -6.91
CA GLY A 32 10.49 -6.98 -7.70
C GLY A 32 11.42 -6.03 -8.47
N VAL A 33 10.95 -4.80 -8.61
CA VAL A 33 11.72 -3.79 -9.31
C VAL A 33 12.83 -3.26 -8.39
N VAL A 34 13.24 -2.03 -8.65
CA VAL A 34 14.29 -1.41 -7.85
C VAL A 34 14.20 0.11 -7.99
N GLU A 35 13.96 0.77 -6.86
CA GLU A 35 13.84 2.21 -6.85
C GLU A 35 14.85 2.82 -5.87
N GLY A 36 14.98 4.12 -5.94
CA GLY A 36 15.91 4.84 -5.07
C GLY A 36 16.21 6.23 -5.61
N ILE A 37 17.48 6.60 -5.55
CA ILE A 37 17.91 7.90 -6.03
C ILE A 37 16.86 8.95 -5.64
N ASP A 38 17.03 9.49 -4.44
CA ASP A 38 16.11 10.49 -3.93
C ASP A 38 16.27 11.78 -4.75
N VAL A 39 15.26 12.63 -4.67
CA VAL A 39 15.28 13.89 -5.39
C VAL A 39 15.39 15.05 -4.39
N ASN A 40 15.87 16.18 -4.89
CA ASN A 40 16.03 17.35 -4.05
C ASN A 40 14.67 18.03 -3.89
N GLY A 41 14.26 18.18 -2.64
CA GLY A 41 12.99 18.82 -2.34
C GLY A 41 12.33 18.16 -1.12
N PRO A 42 11.06 18.59 -0.85
CA PRO A 42 10.31 18.06 0.27
C PRO A 42 9.82 16.65 -0.02
N LYS A 43 10.03 15.77 0.95
CA LYS A 43 9.61 14.38 0.82
C LYS A 43 8.39 14.13 1.69
N ALA A 44 7.54 13.23 1.23
CA ALA A 44 6.33 12.90 1.97
C ALA A 44 6.62 11.72 2.91
N GLN A 45 6.49 11.99 4.20
CA GLN A 45 6.74 10.98 5.21
C GLN A 45 5.48 10.12 5.43
N LEU A 46 5.59 8.86 5.06
CA LEU A 46 4.48 7.94 5.21
C LEU A 46 4.80 6.93 6.32
N MET A 47 3.83 6.71 7.19
CA MET A 47 3.99 5.78 8.29
C MET A 47 3.25 4.47 8.01
N LEU A 48 4.00 3.51 7.47
CA LEU A 48 3.43 2.22 7.15
C LEU A 48 3.12 1.46 8.45
N ARG A 49 1.84 1.14 8.62
CA ARG A 49 1.39 0.43 9.80
C ARG A 49 0.79 -0.92 9.42
N TYR A 50 1.50 -1.98 9.77
CA TYR A 50 1.04 -3.32 9.47
C TYR A 50 -0.01 -3.79 10.48
N PRO A 51 -0.85 -4.76 10.03
CA PRO A 51 -1.89 -5.29 10.89
C PRO A 51 -1.31 -6.24 11.94
N ASP A 52 -0.24 -6.92 11.55
CA ASP A 52 0.41 -7.85 12.46
C ASP A 52 0.65 -7.17 13.81
N GLY A 53 0.71 -5.84 13.75
CA GLY A 53 0.94 -5.06 14.96
C GLY A 53 2.19 -4.20 14.83
N LYS A 54 3.06 -4.62 13.92
CA LYS A 54 4.29 -3.89 13.68
C LYS A 54 4.04 -2.72 12.74
N ARG A 55 4.98 -1.79 12.73
CA ARG A 55 4.86 -0.61 11.89
C ARG A 55 6.21 -0.25 11.29
N GLU A 56 6.18 0.69 10.35
CA GLU A 56 7.40 1.13 9.69
C GLU A 56 7.16 2.45 8.97
N GLN A 57 8.06 3.39 9.19
CA GLN A 57 7.96 4.71 8.57
C GLN A 57 8.99 4.84 7.45
N ILE A 58 8.54 5.43 6.35
CA ILE A 58 9.42 5.63 5.20
C ILE A 58 9.21 7.04 4.65
N THR A 59 10.07 7.39 3.70
CA THR A 59 9.99 8.71 3.09
C THR A 59 10.00 8.58 1.57
N LEU A 60 8.93 9.09 0.96
CA LEU A 60 8.80 9.04 -0.49
C LEU A 60 8.53 10.46 -1.01
N PRO A 61 8.77 10.63 -2.34
CA PRO A 61 8.56 11.91 -2.98
C PRO A 61 7.06 12.18 -3.18
N GLU A 62 6.73 13.46 -3.22
CA GLU A 62 5.35 13.87 -3.40
C GLU A 62 4.90 13.60 -4.84
N GLN A 63 5.88 13.46 -5.71
CA GLN A 63 5.62 13.20 -7.11
C GLN A 63 5.61 11.69 -7.39
N ALA A 64 6.03 10.94 -6.39
CA ALA A 64 6.09 9.50 -6.50
C ALA A 64 4.67 8.94 -6.65
N LYS A 65 4.52 8.07 -7.63
CA LYS A 65 3.21 7.47 -7.89
C LYS A 65 2.80 6.63 -6.66
N LEU A 66 1.54 6.81 -6.27
CA LEU A 66 1.00 6.09 -5.14
C LEU A 66 1.49 4.63 -5.18
N LEU A 67 1.49 4.08 -6.39
CA LEU A 67 1.92 2.71 -6.58
C LEU A 67 3.25 2.49 -5.88
N ALA A 68 4.11 3.50 -5.99
CA ALA A 68 5.42 3.44 -5.35
C ALA A 68 5.27 2.97 -3.91
N LEU A 69 4.38 3.64 -3.19
CA LEU A 69 4.13 3.30 -1.80
C LEU A 69 3.47 1.92 -1.73
N VAL A 70 2.57 1.69 -2.67
CA VAL A 70 1.85 0.42 -2.72
C VAL A 70 2.86 -0.72 -2.92
N LYS A 71 3.78 -0.50 -3.86
CA LYS A 71 4.80 -1.49 -4.15
C LYS A 71 5.60 -1.79 -2.88
N HIS A 72 5.90 -0.73 -2.15
CA HIS A 72 6.66 -0.85 -0.91
C HIS A 72 5.99 -1.89 -0.01
N VAL A 73 4.76 -1.58 0.38
CA VAL A 73 4.00 -2.47 1.24
C VAL A 73 3.84 -3.83 0.55
N GLN A 74 3.95 -3.80 -0.77
CA GLN A 74 3.81 -5.01 -1.56
C GLN A 74 5.02 -5.92 -1.36
N SER A 75 6.20 -5.33 -1.47
CA SER A 75 7.43 -6.07 -1.29
C SER A 75 7.64 -6.40 0.19
N LYS A 76 7.05 -5.57 1.03
CA LYS A 76 7.17 -5.76 2.47
C LYS A 76 6.54 -7.10 2.86
N GLY A 77 5.37 -7.35 2.27
CA GLY A 77 4.65 -8.58 2.54
C GLY A 77 3.14 -8.32 2.64
N TYR A 78 2.64 -7.58 1.66
CA TYR A 78 1.23 -7.25 1.63
C TYR A 78 0.80 -6.81 0.23
N PRO A 79 0.21 -7.77 -0.53
CA PRO A 79 -0.24 -7.51 -1.88
C PRO A 79 -1.53 -6.68 -1.87
N ASN A 80 -1.53 -5.62 -2.67
CA ASN A 80 -2.68 -4.75 -2.76
C ASN A 80 -3.94 -5.59 -2.98
N GLU A 81 -3.91 -6.34 -4.07
CA GLU A 81 -5.04 -7.21 -4.42
C GLU A 81 -5.59 -7.89 -3.15
N ARG A 82 -4.71 -8.08 -2.19
CA ARG A 82 -5.09 -8.71 -0.94
C ARG A 82 -5.37 -7.65 0.13
N PHE A 83 -4.29 -6.99 0.56
CA PHE A 83 -4.41 -5.96 1.57
C PHE A 83 -4.59 -4.59 0.93
N GLU A 84 -5.21 -3.69 1.69
CA GLU A 84 -5.45 -2.35 1.21
C GLU A 84 -4.78 -1.33 2.14
N LEU A 85 -4.27 -0.27 1.52
CA LEU A 85 -3.59 0.78 2.28
C LEU A 85 -4.59 1.88 2.60
N LEU A 86 -4.57 2.30 3.87
CA LEU A 86 -5.47 3.35 4.33
C LEU A 86 -4.65 4.50 4.90
N THR A 87 -5.35 5.58 5.22
CA THR A 87 -4.70 6.75 5.77
C THR A 87 -5.12 6.96 7.23
N ASN A 88 -4.81 8.14 7.75
CA ASN A 88 -5.16 8.48 9.12
C ASN A 88 -6.52 9.18 9.15
N PHE A 89 -6.64 10.18 8.29
CA PHE A 89 -7.88 10.94 8.21
C PHE A 89 -7.78 12.02 7.13
N PRO A 90 -8.88 12.13 6.33
CA PRO A 90 -10.02 11.25 6.50
C PRO A 90 -9.72 9.84 5.97
N ARG A 91 -10.49 8.89 6.46
CA ARG A 91 -10.30 7.50 6.06
C ARG A 91 -10.41 7.38 4.53
N ARG A 92 -9.25 7.15 3.91
CA ARG A 92 -9.20 7.02 2.47
C ARG A 92 -8.47 5.73 2.09
N LYS A 93 -9.13 4.93 1.26
CA LYS A 93 -8.56 3.67 0.81
C LYS A 93 -7.70 3.92 -0.44
N LEU A 94 -6.41 4.09 -0.21
CA LEU A 94 -5.48 4.34 -1.29
C LEU A 94 -5.61 3.22 -2.33
N SER A 95 -6.48 3.48 -3.31
CA SER A 95 -6.70 2.51 -4.37
C SER A 95 -7.72 3.06 -5.37
N HIS A 96 -8.96 3.18 -4.90
CA HIS A 96 -10.04 3.69 -5.73
C HIS A 96 -9.51 4.83 -6.61
N LEU A 97 -9.01 5.86 -5.94
CA LEU A 97 -8.48 7.02 -6.64
C LEU A 97 -7.69 6.54 -7.87
N ASP A 98 -6.42 6.26 -7.64
CA ASP A 98 -5.55 5.80 -8.71
C ASP A 98 -4.11 5.72 -8.20
N TYR A 99 -3.27 5.10 -9.01
CA TYR A 99 -1.86 4.95 -8.65
C TYR A 99 -0.97 5.83 -9.53
N ASP A 100 -1.46 6.08 -10.74
CA ASP A 100 -0.72 6.89 -11.69
C ASP A 100 -0.61 8.32 -11.15
N ILE A 101 -1.39 8.59 -10.10
CA ILE A 101 -1.39 9.90 -9.49
C ILE A 101 -0.08 10.10 -8.72
N THR A 102 -0.09 11.09 -7.84
CA THR A 102 1.08 11.40 -7.04
C THR A 102 0.76 11.30 -5.55
N LEU A 103 1.78 10.97 -4.77
CA LEU A 103 1.61 10.85 -3.33
C LEU A 103 0.68 11.96 -2.83
N GLN A 104 0.71 13.08 -3.53
CA GLN A 104 -0.13 14.22 -3.17
C GLN A 104 -1.59 13.91 -3.48
N GLU A 105 -1.85 13.59 -4.74
CA GLU A 105 -3.20 13.27 -5.17
C GLU A 105 -3.84 12.27 -4.22
N ALA A 106 -3.12 11.18 -3.99
CA ALA A 106 -3.61 10.13 -3.11
C ALA A 106 -3.93 10.74 -1.74
N GLY A 107 -3.35 11.90 -1.49
CA GLY A 107 -3.57 12.59 -0.22
C GLY A 107 -2.68 12.00 0.88
N LEU A 108 -1.39 11.98 0.61
CA LEU A 108 -0.43 11.45 1.56
C LEU A 108 0.71 12.45 1.74
N CYS A 109 0.40 13.72 1.48
CA CYS A 109 1.38 14.77 1.61
C CYS A 109 0.78 15.88 2.49
N PRO A 110 1.68 16.55 3.26
CA PRO A 110 3.10 16.21 3.23
C PRO A 110 3.36 14.90 3.98
N GLN A 111 2.92 14.88 5.22
CA GLN A 111 3.11 13.70 6.06
C GLN A 111 1.76 13.06 6.39
N GLU A 112 1.67 11.76 6.14
CA GLU A 112 0.45 11.02 6.41
C GLU A 112 0.77 9.63 6.94
N THR A 113 -0.19 9.05 7.64
CA THR A 113 -0.02 7.73 8.19
C THR A 113 -0.71 6.68 7.31
N VAL A 114 0.13 5.84 6.69
CA VAL A 114 -0.39 4.80 5.81
C VAL A 114 -0.56 3.51 6.61
N PHE A 115 -1.81 3.10 6.75
CA PHE A 115 -2.12 1.88 7.49
C PHE A 115 -2.41 0.73 6.54
N VAL A 116 -1.94 -0.45 6.92
CA VAL A 116 -2.15 -1.64 6.12
C VAL A 116 -3.34 -2.43 6.67
N GLN A 117 -4.31 -2.66 5.80
CA GLN A 117 -5.50 -3.39 6.18
C GLN A 117 -5.78 -4.52 5.20
N GLU A 118 -6.55 -5.49 5.65
CA GLU A 118 -6.90 -6.63 4.82
C GLU A 118 -8.08 -6.29 3.92
N SER A 119 -7.89 -6.57 2.63
CA SER A 119 -8.94 -6.30 1.66
C SER A 119 -9.66 -7.60 1.29
N GLY A 120 -10.96 -7.46 1.06
CA GLY A 120 -11.78 -8.61 0.69
C GLY A 120 -11.45 -9.09 -0.73
N PRO A 121 -12.48 -9.72 -1.36
CA PRO A 121 -12.31 -10.23 -2.71
C PRO A 121 -12.32 -9.09 -3.74
N SER A 122 -11.14 -8.57 -4.01
CA SER A 122 -10.99 -7.48 -4.95
C SER A 122 -11.86 -6.30 -4.53
N SER A 123 -11.28 -5.44 -3.70
CA SER A 123 -11.99 -4.28 -3.21
C SER A 123 -13.09 -4.70 -2.22
N GLY A 124 -14.03 -5.48 -2.75
CA GLY A 124 -15.13 -5.96 -1.93
C GLY A 124 -16.34 -6.30 -2.80
N GLY A 1 94.72 27.77 -14.50
CA GLY A 1 93.85 27.28 -13.44
C GLY A 1 93.56 25.80 -13.61
N SER A 2 92.50 25.36 -12.93
CA SER A 2 92.10 23.97 -12.99
C SER A 2 90.60 23.84 -12.70
N SER A 3 90.10 22.64 -12.91
CA SER A 3 88.68 22.37 -12.67
C SER A 3 88.47 20.88 -12.42
N GLY A 4 87.25 20.55 -12.01
CA GLY A 4 86.90 19.17 -11.73
C GLY A 4 85.48 18.85 -12.20
N SER A 5 84.88 17.88 -11.54
CA SER A 5 83.52 17.47 -11.88
C SER A 5 82.95 16.59 -10.77
N SER A 6 81.64 16.37 -10.85
CA SER A 6 80.96 15.54 -9.86
C SER A 6 79.46 15.50 -10.16
N GLY A 7 78.78 14.60 -9.46
CA GLY A 7 77.35 14.46 -9.64
C GLY A 7 76.71 13.79 -8.42
N THR A 8 75.38 13.84 -8.39
CA THR A 8 74.64 13.23 -7.29
C THR A 8 73.14 13.28 -7.57
N ALA A 9 72.39 12.51 -6.80
CA ALA A 9 70.95 12.44 -6.96
C ALA A 9 70.29 12.69 -5.60
N THR A 10 68.97 12.75 -5.63
CA THR A 10 68.20 12.99 -4.42
C THR A 10 66.75 12.50 -4.60
N ASN A 11 66.35 11.62 -3.69
CA ASN A 11 65.00 11.07 -3.74
C ASN A 11 64.09 11.87 -2.81
N HIS A 12 62.81 11.60 -2.91
CA HIS A 12 61.83 12.29 -2.08
C HIS A 12 60.76 11.30 -1.62
N GLN A 13 60.08 11.67 -0.54
CA GLN A 13 59.03 10.82 0.01
C GLN A 13 57.74 11.63 0.17
N GLY A 14 56.67 11.09 -0.40
CA GLY A 14 55.38 11.74 -0.33
C GLY A 14 54.67 11.40 0.99
N LEU A 15 53.62 12.16 1.27
CA LEU A 15 52.85 11.96 2.49
C LEU A 15 51.88 10.79 2.28
N PRO A 16 51.49 10.16 3.43
CA PRO A 16 50.57 9.03 3.39
C PRO A 16 49.14 9.49 3.11
N ALA A 17 48.27 8.53 2.90
CA ALA A 17 46.88 8.82 2.63
C ALA A 17 46.22 9.42 3.88
N VAL A 18 45.55 10.54 3.68
CA VAL A 18 44.88 11.21 4.78
C VAL A 18 43.58 11.84 4.28
N ASP A 19 42.49 11.48 4.94
CA ASP A 19 41.18 11.99 4.57
C ASP A 19 40.21 11.76 5.73
N SER A 20 39.08 12.45 5.65
CA SER A 20 38.05 12.35 6.69
C SER A 20 38.60 12.87 8.02
N GLU A 21 38.52 14.19 8.17
CA GLU A 21 39.00 14.83 9.38
C GLU A 21 37.86 15.57 10.07
N ILE A 22 37.28 16.52 9.36
CA ILE A 22 36.19 17.30 9.89
C ILE A 22 34.92 16.45 9.91
N LEU A 23 34.05 16.76 10.85
CA LEU A 23 32.80 16.03 10.99
C LEU A 23 31.79 16.55 9.97
N GLU A 24 31.21 15.62 9.23
CA GLU A 24 30.23 15.97 8.22
C GLU A 24 28.82 15.61 8.70
N MET A 25 28.30 16.46 9.57
CA MET A 25 26.97 16.24 10.11
C MET A 25 25.89 16.54 9.06
N PRO A 26 24.74 15.84 9.21
CA PRO A 26 23.63 16.03 8.29
C PRO A 26 22.91 17.35 8.54
N PRO A 27 22.13 17.79 7.53
CA PRO A 27 21.39 19.04 7.64
C PRO A 27 20.16 18.86 8.54
N GLU A 28 19.77 19.96 9.17
CA GLU A 28 18.62 19.95 10.06
C GLU A 28 17.37 20.44 9.33
N LYS A 29 16.23 20.18 9.94
CA LYS A 29 14.96 20.61 9.36
C LYS A 29 14.40 21.78 10.16
N ALA A 30 14.58 22.97 9.62
CA ALA A 30 14.10 24.17 10.28
C ALA A 30 12.76 24.59 9.66
N ASP A 31 11.69 24.15 10.30
CA ASP A 31 10.36 24.48 9.82
C ASP A 31 10.20 23.96 8.38
N GLY A 32 8.95 23.89 7.95
CA GLY A 32 8.65 23.42 6.61
C GLY A 32 9.64 23.99 5.59
N VAL A 33 10.12 23.10 4.72
CA VAL A 33 11.07 23.50 3.69
C VAL A 33 10.32 23.89 2.42
N VAL A 34 9.93 25.15 2.36
CA VAL A 34 9.21 25.66 1.21
C VAL A 34 8.17 24.63 0.77
N GLU A 35 6.99 24.73 1.38
CA GLU A 35 5.91 23.82 1.07
C GLU A 35 5.15 24.30 -0.17
N GLY A 36 5.26 23.51 -1.23
CA GLY A 36 4.60 23.84 -2.48
C GLY A 36 5.15 23.00 -3.64
N ILE A 37 4.28 22.73 -4.60
CA ILE A 37 4.67 21.94 -5.76
C ILE A 37 5.85 22.63 -6.45
N ASP A 38 6.99 21.94 -6.42
CA ASP A 38 8.19 22.45 -7.03
C ASP A 38 9.18 21.30 -7.29
N VAL A 39 9.74 21.30 -8.48
CA VAL A 39 10.69 20.27 -8.86
C VAL A 39 11.61 19.97 -7.67
N ASN A 40 11.65 18.70 -7.30
CA ASN A 40 12.48 18.28 -6.18
C ASN A 40 12.24 19.20 -4.99
N GLY A 41 11.18 18.89 -4.25
CA GLY A 41 10.83 19.69 -3.09
C GLY A 41 10.90 18.84 -1.81
N PRO A 42 9.95 19.12 -0.88
CA PRO A 42 9.90 18.40 0.38
C PRO A 42 9.35 16.99 0.19
N LYS A 43 10.14 16.01 0.61
CA LYS A 43 9.74 14.63 0.49
C LYS A 43 8.46 14.39 1.28
N ALA A 44 7.87 13.22 1.08
CA ALA A 44 6.65 12.86 1.77
C ALA A 44 6.96 11.81 2.84
N GLN A 45 6.46 12.06 4.03
CA GLN A 45 6.68 11.15 5.14
C GLN A 45 5.43 10.28 5.37
N LEU A 46 5.54 9.03 4.94
CA LEU A 46 4.44 8.10 5.09
C LEU A 46 4.78 7.08 6.18
N MET A 47 3.85 6.93 7.11
CA MET A 47 4.03 6.00 8.21
C MET A 47 3.26 4.70 7.97
N LEU A 48 3.98 3.70 7.46
CA LEU A 48 3.37 2.42 7.18
C LEU A 48 3.03 1.71 8.50
N ARG A 49 1.81 1.21 8.56
CA ARG A 49 1.34 0.52 9.75
C ARG A 49 0.74 -0.83 9.39
N TYR A 50 1.52 -1.88 9.63
CA TYR A 50 1.07 -3.23 9.33
C TYR A 50 0.01 -3.69 10.32
N PRO A 51 -0.79 -4.70 9.89
CA PRO A 51 -1.85 -5.24 10.73
C PRO A 51 -1.27 -6.13 11.83
N ASP A 52 -0.23 -6.88 11.47
CA ASP A 52 0.41 -7.77 12.40
C ASP A 52 0.52 -7.07 13.77
N GLY A 53 0.64 -5.76 13.71
CA GLY A 53 0.76 -4.97 14.93
C GLY A 53 2.00 -4.07 14.88
N LYS A 54 2.89 -4.40 13.96
CA LYS A 54 4.11 -3.63 13.80
C LYS A 54 3.88 -2.50 12.80
N ARG A 55 4.78 -1.53 12.85
CA ARG A 55 4.68 -0.38 11.96
C ARG A 55 6.06 -0.04 11.37
N GLU A 56 6.05 0.85 10.40
CA GLU A 56 7.28 1.27 9.76
C GLU A 56 7.09 2.62 9.06
N GLN A 57 8.04 3.52 9.32
CA GLN A 57 7.99 4.85 8.74
C GLN A 57 9.01 4.97 7.60
N ILE A 58 8.53 5.48 6.47
CA ILE A 58 9.39 5.65 5.32
C ILE A 58 9.15 7.03 4.71
N THR A 59 9.96 7.36 3.72
CA THR A 59 9.85 8.65 3.05
C THR A 59 9.91 8.46 1.53
N LEU A 60 9.04 9.19 0.83
CA LEU A 60 8.99 9.11 -0.61
C LEU A 60 8.68 10.49 -1.18
N PRO A 61 9.00 10.67 -2.49
CA PRO A 61 8.76 11.93 -3.16
C PRO A 61 7.27 12.12 -3.47
N GLU A 62 6.76 13.28 -3.10
CA GLU A 62 5.36 13.58 -3.33
C GLU A 62 4.94 13.13 -4.73
N GLN A 63 5.76 13.49 -5.71
CA GLN A 63 5.49 13.12 -7.09
C GLN A 63 5.35 11.60 -7.22
N ALA A 64 6.08 10.90 -6.36
CA ALA A 64 6.04 9.45 -6.37
C ALA A 64 4.60 8.97 -6.54
N LYS A 65 4.42 8.06 -7.48
CA LYS A 65 3.10 7.52 -7.75
C LYS A 65 2.65 6.67 -6.56
N LEU A 66 1.38 6.84 -6.20
CA LEU A 66 0.81 6.10 -5.09
C LEU A 66 1.29 4.64 -5.15
N LEU A 67 1.37 4.14 -6.37
CA LEU A 67 1.81 2.76 -6.58
C LEU A 67 3.14 2.55 -5.87
N ALA A 68 4.00 3.56 -5.97
CA ALA A 68 5.31 3.49 -5.34
C ALA A 68 5.16 3.05 -3.89
N LEU A 69 4.27 3.74 -3.18
CA LEU A 69 4.01 3.43 -1.78
C LEU A 69 3.36 2.06 -1.68
N VAL A 70 2.49 1.78 -2.65
CA VAL A 70 1.79 0.51 -2.68
C VAL A 70 2.80 -0.62 -2.92
N LYS A 71 3.73 -0.36 -3.83
CA LYS A 71 4.75 -1.34 -4.16
C LYS A 71 5.62 -1.60 -2.92
N HIS A 72 5.84 -0.53 -2.16
CA HIS A 72 6.65 -0.63 -0.95
C HIS A 72 6.11 -1.74 -0.06
N VAL A 73 4.90 -1.52 0.45
CA VAL A 73 4.27 -2.50 1.31
C VAL A 73 4.19 -3.84 0.59
N GLN A 74 3.93 -3.76 -0.70
CA GLN A 74 3.83 -4.97 -1.52
C GLN A 74 5.03 -5.88 -1.28
N SER A 75 6.21 -5.26 -1.33
CA SER A 75 7.45 -6.00 -1.13
C SER A 75 7.58 -6.40 0.35
N LYS A 76 7.07 -5.53 1.21
CA LYS A 76 7.12 -5.78 2.65
C LYS A 76 6.46 -7.13 2.94
N GLY A 77 5.41 -7.41 2.20
CA GLY A 77 4.69 -8.66 2.38
C GLY A 77 3.18 -8.41 2.49
N TYR A 78 2.68 -7.64 1.53
CA TYR A 78 1.26 -7.31 1.50
C TYR A 78 0.83 -6.86 0.10
N PRO A 79 0.29 -7.84 -0.68
CA PRO A 79 -0.15 -7.56 -2.02
C PRO A 79 -1.48 -6.79 -2.01
N ASN A 80 -1.52 -5.71 -2.78
CA ASN A 80 -2.72 -4.89 -2.86
C ASN A 80 -3.94 -5.80 -2.98
N GLU A 81 -3.96 -6.58 -4.06
CA GLU A 81 -5.07 -7.49 -4.30
C GLU A 81 -5.54 -8.11 -2.99
N ARG A 82 -4.60 -8.26 -2.07
CA ARG A 82 -4.92 -8.83 -0.77
C ARG A 82 -5.18 -7.73 0.25
N PHE A 83 -4.09 -7.14 0.75
CA PHE A 83 -4.20 -6.08 1.73
C PHE A 83 -4.24 -4.72 1.05
N GLU A 84 -5.02 -3.82 1.65
CA GLU A 84 -5.15 -2.48 1.11
C GLU A 84 -4.47 -1.46 2.03
N LEU A 85 -4.09 -0.34 1.45
CA LEU A 85 -3.44 0.71 2.21
C LEU A 85 -4.45 1.83 2.52
N LEU A 86 -4.49 2.20 3.79
CA LEU A 86 -5.40 3.24 4.24
C LEU A 86 -4.59 4.37 4.90
N THR A 87 -5.30 5.44 5.21
CA THR A 87 -4.67 6.59 5.85
C THR A 87 -5.18 6.75 7.28
N ASN A 88 -5.00 7.95 7.81
CA ASN A 88 -5.44 8.26 9.16
C ASN A 88 -6.79 8.95 9.11
N PHE A 89 -6.91 9.90 8.19
CA PHE A 89 -8.15 10.64 8.04
C PHE A 89 -8.04 11.64 6.88
N PRO A 90 -9.10 11.66 6.03
CA PRO A 90 -10.25 10.77 6.24
C PRO A 90 -9.90 9.33 5.84
N ARG A 91 -10.67 8.40 6.38
CA ARG A 91 -10.46 7.00 6.08
C ARG A 91 -10.66 6.72 4.59
N ARG A 92 -9.60 7.00 3.83
CA ARG A 92 -9.64 6.79 2.39
C ARG A 92 -8.85 5.53 2.01
N LYS A 93 -9.44 4.75 1.12
CA LYS A 93 -8.80 3.53 0.66
C LYS A 93 -7.95 3.83 -0.58
N LEU A 94 -6.66 4.00 -0.34
CA LEU A 94 -5.74 4.30 -1.42
C LEU A 94 -5.89 3.24 -2.51
N SER A 95 -6.75 3.54 -3.47
CA SER A 95 -6.99 2.62 -4.57
C SER A 95 -7.98 3.24 -5.57
N HIS A 96 -9.20 3.43 -5.09
CA HIS A 96 -10.24 4.02 -5.93
C HIS A 96 -9.64 5.13 -6.79
N LEU A 97 -9.06 6.10 -6.12
CA LEU A 97 -8.45 7.23 -6.82
C LEU A 97 -7.67 6.71 -8.03
N ASP A 98 -6.42 6.34 -7.78
CA ASP A 98 -5.57 5.83 -8.84
C ASP A 98 -4.13 5.78 -8.34
N TYR A 99 -3.34 4.93 -9.00
CA TYR A 99 -1.94 4.77 -8.64
C TYR A 99 -1.03 5.49 -9.63
N ASP A 100 -1.66 6.24 -10.52
CA ASP A 100 -0.91 6.97 -11.54
C ASP A 100 -0.73 8.41 -11.07
N ILE A 101 -1.37 8.73 -9.95
CA ILE A 101 -1.29 10.07 -9.39
C ILE A 101 0.03 10.22 -8.64
N THR A 102 0.02 11.11 -7.66
CA THR A 102 1.20 11.35 -6.85
C THR A 102 0.88 11.18 -5.37
N LEU A 103 1.94 10.98 -4.59
CA LEU A 103 1.79 10.79 -3.15
C LEU A 103 0.90 11.90 -2.60
N GLN A 104 0.84 13.00 -3.33
CA GLN A 104 0.03 14.14 -2.93
C GLN A 104 -1.45 13.89 -3.26
N GLU A 105 -1.69 13.63 -4.54
CA GLU A 105 -3.04 13.37 -5.00
C GLU A 105 -3.73 12.34 -4.09
N ALA A 106 -3.04 11.23 -3.87
CA ALA A 106 -3.57 10.18 -3.03
C ALA A 106 -3.95 10.76 -1.67
N GLY A 107 -3.33 11.88 -1.34
CA GLY A 107 -3.59 12.55 -0.08
C GLY A 107 -2.69 12.00 1.04
N LEU A 108 -1.42 11.83 0.70
CA LEU A 108 -0.46 11.32 1.65
C LEU A 108 0.56 12.41 1.99
N CYS A 109 0.60 13.42 1.13
CA CYS A 109 1.52 14.52 1.32
C CYS A 109 0.84 15.55 2.24
N PRO A 110 1.70 16.25 3.04
CA PRO A 110 3.13 16.02 2.99
C PRO A 110 3.49 14.71 3.70
N GLN A 111 2.84 14.48 4.83
CA GLN A 111 3.08 13.27 5.61
C GLN A 111 1.76 12.70 6.13
N GLU A 112 1.54 11.43 5.80
CA GLU A 112 0.33 10.75 6.22
C GLU A 112 0.66 9.37 6.77
N THR A 113 -0.22 8.87 7.62
CA THR A 113 -0.04 7.56 8.22
C THR A 113 -0.73 6.48 7.38
N VAL A 114 0.09 5.70 6.69
CA VAL A 114 -0.42 4.64 5.85
C VAL A 114 -0.62 3.38 6.69
N PHE A 115 -1.86 2.88 6.67
CA PHE A 115 -2.20 1.68 7.42
C PHE A 115 -2.54 0.53 6.48
N VAL A 116 -1.85 -0.59 6.71
CA VAL A 116 -2.07 -1.77 5.88
C VAL A 116 -3.21 -2.59 6.48
N GLN A 117 -4.32 -2.62 5.77
CA GLN A 117 -5.49 -3.36 6.21
C GLN A 117 -5.87 -4.42 5.18
N GLU A 118 -6.56 -5.45 5.66
CA GLU A 118 -6.99 -6.53 4.78
C GLU A 118 -8.16 -6.06 3.91
N SER A 119 -7.93 -6.11 2.61
CA SER A 119 -8.95 -5.69 1.66
C SER A 119 -10.17 -6.61 1.77
N GLY A 120 -11.31 -5.97 2.00
CA GLY A 120 -12.57 -6.71 2.14
C GLY A 120 -12.85 -7.04 3.60
N PRO A 121 -14.15 -7.29 3.89
CA PRO A 121 -14.57 -7.61 5.25
C PRO A 121 -14.17 -9.05 5.62
N SER A 122 -13.16 -9.14 6.46
CA SER A 122 -12.67 -10.44 6.89
C SER A 122 -13.81 -11.25 7.53
N SER A 123 -14.34 -10.70 8.61
CA SER A 123 -15.43 -11.36 9.32
C SER A 123 -14.96 -12.70 9.88
N GLY A 124 -15.72 -13.20 10.84
CA GLY A 124 -15.40 -14.48 11.46
C GLY A 124 -16.64 -15.12 12.08
N GLY A 1 -36.35 -15.17 58.87
CA GLY A 1 -35.29 -15.42 57.90
C GLY A 1 -34.67 -14.10 57.42
N SER A 2 -33.90 -14.20 56.36
CA SER A 2 -33.24 -13.03 55.79
C SER A 2 -32.45 -13.43 54.54
N SER A 3 -32.69 -12.68 53.48
CA SER A 3 -32.01 -12.94 52.21
C SER A 3 -32.37 -11.85 51.20
N GLY A 4 -31.52 -11.73 50.18
CA GLY A 4 -31.75 -10.75 49.13
C GLY A 4 -31.63 -11.39 47.75
N SER A 5 -31.37 -10.54 46.76
CA SER A 5 -31.23 -11.01 45.39
C SER A 5 -30.99 -9.82 44.46
N SER A 6 -30.24 -10.08 43.40
CA SER A 6 -29.93 -9.05 42.42
C SER A 6 -29.09 -9.65 41.29
N GLY A 7 -29.08 -8.93 40.17
CA GLY A 7 -28.33 -9.37 39.01
C GLY A 7 -28.90 -8.75 37.73
N THR A 8 -27.99 -8.42 36.82
CA THR A 8 -28.38 -7.83 35.55
C THR A 8 -27.34 -8.13 34.48
N ALA A 9 -27.80 -8.17 33.24
CA ALA A 9 -26.92 -8.44 32.11
C ALA A 9 -27.65 -8.10 30.81
N THR A 10 -26.92 -7.45 29.92
CA THR A 10 -27.48 -7.05 28.64
C THR A 10 -26.38 -6.52 27.71
N ASN A 11 -26.63 -6.62 26.42
CA ASN A 11 -25.68 -6.15 25.43
C ASN A 11 -26.43 -5.53 24.25
N HIS A 12 -25.80 -4.55 23.62
CA HIS A 12 -26.38 -3.87 22.48
C HIS A 12 -25.43 -2.80 21.97
N GLN A 13 -25.00 -2.98 20.73
CA GLN A 13 -24.09 -2.03 20.11
C GLN A 13 -23.85 -2.41 18.64
N GLY A 14 -23.66 -1.38 17.83
CA GLY A 14 -23.42 -1.58 16.42
C GLY A 14 -22.55 -0.47 15.83
N LEU A 15 -21.63 -0.87 14.97
CA LEU A 15 -20.73 0.09 14.35
C LEU A 15 -21.33 0.56 13.02
N PRO A 16 -20.90 1.76 12.58
CA PRO A 16 -21.39 2.34 11.33
C PRO A 16 -20.76 1.64 10.13
N ALA A 17 -21.33 1.88 8.97
CA ALA A 17 -20.84 1.29 7.74
C ALA A 17 -21.72 1.74 6.57
N VAL A 18 -22.05 3.02 6.57
CA VAL A 18 -22.88 3.59 5.53
C VAL A 18 -22.00 4.36 4.55
N ASP A 19 -21.89 3.83 3.34
CA ASP A 19 -21.09 4.47 2.31
C ASP A 19 -21.20 3.66 1.02
N SER A 20 -20.97 4.35 -0.09
CA SER A 20 -21.05 3.71 -1.40
C SER A 20 -19.89 2.71 -1.55
N GLU A 21 -20.24 1.54 -2.05
CA GLU A 21 -19.25 0.49 -2.25
C GLU A 21 -18.98 0.29 -3.75
N ILE A 22 -20.04 -0.03 -4.47
CA ILE A 22 -19.93 -0.25 -5.90
C ILE A 22 -19.12 0.89 -6.53
N LEU A 23 -18.38 0.55 -7.57
CA LEU A 23 -17.58 1.53 -8.27
C LEU A 23 -18.15 1.77 -9.66
N GLU A 24 -18.32 3.05 -9.98
CA GLU A 24 -18.87 3.42 -11.27
C GLU A 24 -17.82 4.18 -12.09
N MET A 25 -16.88 3.42 -12.64
CA MET A 25 -15.81 4.00 -13.44
C MET A 25 -14.99 2.92 -14.13
N PRO A 26 -14.95 3.01 -15.48
CA PRO A 26 -14.20 2.03 -16.27
C PRO A 26 -12.69 2.30 -16.17
N PRO A 27 -11.90 1.20 -16.35
CA PRO A 27 -10.46 1.30 -16.28
C PRO A 27 -9.89 1.96 -17.54
N GLU A 28 -8.57 2.05 -17.59
CA GLU A 28 -7.90 2.64 -18.73
C GLU A 28 -6.43 2.22 -18.76
N LYS A 29 -5.81 2.42 -19.92
CA LYS A 29 -4.42 2.06 -20.09
C LYS A 29 -3.58 2.75 -19.01
N ALA A 30 -2.46 2.12 -18.69
CA ALA A 30 -1.57 2.65 -17.67
C ALA A 30 -0.17 2.05 -17.86
N ASP A 31 0.82 2.93 -17.86
CA ASP A 31 2.20 2.51 -18.03
C ASP A 31 3.11 3.73 -18.03
N GLY A 32 4.27 3.57 -17.40
CA GLY A 32 5.24 4.65 -17.32
C GLY A 32 6.62 4.12 -16.97
N VAL A 33 7.44 3.99 -18.01
CA VAL A 33 8.80 3.49 -17.83
C VAL A 33 9.60 4.48 -16.99
N VAL A 34 9.37 4.42 -15.69
CA VAL A 34 10.06 5.31 -14.77
C VAL A 34 10.56 4.51 -13.56
N GLU A 35 11.86 4.60 -13.34
CA GLU A 35 12.48 3.88 -12.22
C GLU A 35 13.66 4.68 -11.68
N GLY A 36 14.04 4.33 -10.46
CA GLY A 36 15.17 5.00 -9.81
C GLY A 36 14.72 6.32 -9.16
N ILE A 37 14.47 6.25 -7.87
CA ILE A 37 14.05 7.41 -7.12
C ILE A 37 15.06 8.55 -7.32
N ASP A 38 14.72 9.71 -6.78
CA ASP A 38 15.59 10.87 -6.88
C ASP A 38 15.03 12.00 -6.03
N VAL A 39 15.74 12.31 -4.95
CA VAL A 39 15.33 13.36 -4.05
C VAL A 39 14.83 14.56 -4.86
N ASN A 40 13.76 15.17 -4.36
CA ASN A 40 13.17 16.32 -5.03
C ASN A 40 12.38 17.13 -4.02
N GLY A 41 12.86 18.34 -3.77
CA GLY A 41 12.20 19.24 -2.82
C GLY A 41 11.82 18.49 -1.54
N PRO A 42 10.61 18.83 -1.02
CA PRO A 42 10.12 18.19 0.20
C PRO A 42 9.65 16.76 -0.07
N LYS A 43 10.02 15.87 0.84
CA LYS A 43 9.64 14.48 0.70
C LYS A 43 8.36 14.23 1.52
N ALA A 44 7.65 13.18 1.12
CA ALA A 44 6.42 12.82 1.80
C ALA A 44 6.69 11.65 2.76
N GLN A 45 6.49 11.94 4.05
CA GLN A 45 6.71 10.92 5.07
C GLN A 45 5.43 10.11 5.29
N LEU A 46 5.51 8.83 4.93
CA LEU A 46 4.37 7.95 5.10
C LEU A 46 4.67 6.94 6.20
N MET A 47 3.77 6.86 7.16
CA MET A 47 3.91 5.95 8.28
C MET A 47 3.18 4.63 8.01
N LEU A 48 3.93 3.67 7.48
CA LEU A 48 3.38 2.37 7.17
C LEU A 48 3.07 1.63 8.48
N ARG A 49 1.82 1.21 8.60
CA ARG A 49 1.38 0.49 9.79
C ARG A 49 0.80 -0.87 9.40
N TYR A 50 1.58 -1.91 9.67
CA TYR A 50 1.16 -3.26 9.36
C TYR A 50 0.11 -3.76 10.36
N PRO A 51 -0.69 -4.75 9.90
CA PRO A 51 -1.73 -5.32 10.75
C PRO A 51 -1.14 -6.23 11.82
N ASP A 52 -0.03 -6.87 11.46
CA ASP A 52 0.64 -7.77 12.38
C ASP A 52 0.83 -7.07 13.73
N GLY A 53 0.82 -5.74 13.68
CA GLY A 53 0.98 -4.95 14.89
C GLY A 53 2.21 -4.05 14.79
N LYS A 54 3.14 -4.45 13.92
CA LYS A 54 4.35 -3.69 13.72
C LYS A 54 4.08 -2.54 12.75
N ARG A 55 4.97 -1.56 12.78
CA ARG A 55 4.83 -0.40 11.90
C ARG A 55 6.19 -0.03 11.30
N GLU A 56 6.14 0.89 10.35
CA GLU A 56 7.36 1.34 9.68
C GLU A 56 7.11 2.68 8.97
N GLN A 57 8.01 3.61 9.21
CA GLN A 57 7.91 4.92 8.61
C GLN A 57 8.96 5.09 7.51
N ILE A 58 8.48 5.41 6.32
CA ILE A 58 9.36 5.60 5.18
C ILE A 58 9.13 6.98 4.58
N THR A 59 10.07 7.40 3.74
CA THR A 59 9.97 8.70 3.10
C THR A 59 10.03 8.54 1.58
N LEU A 60 9.02 9.12 0.91
CA LEU A 60 8.95 9.04 -0.53
C LEU A 60 8.64 10.44 -1.08
N PRO A 61 8.98 10.62 -2.39
CA PRO A 61 8.76 11.89 -3.05
C PRO A 61 7.27 12.09 -3.36
N GLU A 62 6.77 13.27 -3.01
CA GLU A 62 5.38 13.60 -3.25
C GLU A 62 4.96 13.16 -4.65
N GLN A 63 5.80 13.51 -5.62
CA GLN A 63 5.53 13.15 -7.00
C GLN A 63 5.39 11.64 -7.15
N ALA A 64 6.10 10.92 -6.29
CA ALA A 64 6.07 9.47 -6.31
C ALA A 64 4.63 9.00 -6.53
N LYS A 65 4.48 8.05 -7.45
CA LYS A 65 3.17 7.52 -7.76
C LYS A 65 2.66 6.70 -6.58
N LEU A 66 1.38 6.88 -6.29
CA LEU A 66 0.75 6.17 -5.18
C LEU A 66 1.21 4.71 -5.20
N LEU A 67 1.34 4.17 -6.40
CA LEU A 67 1.76 2.79 -6.56
C LEU A 67 3.11 2.59 -5.86
N ALA A 68 3.96 3.60 -5.96
CA ALA A 68 5.27 3.54 -5.34
C ALA A 68 5.11 3.09 -3.88
N LEU A 69 4.18 3.73 -3.19
CA LEU A 69 3.93 3.41 -1.80
C LEU A 69 3.26 2.04 -1.71
N VAL A 70 2.50 1.72 -2.75
CA VAL A 70 1.81 0.44 -2.81
C VAL A 70 2.83 -0.68 -3.01
N LYS A 71 3.68 -0.49 -4.00
CA LYS A 71 4.70 -1.47 -4.31
C LYS A 71 5.60 -1.68 -3.08
N HIS A 72 5.75 -0.61 -2.32
CA HIS A 72 6.57 -0.65 -1.12
C HIS A 72 6.05 -1.76 -0.19
N VAL A 73 4.87 -1.54 0.35
CA VAL A 73 4.26 -2.50 1.25
C VAL A 73 4.16 -3.86 0.54
N GLN A 74 3.83 -3.80 -0.74
CA GLN A 74 3.70 -5.01 -1.54
C GLN A 74 4.87 -5.96 -1.27
N SER A 75 6.06 -5.38 -1.25
CA SER A 75 7.26 -6.16 -1.01
C SER A 75 7.40 -6.45 0.49
N LYS A 76 6.99 -5.48 1.29
CA LYS A 76 7.07 -5.62 2.73
C LYS A 76 6.47 -6.97 3.13
N GLY A 77 5.45 -7.39 2.40
CA GLY A 77 4.79 -8.65 2.67
C GLY A 77 3.27 -8.46 2.76
N TYR A 78 2.75 -7.69 1.81
CA TYR A 78 1.32 -7.44 1.77
C TYR A 78 0.88 -6.98 0.38
N PRO A 79 0.36 -7.96 -0.41
CA PRO A 79 -0.09 -7.68 -1.76
C PRO A 79 -1.42 -6.94 -1.74
N ASN A 80 -1.47 -5.86 -2.51
CA ASN A 80 -2.67 -5.05 -2.61
C ASN A 80 -3.90 -5.97 -2.70
N GLU A 81 -3.92 -6.75 -3.77
CA GLU A 81 -5.02 -7.67 -4.00
C GLU A 81 -5.46 -8.31 -2.68
N ARG A 82 -4.50 -8.44 -1.77
CA ARG A 82 -4.77 -9.03 -0.48
C ARG A 82 -5.03 -7.93 0.57
N PHE A 83 -3.95 -7.25 0.94
CA PHE A 83 -4.05 -6.18 1.92
C PHE A 83 -4.06 -4.82 1.24
N GLU A 84 -5.02 -4.00 1.62
CA GLU A 84 -5.16 -2.67 1.06
C GLU A 84 -4.53 -1.64 2.00
N LEU A 85 -4.03 -0.56 1.39
CA LEU A 85 -3.41 0.50 2.15
C LEU A 85 -4.45 1.57 2.48
N LEU A 86 -4.44 2.00 3.74
CA LEU A 86 -5.38 3.02 4.19
C LEU A 86 -4.60 4.21 4.76
N THR A 87 -5.34 5.25 5.09
CA THR A 87 -4.74 6.45 5.64
C THR A 87 -5.23 6.69 7.07
N ASN A 88 -4.98 7.90 7.55
CA ASN A 88 -5.40 8.26 8.90
C ASN A 88 -6.82 8.83 8.85
N PHE A 89 -7.32 9.17 10.03
CA PHE A 89 -8.66 9.73 10.14
C PHE A 89 -8.98 10.62 8.94
N PRO A 90 -10.26 10.53 8.49
CA PRO A 90 -11.22 9.65 9.12
C PRO A 90 -10.95 8.19 8.75
N ARG A 91 -10.67 7.98 7.48
CA ARG A 91 -10.40 6.65 6.98
C ARG A 91 -10.55 6.60 5.46
N ARG A 92 -9.44 6.88 4.78
CA ARG A 92 -9.43 6.88 3.33
C ARG A 92 -8.74 5.62 2.81
N LYS A 93 -9.25 5.12 1.68
CA LYS A 93 -8.69 3.93 1.08
C LYS A 93 -7.94 4.32 -0.20
N LEU A 94 -6.69 3.88 -0.27
CA LEU A 94 -5.86 4.17 -1.42
C LEU A 94 -6.05 3.09 -2.48
N SER A 95 -6.92 3.37 -3.42
CA SER A 95 -7.20 2.43 -4.49
C SER A 95 -8.13 3.08 -5.53
N HIS A 96 -9.36 3.34 -5.12
CA HIS A 96 -10.33 3.95 -5.99
C HIS A 96 -9.65 5.04 -6.83
N LEU A 97 -9.05 5.99 -6.12
CA LEU A 97 -8.36 7.09 -6.77
C LEU A 97 -7.62 6.57 -8.01
N ASP A 98 -6.38 6.19 -7.78
CA ASP A 98 -5.54 5.66 -8.86
C ASP A 98 -4.13 5.40 -8.32
N TYR A 99 -3.25 5.03 -9.24
CA TYR A 99 -1.87 4.75 -8.88
C TYR A 99 -0.90 5.53 -9.79
N ASP A 100 -1.49 6.34 -10.66
CA ASP A 100 -0.69 7.13 -11.58
C ASP A 100 -0.51 8.54 -11.01
N ILE A 101 -1.32 8.85 -10.02
CA ILE A 101 -1.27 10.16 -9.38
C ILE A 101 0.04 10.28 -8.60
N THR A 102 0.04 11.21 -7.65
CA THR A 102 1.23 11.44 -6.83
C THR A 102 0.89 11.28 -5.36
N LEU A 103 1.91 10.97 -4.57
CA LEU A 103 1.74 10.78 -3.14
C LEU A 103 0.83 11.89 -2.60
N GLN A 104 0.85 13.02 -3.30
CA GLN A 104 0.03 14.16 -2.90
C GLN A 104 -1.44 13.90 -3.23
N GLU A 105 -1.68 13.65 -4.51
CA GLU A 105 -3.03 13.38 -4.97
C GLU A 105 -3.72 12.36 -4.07
N ALA A 106 -3.03 11.24 -3.87
CA ALA A 106 -3.55 10.17 -3.03
C ALA A 106 -3.90 10.74 -1.66
N GLY A 107 -3.30 11.89 -1.35
CA GLY A 107 -3.55 12.54 -0.07
C GLY A 107 -2.61 12.00 1.00
N LEU A 108 -1.36 11.81 0.63
CA LEU A 108 -0.36 11.30 1.54
C LEU A 108 0.64 12.40 1.88
N CYS A 109 0.62 13.44 1.06
CA CYS A 109 1.52 14.57 1.25
C CYS A 109 0.80 15.61 2.12
N PRO A 110 1.61 16.32 2.96
CA PRO A 110 3.04 16.09 2.98
C PRO A 110 3.37 14.79 3.72
N GLN A 111 2.88 14.70 4.95
CA GLN A 111 3.11 13.53 5.77
C GLN A 111 1.78 12.91 6.19
N GLU A 112 1.60 11.65 5.82
CA GLU A 112 0.39 10.93 6.17
C GLU A 112 0.72 9.58 6.80
N THR A 113 -0.29 8.98 7.41
CA THR A 113 -0.11 7.69 8.05
C THR A 113 -0.79 6.59 7.23
N VAL A 114 0.03 5.72 6.67
CA VAL A 114 -0.47 4.61 5.86
C VAL A 114 -0.69 3.40 6.76
N PHE A 115 -1.85 2.78 6.58
CA PHE A 115 -2.19 1.60 7.36
C PHE A 115 -2.52 0.41 6.45
N VAL A 116 -1.77 -0.66 6.65
CA VAL A 116 -1.97 -1.87 5.86
C VAL A 116 -3.09 -2.72 6.49
N GLN A 117 -4.18 -2.84 5.74
CA GLN A 117 -5.32 -3.61 6.21
C GLN A 117 -5.68 -4.69 5.19
N GLU A 118 -6.37 -5.71 5.68
CA GLU A 118 -6.78 -6.81 4.82
C GLU A 118 -7.99 -6.40 3.99
N SER A 119 -7.78 -6.35 2.68
CA SER A 119 -8.85 -5.98 1.76
C SER A 119 -10.04 -6.91 1.94
N GLY A 120 -11.22 -6.31 2.00
CA GLY A 120 -12.45 -7.07 2.17
C GLY A 120 -12.71 -7.97 0.97
N PRO A 121 -14.01 -8.15 0.65
CA PRO A 121 -14.41 -8.99 -0.47
C PRO A 121 -14.14 -8.27 -1.80
N SER A 122 -13.35 -8.92 -2.64
CA SER A 122 -13.02 -8.36 -3.94
C SER A 122 -13.06 -9.46 -5.00
N SER A 123 -12.90 -9.04 -6.25
CA SER A 123 -12.92 -9.97 -7.36
C SER A 123 -14.25 -10.72 -7.40
N GLY A 124 -14.27 -11.87 -6.73
CA GLY A 124 -15.47 -12.69 -6.68
C GLY A 124 -15.16 -14.08 -6.16
N GLY A 1 -53.84 10.45 57.25
CA GLY A 1 -53.07 10.55 56.03
C GLY A 1 -52.72 9.17 55.48
N SER A 2 -52.05 9.18 54.33
CA SER A 2 -51.66 7.93 53.69
C SER A 2 -50.97 8.23 52.36
N SER A 3 -50.20 7.25 51.90
CA SER A 3 -49.48 7.39 50.65
C SER A 3 -48.70 6.12 50.34
N GLY A 4 -48.16 6.06 49.14
CA GLY A 4 -47.39 4.91 48.71
C GLY A 4 -47.30 4.83 47.18
N SER A 5 -46.19 4.28 46.71
CA SER A 5 -45.97 4.15 45.28
C SER A 5 -44.61 3.51 45.02
N SER A 6 -44.51 2.83 43.88
CA SER A 6 -43.27 2.18 43.50
C SER A 6 -43.42 1.54 42.12
N GLY A 7 -42.29 1.41 41.44
CA GLY A 7 -42.28 0.82 40.12
C GLY A 7 -41.00 1.17 39.36
N THR A 8 -40.88 0.62 38.16
CA THR A 8 -39.71 0.87 37.33
C THR A 8 -40.06 0.69 35.86
N ALA A 9 -39.18 1.20 35.00
CA ALA A 9 -39.38 1.10 33.57
C ALA A 9 -38.02 1.23 32.86
N THR A 10 -37.45 2.42 32.97
CA THR A 10 -36.17 2.69 32.34
C THR A 10 -36.15 2.17 30.90
N ASN A 11 -34.98 2.25 30.29
CA ASN A 11 -34.82 1.80 28.92
C ASN A 11 -33.39 2.06 28.47
N HIS A 12 -33.08 1.58 27.27
CA HIS A 12 -31.75 1.75 26.71
C HIS A 12 -31.72 1.21 25.29
N GLN A 13 -30.64 1.53 24.59
CA GLN A 13 -30.48 1.08 23.22
C GLN A 13 -29.15 1.58 22.64
N GLY A 14 -28.76 0.99 21.52
CA GLY A 14 -27.51 1.37 20.87
C GLY A 14 -27.75 1.68 19.40
N LEU A 15 -26.81 1.21 18.57
CA LEU A 15 -26.90 1.44 17.14
C LEU A 15 -25.95 0.48 16.42
N PRO A 16 -26.30 0.18 15.14
CA PRO A 16 -25.49 -0.72 14.34
C PRO A 16 -24.20 -0.03 13.86
N ALA A 17 -23.44 -0.76 13.07
CA ALA A 17 -22.18 -0.24 12.54
C ALA A 17 -22.12 -0.52 11.04
N VAL A 18 -21.84 0.54 10.29
CA VAL A 18 -21.74 0.42 8.85
C VAL A 18 -20.47 -0.33 8.49
N ASP A 19 -20.49 -0.94 7.31
CA ASP A 19 -19.35 -1.70 6.84
C ASP A 19 -19.34 -1.72 5.31
N SER A 20 -18.19 -2.05 4.75
CA SER A 20 -18.04 -2.10 3.31
C SER A 20 -17.76 -3.54 2.87
N GLU A 21 -18.77 -4.13 2.24
CA GLU A 21 -18.64 -5.50 1.76
C GLU A 21 -18.63 -5.53 0.24
N ILE A 22 -19.71 -5.03 -0.35
CA ILE A 22 -19.83 -5.00 -1.80
C ILE A 22 -18.93 -3.90 -2.35
N LEU A 23 -18.25 -4.23 -3.44
CA LEU A 23 -17.35 -3.28 -4.07
C LEU A 23 -17.70 -3.17 -5.55
N GLU A 24 -17.40 -2.00 -6.11
CA GLU A 24 -17.68 -1.75 -7.52
C GLU A 24 -16.53 -2.28 -8.39
N MET A 25 -16.47 -3.60 -8.50
CA MET A 25 -15.43 -4.23 -9.29
C MET A 25 -14.04 -3.90 -8.74
N PRO A 26 -13.19 -4.95 -8.65
CA PRO A 26 -11.83 -4.78 -8.15
C PRO A 26 -10.94 -4.10 -9.19
N PRO A 27 -10.00 -3.27 -8.69
CA PRO A 27 -9.08 -2.55 -9.56
C PRO A 27 -8.00 -3.49 -10.10
N GLU A 28 -7.73 -3.34 -11.40
CA GLU A 28 -6.72 -4.17 -12.05
C GLU A 28 -5.65 -3.29 -12.68
N LYS A 29 -4.41 -3.60 -12.35
CA LYS A 29 -3.28 -2.86 -12.88
C LYS A 29 -1.98 -3.61 -12.59
N ALA A 30 -1.40 -4.16 -13.65
CA ALA A 30 -0.16 -4.90 -13.51
C ALA A 30 0.89 -4.31 -14.44
N ASP A 31 2.12 -4.24 -13.94
CA ASP A 31 3.22 -3.69 -14.71
C ASP A 31 2.97 -2.21 -14.97
N GLY A 32 3.95 -1.40 -14.60
CA GLY A 32 3.84 0.04 -14.79
C GLY A 32 5.23 0.68 -14.91
N VAL A 33 5.24 1.86 -15.50
CA VAL A 33 6.49 2.59 -15.69
C VAL A 33 6.67 3.58 -14.52
N VAL A 34 7.22 3.06 -13.44
CA VAL A 34 7.46 3.87 -12.25
C VAL A 34 8.95 3.86 -11.92
N GLU A 35 9.56 5.04 -12.02
CA GLU A 35 10.98 5.18 -11.73
C GLU A 35 11.28 6.57 -11.19
N GLY A 36 10.87 6.78 -9.95
CA GLY A 36 11.09 8.07 -9.31
C GLY A 36 12.43 8.10 -8.58
N ILE A 37 12.36 7.90 -7.27
CA ILE A 37 13.56 7.89 -6.45
C ILE A 37 14.51 9.00 -6.93
N ASP A 38 14.05 10.23 -6.77
CA ASP A 38 14.85 11.38 -7.19
C ASP A 38 14.57 12.55 -6.26
N VAL A 39 15.51 12.81 -5.37
CA VAL A 39 15.37 13.90 -4.42
C VAL A 39 14.76 15.11 -5.13
N ASN A 40 13.90 15.81 -4.40
CA ASN A 40 13.25 16.99 -4.94
C ASN A 40 12.33 17.60 -3.87
N GLY A 41 12.55 18.87 -3.60
CA GLY A 41 11.75 19.57 -2.61
C GLY A 41 11.56 18.72 -1.36
N PRO A 42 10.46 19.03 -0.62
CA PRO A 42 10.15 18.29 0.60
C PRO A 42 9.59 16.90 0.28
N LYS A 43 10.24 15.89 0.82
CA LYS A 43 9.82 14.52 0.60
C LYS A 43 8.55 14.25 1.42
N ALA A 44 7.85 13.19 1.04
CA ALA A 44 6.63 12.81 1.72
C ALA A 44 6.94 11.66 2.70
N GLN A 45 6.57 11.88 3.95
CA GLN A 45 6.80 10.89 4.98
C GLN A 45 5.53 10.08 5.23
N LEU A 46 5.66 8.77 5.08
CA LEU A 46 4.54 7.87 5.28
C LEU A 46 4.85 6.90 6.42
N MET A 47 3.80 6.46 7.09
CA MET A 47 3.96 5.54 8.21
C MET A 47 3.21 4.23 7.94
N LEU A 48 3.95 3.24 7.46
CA LEU A 48 3.36 1.95 7.15
C LEU A 48 2.97 1.25 8.46
N ARG A 49 1.69 0.93 8.56
CA ARG A 49 1.18 0.27 9.74
C ARG A 49 0.61 -1.11 9.39
N TYR A 50 1.42 -2.12 9.62
CA TYR A 50 1.02 -3.49 9.32
C TYR A 50 -0.02 -3.98 10.32
N PRO A 51 -0.83 -4.97 9.88
CA PRO A 51 -1.87 -5.53 10.72
C PRO A 51 -1.27 -6.47 11.77
N ASP A 52 0.03 -6.70 11.63
CA ASP A 52 0.74 -7.57 12.56
C ASP A 52 1.08 -6.80 13.83
N GLY A 53 0.61 -5.55 13.86
CA GLY A 53 0.85 -4.70 15.01
C GLY A 53 2.16 -3.91 14.84
N LYS A 54 2.95 -4.34 13.87
CA LYS A 54 4.21 -3.69 13.59
C LYS A 54 3.99 -2.56 12.58
N ARG A 55 4.88 -1.58 12.63
CA ARG A 55 4.79 -0.44 11.72
C ARG A 55 6.16 -0.11 11.15
N GLU A 56 6.20 0.96 10.36
CA GLU A 56 7.44 1.39 9.74
C GLU A 56 7.23 2.69 8.96
N GLN A 57 8.09 3.65 9.25
CA GLN A 57 8.01 4.94 8.60
C GLN A 57 8.97 5.01 7.41
N ILE A 58 8.49 5.61 6.32
CA ILE A 58 9.29 5.72 5.12
C ILE A 58 9.15 7.15 4.57
N THR A 59 9.95 7.44 3.55
CA THR A 59 9.93 8.74 2.92
C THR A 59 9.98 8.61 1.40
N LEU A 60 8.91 9.07 0.77
CA LEU A 60 8.81 9.01 -0.68
C LEU A 60 8.53 10.40 -1.23
N PRO A 61 8.91 10.60 -2.52
CA PRO A 61 8.70 11.88 -3.18
C PRO A 61 7.23 12.09 -3.53
N GLU A 62 6.75 13.29 -3.24
CA GLU A 62 5.37 13.63 -3.53
C GLU A 62 4.97 13.15 -4.92
N GLN A 63 5.80 13.50 -5.90
CA GLN A 63 5.55 13.10 -7.27
C GLN A 63 5.38 11.59 -7.36
N ALA A 64 6.04 10.89 -6.45
CA ALA A 64 5.97 9.44 -6.42
C ALA A 64 4.50 9.00 -6.58
N LYS A 65 4.31 8.00 -7.42
CA LYS A 65 2.97 7.48 -7.67
C LYS A 65 2.51 6.69 -6.45
N LEU A 66 1.23 6.85 -6.14
CA LEU A 66 0.65 6.16 -5.00
C LEU A 66 1.10 4.68 -5.02
N LEU A 67 1.21 4.15 -6.22
CA LEU A 67 1.62 2.77 -6.39
C LEU A 67 2.97 2.56 -5.72
N ALA A 68 3.83 3.57 -5.85
CA ALA A 68 5.16 3.51 -5.27
C ALA A 68 5.05 3.04 -3.81
N LEU A 69 4.14 3.68 -3.09
CA LEU A 69 3.91 3.35 -1.70
C LEU A 69 3.32 1.94 -1.60
N VAL A 70 2.56 1.59 -2.62
CA VAL A 70 1.93 0.27 -2.67
C VAL A 70 3.00 -0.80 -2.89
N LYS A 71 3.88 -0.51 -3.85
CA LYS A 71 4.95 -1.44 -4.18
C LYS A 71 5.85 -1.63 -2.96
N HIS A 72 5.93 -0.58 -2.14
CA HIS A 72 6.74 -0.63 -0.94
C HIS A 72 6.22 -1.72 -0.01
N VAL A 73 5.04 -1.46 0.55
CA VAL A 73 4.43 -2.41 1.47
C VAL A 73 4.41 -3.79 0.82
N GLN A 74 4.10 -3.80 -0.48
CA GLN A 74 4.04 -5.05 -1.22
C GLN A 74 5.24 -5.94 -0.85
N SER A 75 6.41 -5.33 -0.87
CA SER A 75 7.63 -6.06 -0.54
C SER A 75 7.66 -6.39 0.96
N LYS A 76 7.08 -5.49 1.74
CA LYS A 76 7.03 -5.67 3.18
C LYS A 76 6.34 -7.00 3.50
N GLY A 77 5.56 -7.46 2.54
CA GLY A 77 4.84 -8.72 2.70
C GLY A 77 3.33 -8.48 2.76
N TYR A 78 2.85 -7.73 1.79
CA TYR A 78 1.42 -7.42 1.72
C TYR A 78 1.03 -6.96 0.31
N PRO A 79 0.57 -7.94 -0.51
CA PRO A 79 0.16 -7.65 -1.87
C PRO A 79 -1.20 -6.95 -1.90
N ASN A 80 -1.25 -5.87 -2.66
CA ASN A 80 -2.47 -5.10 -2.78
C ASN A 80 -3.67 -6.05 -2.88
N GLU A 81 -3.65 -6.85 -3.94
CA GLU A 81 -4.72 -7.81 -4.17
C GLU A 81 -5.21 -8.39 -2.84
N ARG A 82 -4.27 -8.53 -1.91
CA ARG A 82 -4.59 -9.06 -0.60
C ARG A 82 -4.89 -7.93 0.38
N PHE A 83 -3.82 -7.35 0.91
CA PHE A 83 -3.95 -6.26 1.86
C PHE A 83 -3.97 -4.91 1.14
N GLU A 84 -4.78 -4.01 1.65
CA GLU A 84 -4.90 -2.68 1.07
C GLU A 84 -4.29 -1.64 2.00
N LEU A 85 -3.88 -0.53 1.42
CA LEU A 85 -3.27 0.55 2.18
C LEU A 85 -4.32 1.62 2.46
N LEU A 86 -4.42 1.99 3.73
CA LEU A 86 -5.37 3.00 4.14
C LEU A 86 -4.63 4.19 4.75
N THR A 87 -5.39 5.24 5.04
CA THR A 87 -4.82 6.44 5.63
C THR A 87 -5.44 6.72 7.00
N ASN A 88 -4.98 7.79 7.62
CA ASN A 88 -5.48 8.18 8.92
C ASN A 88 -6.85 8.85 8.76
N PHE A 89 -7.46 9.15 9.90
CA PHE A 89 -8.76 9.79 9.89
C PHE A 89 -8.92 10.71 8.67
N PRO A 90 -10.14 10.65 8.07
CA PRO A 90 -11.19 9.78 8.56
C PRO A 90 -10.90 8.31 8.20
N ARG A 91 -10.57 8.12 6.93
CA ARG A 91 -10.28 6.78 6.43
C ARG A 91 -10.44 6.72 4.91
N ARG A 92 -9.31 6.82 4.23
CA ARG A 92 -9.32 6.78 2.77
C ARG A 92 -8.69 5.48 2.27
N LYS A 93 -9.40 4.82 1.38
CA LYS A 93 -8.93 3.57 0.82
C LYS A 93 -8.10 3.86 -0.43
N LEU A 94 -6.82 4.09 -0.21
CA LEU A 94 -5.91 4.38 -1.31
C LEU A 94 -6.10 3.34 -2.42
N SER A 95 -6.94 3.69 -3.38
CA SER A 95 -7.21 2.79 -4.50
C SER A 95 -8.22 3.44 -5.45
N HIS A 96 -9.40 3.73 -4.91
CA HIS A 96 -10.44 4.35 -5.71
C HIS A 96 -9.83 5.39 -6.65
N LEU A 97 -9.29 6.45 -6.05
CA LEU A 97 -8.68 7.51 -6.83
C LEU A 97 -7.92 6.90 -8.01
N ASP A 98 -6.65 6.58 -7.77
CA ASP A 98 -5.81 6.00 -8.79
C ASP A 98 -4.39 5.84 -8.25
N TYR A 99 -3.59 5.09 -9.00
CA TYR A 99 -2.21 4.85 -8.61
C TYR A 99 -1.25 5.56 -9.56
N ASP A 100 -1.82 6.33 -10.48
CA ASP A 100 -1.02 7.06 -11.45
C ASP A 100 -0.78 8.49 -10.93
N ILE A 101 -1.55 8.85 -9.91
CA ILE A 101 -1.43 10.17 -9.33
C ILE A 101 -0.10 10.27 -8.57
N THR A 102 -0.03 11.27 -7.70
CA THR A 102 1.17 11.48 -6.91
C THR A 102 0.86 11.43 -5.41
N LEU A 103 1.89 11.18 -4.63
CA LEU A 103 1.73 11.10 -3.19
C LEU A 103 0.90 12.30 -2.71
N GLN A 104 0.92 13.35 -3.51
CA GLN A 104 0.18 14.56 -3.18
C GLN A 104 -1.31 14.36 -3.48
N GLU A 105 -1.58 14.00 -4.73
CA GLU A 105 -2.95 13.79 -5.16
C GLU A 105 -3.69 12.89 -4.17
N ALA A 106 -3.07 11.76 -3.86
CA ALA A 106 -3.66 10.82 -2.92
C ALA A 106 -3.95 11.54 -1.61
N GLY A 107 -3.30 12.67 -1.42
CA GLY A 107 -3.49 13.46 -0.22
C GLY A 107 -2.65 12.91 0.93
N LEU A 108 -1.57 12.25 0.56
CA LEU A 108 -0.67 11.66 1.56
C LEU A 108 0.35 12.73 2.00
N CYS A 109 0.61 13.67 1.10
CA CYS A 109 1.55 14.72 1.37
C CYS A 109 0.89 15.72 2.34
N PRO A 110 1.75 16.36 3.17
CA PRO A 110 3.17 16.11 3.13
C PRO A 110 3.51 14.77 3.76
N GLN A 111 2.76 14.44 4.81
CA GLN A 111 2.96 13.19 5.52
C GLN A 111 1.62 12.57 5.91
N GLU A 112 1.51 11.27 5.66
CA GLU A 112 0.28 10.55 5.98
C GLU A 112 0.61 9.16 6.51
N THR A 113 -0.25 8.68 7.40
CA THR A 113 -0.06 7.37 8.00
C THR A 113 -0.72 6.29 7.13
N VAL A 114 0.12 5.46 6.53
CA VAL A 114 -0.38 4.40 5.68
C VAL A 114 -0.64 3.15 6.53
N PHE A 115 -1.87 2.67 6.44
CA PHE A 115 -2.25 1.48 7.20
C PHE A 115 -2.53 0.30 6.26
N VAL A 116 -1.92 -0.83 6.60
CA VAL A 116 -2.09 -2.03 5.80
C VAL A 116 -3.23 -2.87 6.39
N GLN A 117 -4.35 -2.85 5.70
CA GLN A 117 -5.52 -3.60 6.14
C GLN A 117 -5.88 -4.68 5.11
N GLU A 118 -6.43 -5.77 5.62
CA GLU A 118 -6.82 -6.88 4.75
C GLU A 118 -7.98 -6.45 3.83
N SER A 119 -7.69 -6.46 2.55
CA SER A 119 -8.69 -6.08 1.55
C SER A 119 -9.80 -7.12 1.51
N GLY A 120 -11.03 -6.64 1.49
CA GLY A 120 -12.18 -7.51 1.44
C GLY A 120 -12.76 -7.74 2.84
N PRO A 121 -14.05 -8.19 2.87
CA PRO A 121 -14.71 -8.44 4.14
C PRO A 121 -14.20 -9.74 4.78
N SER A 122 -13.09 -9.62 5.46
CA SER A 122 -12.49 -10.78 6.12
C SER A 122 -12.09 -11.83 5.08
N SER A 123 -10.81 -12.18 5.11
CA SER A 123 -10.29 -13.17 4.17
C SER A 123 -9.36 -14.13 4.90
N GLY A 124 -9.05 -15.23 4.23
CA GLY A 124 -8.17 -16.23 4.80
C GLY A 124 -8.88 -17.03 5.91
N GLY A 1 -40.40 66.47 7.81
CA GLY A 1 -41.46 65.50 8.00
C GLY A 1 -40.88 64.09 8.21
N SER A 2 -41.73 63.10 7.99
CA SER A 2 -41.32 61.71 8.16
C SER A 2 -42.15 60.81 7.24
N SER A 3 -41.73 59.56 7.18
CA SER A 3 -42.42 58.58 6.35
C SER A 3 -42.19 57.17 6.89
N GLY A 4 -42.90 56.22 6.30
CA GLY A 4 -42.78 54.83 6.72
C GLY A 4 -42.42 53.93 5.53
N SER A 5 -42.76 52.66 5.68
CA SER A 5 -42.49 51.69 4.63
C SER A 5 -43.19 50.37 4.95
N SER A 6 -43.12 49.46 3.98
CA SER A 6 -43.74 48.15 4.14
C SER A 6 -42.94 47.10 3.39
N GLY A 7 -43.34 45.84 3.57
CA GLY A 7 -42.67 44.74 2.90
C GLY A 7 -43.69 43.73 2.35
N THR A 8 -43.18 42.56 2.01
CA THR A 8 -44.02 41.51 1.48
C THR A 8 -43.24 40.19 1.38
N ALA A 9 -43.97 39.13 1.06
CA ALA A 9 -43.35 37.82 0.94
C ALA A 9 -43.74 37.21 -0.42
N THR A 10 -43.18 36.04 -0.68
CA THR A 10 -43.46 35.35 -1.93
C THR A 10 -42.95 33.90 -1.86
N ASN A 11 -43.82 32.98 -2.26
CA ASN A 11 -43.47 31.58 -2.25
C ASN A 11 -42.33 31.33 -3.23
N HIS A 12 -41.69 30.19 -3.06
CA HIS A 12 -40.57 29.82 -3.92
C HIS A 12 -40.13 28.39 -3.59
N GLN A 13 -39.14 27.93 -4.34
CA GLN A 13 -38.60 26.60 -4.14
C GLN A 13 -39.66 25.54 -4.50
N GLY A 14 -39.30 24.70 -5.46
CA GLY A 14 -40.19 23.65 -5.91
C GLY A 14 -39.72 23.04 -7.22
N LEU A 15 -38.94 21.98 -7.10
CA LEU A 15 -38.41 21.31 -8.28
C LEU A 15 -38.03 19.87 -7.91
N PRO A 16 -38.10 18.98 -8.93
CA PRO A 16 -37.78 17.58 -8.72
C PRO A 16 -36.26 17.38 -8.61
N ALA A 17 -35.85 16.13 -8.73
CA ALA A 17 -34.44 15.79 -8.64
C ALA A 17 -34.09 14.81 -9.76
N VAL A 18 -32.79 14.58 -9.91
CA VAL A 18 -32.31 13.67 -10.94
C VAL A 18 -31.26 12.73 -10.33
N ASP A 19 -31.56 11.44 -10.40
CA ASP A 19 -30.65 10.43 -9.87
C ASP A 19 -29.88 9.78 -11.02
N SER A 20 -28.86 9.02 -10.65
CA SER A 20 -28.04 8.34 -11.64
C SER A 20 -28.67 7.00 -12.00
N GLU A 21 -28.06 6.33 -12.96
CA GLU A 21 -28.55 5.04 -13.42
C GLU A 21 -27.38 4.13 -13.82
N ILE A 22 -26.50 4.69 -14.63
CA ILE A 22 -25.34 3.95 -15.10
C ILE A 22 -24.14 4.26 -14.19
N LEU A 23 -23.33 3.25 -13.98
CA LEU A 23 -22.14 3.40 -13.15
C LEU A 23 -20.94 3.69 -14.02
N GLU A 24 -19.84 4.05 -13.37
CA GLU A 24 -18.61 4.36 -14.07
C GLU A 24 -17.41 3.75 -13.35
N MET A 25 -17.49 2.44 -13.16
CA MET A 25 -16.43 1.72 -12.48
C MET A 25 -15.06 2.08 -13.06
N PRO A 26 -14.15 2.53 -12.15
CA PRO A 26 -12.81 2.92 -12.57
C PRO A 26 -11.95 1.68 -12.88
N PRO A 27 -10.97 1.88 -13.80
CA PRO A 27 -10.08 0.79 -14.18
C PRO A 27 -9.06 0.51 -13.08
N GLU A 28 -8.18 -0.44 -13.37
CA GLU A 28 -7.14 -0.82 -12.43
C GLU A 28 -6.18 -1.82 -13.06
N LYS A 29 -5.05 -1.30 -13.53
CA LYS A 29 -4.05 -2.13 -14.15
C LYS A 29 -2.70 -1.40 -14.13
N ALA A 30 -1.64 -2.20 -14.06
CA ALA A 30 -0.29 -1.64 -14.02
C ALA A 30 0.30 -1.67 -15.44
N ASP A 31 1.47 -1.05 -15.56
CA ASP A 31 2.15 -0.99 -16.84
C ASP A 31 3.66 -0.93 -16.61
N GLY A 32 4.31 -2.08 -16.81
CA GLY A 32 5.75 -2.16 -16.63
C GLY A 32 6.14 -1.84 -15.18
N VAL A 33 6.99 -2.69 -14.63
CA VAL A 33 7.44 -2.51 -13.26
C VAL A 33 8.79 -1.77 -13.27
N VAL A 34 8.70 -0.45 -13.24
CA VAL A 34 9.89 0.37 -13.26
C VAL A 34 9.81 1.38 -12.10
N GLU A 35 10.79 1.29 -11.21
CA GLU A 35 10.85 2.17 -10.06
C GLU A 35 12.00 3.17 -10.22
N GLY A 36 11.73 4.41 -9.85
CA GLY A 36 12.72 5.47 -9.94
C GLY A 36 12.70 6.36 -8.71
N ILE A 37 13.71 6.20 -7.87
CA ILE A 37 13.82 6.99 -6.66
C ILE A 37 14.76 8.18 -6.90
N ASP A 38 14.21 9.36 -6.68
CA ASP A 38 14.99 10.58 -6.87
C ASP A 38 14.67 11.56 -5.73
N VAL A 39 15.71 12.27 -5.30
CA VAL A 39 15.55 13.25 -4.23
C VAL A 39 15.27 14.62 -4.84
N ASN A 40 14.07 15.11 -4.59
CA ASN A 40 13.67 16.42 -5.10
C ASN A 40 12.91 17.18 -4.01
N GLY A 41 13.38 18.38 -3.76
CA GLY A 41 12.75 19.22 -2.74
C GLY A 41 12.39 18.41 -1.50
N PRO A 42 11.27 18.82 -0.85
CA PRO A 42 10.81 18.14 0.35
C PRO A 42 10.15 16.80 0.00
N LYS A 43 10.54 15.77 0.75
CA LYS A 43 9.99 14.45 0.53
C LYS A 43 8.70 14.28 1.35
N ALA A 44 8.09 13.13 1.19
CA ALA A 44 6.86 12.83 1.90
C ALA A 44 7.09 11.68 2.88
N GLN A 45 6.86 11.97 4.15
CA GLN A 45 7.03 10.98 5.20
C GLN A 45 5.76 10.17 5.39
N LEU A 46 5.87 8.87 5.16
CA LEU A 46 4.73 7.97 5.31
C LEU A 46 5.03 6.96 6.42
N MET A 47 3.96 6.51 7.05
CA MET A 47 4.08 5.54 8.13
C MET A 47 3.25 4.29 7.85
N LEU A 48 3.93 3.27 7.33
CA LEU A 48 3.27 2.02 7.01
C LEU A 48 2.88 1.30 8.30
N ARG A 49 1.58 1.07 8.44
CA ARG A 49 1.06 0.40 9.62
C ARG A 49 0.47 -0.95 9.25
N TYR A 50 1.26 -2.00 9.49
CA TYR A 50 0.81 -3.35 9.19
C TYR A 50 -0.23 -3.82 10.19
N PRO A 51 -1.05 -4.82 9.73
CA PRO A 51 -2.09 -5.37 10.58
C PRO A 51 -1.51 -6.29 11.65
N ASP A 52 -0.19 -6.43 11.61
CA ASP A 52 0.50 -7.27 12.57
C ASP A 52 0.86 -6.44 13.81
N GLY A 53 0.24 -5.27 13.90
CA GLY A 53 0.48 -4.38 15.02
C GLY A 53 1.84 -3.69 14.88
N LYS A 54 2.53 -4.00 13.80
CA LYS A 54 3.84 -3.42 13.54
C LYS A 54 3.70 -2.31 12.50
N ARG A 55 4.50 -1.27 12.68
CA ARG A 55 4.49 -0.14 11.77
C ARG A 55 5.92 0.22 11.33
N GLU A 56 5.99 1.03 10.27
CA GLU A 56 7.28 1.44 9.76
C GLU A 56 7.15 2.79 9.03
N GLN A 57 8.15 3.63 9.23
CA GLN A 57 8.16 4.94 8.60
C GLN A 57 9.03 4.92 7.35
N ILE A 58 8.61 5.72 6.36
CA ILE A 58 9.34 5.79 5.11
C ILE A 58 9.28 7.24 4.59
N THR A 59 10.08 7.50 3.57
CA THR A 59 10.12 8.82 2.96
C THR A 59 10.14 8.70 1.43
N LEU A 60 9.00 9.02 0.84
CA LEU A 60 8.87 8.97 -0.61
C LEU A 60 8.58 10.37 -1.14
N PRO A 61 8.85 10.55 -2.47
CA PRO A 61 8.61 11.83 -3.11
C PRO A 61 7.11 12.07 -3.34
N GLU A 62 6.71 13.32 -3.17
CA GLU A 62 5.32 13.68 -3.35
C GLU A 62 4.87 13.35 -4.77
N GLN A 63 5.82 13.41 -5.70
CA GLN A 63 5.53 13.12 -7.09
C GLN A 63 5.48 11.61 -7.31
N ALA A 64 5.88 10.88 -6.28
CA ALA A 64 5.89 9.43 -6.35
C ALA A 64 4.46 8.92 -6.53
N LYS A 65 4.30 8.02 -7.48
CA LYS A 65 2.99 7.45 -7.76
C LYS A 65 2.52 6.65 -6.54
N LEU A 66 1.25 6.83 -6.21
CA LEU A 66 0.67 6.13 -5.08
C LEU A 66 1.08 4.65 -5.12
N LEU A 67 1.36 4.18 -6.32
CA LEU A 67 1.76 2.81 -6.52
C LEU A 67 3.09 2.56 -5.80
N ALA A 68 3.97 3.55 -5.91
CA ALA A 68 5.27 3.45 -5.27
C ALA A 68 5.09 3.02 -3.81
N LEU A 69 4.17 3.70 -3.13
CA LEU A 69 3.89 3.41 -1.74
C LEU A 69 3.29 2.00 -1.63
N VAL A 70 2.58 1.62 -2.68
CA VAL A 70 1.94 0.31 -2.72
C VAL A 70 3.02 -0.76 -2.94
N LYS A 71 3.93 -0.46 -3.85
CA LYS A 71 5.01 -1.38 -4.17
C LYS A 71 5.85 -1.62 -2.93
N HIS A 72 6.04 -0.55 -2.17
CA HIS A 72 6.82 -0.63 -0.95
C HIS A 72 6.21 -1.68 0.00
N VAL A 73 5.01 -1.37 0.46
CA VAL A 73 4.31 -2.27 1.36
C VAL A 73 4.22 -3.65 0.73
N GLN A 74 4.33 -3.68 -0.59
CA GLN A 74 4.26 -4.93 -1.33
C GLN A 74 5.46 -5.82 -0.97
N SER A 75 6.63 -5.19 -0.96
CA SER A 75 7.85 -5.91 -0.63
C SER A 75 7.90 -6.22 0.86
N LYS A 76 7.05 -5.52 1.61
CA LYS A 76 6.99 -5.71 3.05
C LYS A 76 6.36 -7.07 3.34
N GLY A 77 5.47 -7.47 2.46
CA GLY A 77 4.78 -8.75 2.62
C GLY A 77 3.26 -8.56 2.56
N TYR A 78 2.83 -7.72 1.63
CA TYR A 78 1.42 -7.46 1.47
C TYR A 78 1.11 -6.97 0.05
N PRO A 79 0.60 -7.91 -0.78
CA PRO A 79 0.26 -7.60 -2.16
C PRO A 79 -1.04 -6.79 -2.24
N ASN A 80 -0.94 -5.67 -2.93
CA ASN A 80 -2.09 -4.79 -3.09
C ASN A 80 -3.33 -5.64 -3.39
N GLU A 81 -3.29 -6.30 -4.53
CA GLU A 81 -4.40 -7.15 -4.94
C GLU A 81 -4.99 -7.87 -3.73
N ARG A 82 -4.13 -8.13 -2.75
CA ARG A 82 -4.56 -8.82 -1.55
C ARG A 82 -4.90 -7.80 -0.45
N PHE A 83 -3.87 -7.13 0.03
CA PHE A 83 -4.05 -6.13 1.07
C PHE A 83 -4.20 -4.73 0.48
N GLU A 84 -4.91 -3.88 1.20
CA GLU A 84 -5.14 -2.52 0.75
C GLU A 84 -4.58 -1.53 1.77
N LEU A 85 -4.12 -0.39 1.26
CA LEU A 85 -3.56 0.63 2.10
C LEU A 85 -4.62 1.70 2.37
N LEU A 86 -4.71 2.09 3.64
CA LEU A 86 -5.68 3.10 4.05
C LEU A 86 -4.97 4.19 4.85
N THR A 87 -5.73 5.23 5.16
CA THR A 87 -5.18 6.34 5.92
C THR A 87 -5.79 6.39 7.33
N ASN A 88 -5.14 7.14 8.19
CA ASN A 88 -5.60 7.27 9.57
C ASN A 88 -7.07 7.70 9.57
N PHE A 89 -7.72 7.48 10.70
CA PHE A 89 -9.12 7.83 10.84
C PHE A 89 -9.47 9.03 9.95
N PRO A 90 -10.65 8.92 9.28
CA PRO A 90 -11.49 7.74 9.43
C PRO A 90 -10.90 6.57 8.65
N ARG A 91 -10.71 6.78 7.36
CA ARG A 91 -10.16 5.75 6.50
C ARG A 91 -10.31 6.14 5.02
N ARG A 92 -9.35 5.69 4.23
CA ARG A 92 -9.37 6.00 2.80
C ARG A 92 -8.76 4.84 2.02
N LYS A 93 -9.62 4.10 1.33
CA LYS A 93 -9.18 2.97 0.53
C LYS A 93 -8.39 3.48 -0.68
N LEU A 94 -7.12 3.70 -0.45
CA LEU A 94 -6.24 4.18 -1.51
C LEU A 94 -6.25 3.20 -2.67
N SER A 95 -7.18 3.41 -3.59
CA SER A 95 -7.31 2.55 -4.74
C SER A 95 -8.29 3.16 -5.75
N HIS A 96 -9.52 3.34 -5.30
CA HIS A 96 -10.56 3.91 -6.15
C HIS A 96 -9.96 5.04 -6.98
N LEU A 97 -9.41 6.03 -6.28
CA LEU A 97 -8.81 7.17 -6.94
C LEU A 97 -7.96 6.69 -8.13
N ASP A 98 -6.75 6.24 -7.80
CA ASP A 98 -5.83 5.75 -8.82
C ASP A 98 -4.42 5.69 -8.24
N TYR A 99 -3.56 4.94 -8.92
CA TYR A 99 -2.19 4.79 -8.49
C TYR A 99 -1.24 5.53 -9.43
N ASP A 100 -1.82 6.17 -10.42
CA ASP A 100 -1.04 6.91 -11.40
C ASP A 100 -0.84 8.35 -10.90
N ILE A 101 -1.63 8.70 -9.90
CA ILE A 101 -1.56 10.03 -9.33
C ILE A 101 -0.24 10.19 -8.57
N THR A 102 -0.20 11.20 -7.71
CA THR A 102 0.99 11.45 -6.93
C THR A 102 0.68 11.35 -5.43
N LEU A 103 1.70 11.01 -4.67
CA LEU A 103 1.56 10.87 -3.23
C LEU A 103 0.67 12.01 -2.71
N GLN A 104 0.71 13.12 -3.41
CA GLN A 104 -0.08 14.28 -3.04
C GLN A 104 -1.55 14.04 -3.35
N GLU A 105 -1.82 13.72 -4.60
CA GLU A 105 -3.18 13.47 -5.04
C GLU A 105 -3.89 12.51 -4.06
N ALA A 106 -3.22 11.40 -3.78
CA ALA A 106 -3.76 10.42 -2.88
C ALA A 106 -4.11 11.09 -1.55
N GLY A 107 -3.37 12.14 -1.24
CA GLY A 107 -3.58 12.87 0.00
C GLY A 107 -2.74 12.30 1.12
N LEU A 108 -1.50 11.99 0.80
CA LEU A 108 -0.58 11.43 1.78
C LEU A 108 0.50 12.47 2.11
N CYS A 109 0.66 13.41 1.18
CA CYS A 109 1.66 14.46 1.36
C CYS A 109 1.05 15.54 2.26
N PRO A 110 1.96 16.24 3.01
CA PRO A 110 3.37 15.94 2.93
C PRO A 110 3.71 14.64 3.67
N GLN A 111 3.05 14.47 4.81
CA GLN A 111 3.27 13.28 5.63
C GLN A 111 1.93 12.70 6.09
N GLU A 112 1.76 11.41 5.84
CA GLU A 112 0.53 10.73 6.23
C GLU A 112 0.84 9.31 6.69
N THR A 113 -0.04 8.78 7.52
CA THR A 113 0.12 7.44 8.05
C THR A 113 -0.65 6.44 7.19
N VAL A 114 0.10 5.65 6.44
CA VAL A 114 -0.49 4.64 5.57
C VAL A 114 -0.73 3.36 6.37
N PHE A 115 -2.00 2.98 6.44
CA PHE A 115 -2.38 1.78 7.17
C PHE A 115 -2.65 0.62 6.21
N VAL A 116 -2.14 -0.55 6.59
CA VAL A 116 -2.32 -1.74 5.77
C VAL A 116 -3.53 -2.52 6.28
N GLN A 117 -4.45 -2.81 5.36
CA GLN A 117 -5.65 -3.55 5.70
C GLN A 117 -5.90 -4.66 4.68
N GLU A 118 -6.56 -5.71 5.14
CA GLU A 118 -6.88 -6.83 4.27
C GLU A 118 -8.03 -6.47 3.33
N SER A 119 -7.73 -6.55 2.04
CA SER A 119 -8.72 -6.23 1.02
C SER A 119 -9.64 -7.44 0.81
N GLY A 120 -10.92 -7.20 1.03
CA GLY A 120 -11.92 -8.24 0.86
C GLY A 120 -12.23 -8.92 2.20
N PRO A 121 -13.39 -9.61 2.24
CA PRO A 121 -13.81 -10.32 3.43
C PRO A 121 -13.00 -11.61 3.62
N SER A 122 -11.70 -11.44 3.77
CA SER A 122 -10.81 -12.57 3.97
C SER A 122 -10.81 -13.45 2.71
N SER A 123 -9.77 -13.28 1.91
CA SER A 123 -9.64 -14.04 0.68
C SER A 123 -8.38 -14.90 0.73
N GLY A 124 -8.57 -16.20 0.57
CA GLY A 124 -7.45 -17.12 0.61
C GLY A 124 -7.93 -18.56 0.86
N GLY A 1 75.68 -26.02 -6.97
CA GLY A 1 74.29 -26.46 -7.04
C GLY A 1 73.54 -25.73 -8.16
N SER A 2 72.27 -26.06 -8.27
CA SER A 2 71.43 -25.44 -9.29
C SER A 2 70.04 -26.08 -9.29
N SER A 3 69.13 -25.46 -10.03
CA SER A 3 67.78 -25.96 -10.12
C SER A 3 66.94 -25.03 -11.01
N GLY A 4 65.70 -25.46 -11.24
CA GLY A 4 64.79 -24.68 -12.07
C GLY A 4 63.43 -25.37 -12.19
N SER A 5 62.50 -24.67 -12.83
CA SER A 5 61.17 -25.20 -13.02
C SER A 5 60.35 -24.27 -13.92
N SER A 6 59.29 -24.83 -14.48
CA SER A 6 58.43 -24.06 -15.36
C SER A 6 57.28 -24.94 -15.87
N GLY A 7 56.25 -24.28 -16.36
CA GLY A 7 55.08 -24.98 -16.89
C GLY A 7 53.94 -24.01 -17.19
N THR A 8 53.98 -23.46 -18.39
CA THR A 8 52.96 -22.52 -18.81
C THR A 8 51.58 -23.17 -18.74
N ALA A 9 50.59 -22.44 -19.24
CA ALA A 9 49.22 -22.93 -19.23
C ALA A 9 48.29 -21.83 -19.76
N THR A 10 47.26 -22.26 -20.48
CA THR A 10 46.30 -21.33 -21.03
C THR A 10 45.22 -22.08 -21.80
N ASN A 11 44.15 -21.38 -22.11
CA ASN A 11 43.03 -21.96 -22.85
C ASN A 11 41.93 -20.92 -23.02
N HIS A 12 41.10 -21.13 -24.03
CA HIS A 12 40.00 -20.23 -24.31
C HIS A 12 39.14 -20.80 -25.44
N GLN A 13 37.99 -20.16 -25.65
CA GLN A 13 37.07 -20.59 -26.68
C GLN A 13 35.98 -19.55 -26.90
N GLY A 14 35.55 -19.43 -28.14
CA GLY A 14 34.53 -18.46 -28.49
C GLY A 14 35.12 -17.08 -28.74
N LEU A 15 35.89 -16.99 -29.81
CA LEU A 15 36.53 -15.73 -30.17
C LEU A 15 35.44 -14.68 -30.47
N PRO A 16 35.44 -13.62 -29.63
CA PRO A 16 34.48 -12.55 -29.79
C PRO A 16 34.83 -11.65 -30.98
N ALA A 17 33.92 -10.74 -31.29
CA ALA A 17 34.12 -9.84 -32.41
C ALA A 17 34.60 -8.48 -31.86
N VAL A 18 34.82 -7.56 -32.78
CA VAL A 18 35.27 -6.23 -32.42
C VAL A 18 34.31 -5.19 -33.01
N ASP A 19 34.13 -4.10 -32.26
CA ASP A 19 33.25 -3.03 -32.70
C ASP A 19 33.01 -2.07 -31.53
N SER A 20 32.81 -0.81 -31.88
CA SER A 20 32.57 0.22 -30.88
C SER A 20 31.93 1.44 -31.54
N GLU A 21 30.62 1.39 -31.69
CA GLU A 21 29.89 2.49 -32.31
C GLU A 21 29.47 3.50 -31.23
N ILE A 22 28.72 3.01 -30.26
CA ILE A 22 28.25 3.86 -29.18
C ILE A 22 29.44 4.58 -28.55
N LEU A 23 29.25 5.87 -28.31
CA LEU A 23 30.30 6.68 -27.71
C LEU A 23 29.74 7.39 -26.46
N GLU A 24 30.65 8.01 -25.73
CA GLU A 24 30.26 8.72 -24.52
C GLU A 24 29.89 7.72 -23.42
N MET A 25 30.90 7.31 -22.67
CA MET A 25 30.69 6.36 -21.59
C MET A 25 29.72 6.92 -20.55
N PRO A 26 29.08 5.99 -19.80
CA PRO A 26 28.12 6.37 -18.78
C PRO A 26 28.82 6.93 -17.54
N PRO A 27 28.12 7.86 -16.84
CA PRO A 27 28.67 8.48 -15.65
C PRO A 27 28.63 7.50 -14.47
N GLU A 28 28.96 8.04 -13.30
CA GLU A 28 28.95 7.23 -12.09
C GLU A 28 28.92 8.14 -10.85
N LYS A 29 28.65 7.52 -9.71
CA LYS A 29 28.58 8.25 -8.46
C LYS A 29 27.47 9.30 -8.55
N ALA A 30 27.88 10.55 -8.66
CA ALA A 30 26.94 11.65 -8.75
C ALA A 30 26.25 11.83 -7.40
N ASP A 31 25.33 12.79 -7.37
CA ASP A 31 24.58 13.08 -6.16
C ASP A 31 25.57 13.30 -5.00
N GLY A 32 26.03 14.54 -4.90
CA GLY A 32 26.99 14.90 -3.86
C GLY A 32 27.05 16.42 -3.68
N VAL A 33 27.62 17.07 -4.68
CA VAL A 33 27.76 18.52 -4.65
C VAL A 33 26.61 19.15 -5.42
N VAL A 34 25.51 19.37 -4.70
CA VAL A 34 24.33 19.97 -5.31
C VAL A 34 23.52 20.68 -4.23
N GLU A 35 22.91 21.80 -4.62
CA GLU A 35 22.11 22.59 -3.70
C GLU A 35 21.30 21.66 -2.79
N GLY A 36 21.18 22.08 -1.54
CA GLY A 36 20.43 21.31 -0.56
C GLY A 36 19.10 20.84 -1.14
N ILE A 37 18.10 21.70 -1.01
CA ILE A 37 16.77 21.39 -1.51
C ILE A 37 16.86 21.09 -3.01
N ASP A 38 16.08 20.10 -3.43
CA ASP A 38 16.06 19.70 -4.83
C ASP A 38 14.84 18.82 -5.09
N VAL A 39 14.59 18.56 -6.36
CA VAL A 39 13.46 17.74 -6.76
C VAL A 39 12.32 17.92 -5.74
N ASN A 40 11.51 18.93 -6.00
CA ASN A 40 10.39 19.22 -5.12
C ASN A 40 10.91 19.58 -3.73
N GLY A 41 10.02 20.14 -2.93
CA GLY A 41 10.37 20.53 -1.57
C GLY A 41 10.79 19.32 -0.74
N PRO A 42 10.23 19.24 0.50
CA PRO A 42 10.54 18.14 1.39
C PRO A 42 9.82 16.87 0.95
N LYS A 43 10.54 15.75 1.08
CA LYS A 43 9.98 14.46 0.71
C LYS A 43 8.65 14.25 1.44
N ALA A 44 7.98 13.17 1.07
CA ALA A 44 6.69 12.84 1.68
C ALA A 44 6.88 11.68 2.65
N GLN A 45 6.59 11.95 3.91
CA GLN A 45 6.72 10.94 4.94
C GLN A 45 5.41 10.15 5.09
N LEU A 46 5.51 8.86 4.82
CA LEU A 46 4.35 7.99 4.91
C LEU A 46 4.62 6.88 5.94
N MET A 47 3.75 6.82 6.93
CA MET A 47 3.89 5.81 7.97
C MET A 47 3.17 4.52 7.59
N LEU A 48 3.90 3.42 7.65
CA LEU A 48 3.34 2.13 7.32
C LEU A 48 2.96 1.39 8.60
N ARG A 49 1.68 1.06 8.71
CA ARG A 49 1.18 0.36 9.88
C ARG A 49 0.62 -1.01 9.48
N TYR A 50 1.43 -2.03 9.69
CA TYR A 50 1.04 -3.38 9.36
C TYR A 50 0.06 -3.94 10.41
N PRO A 51 -0.72 -4.96 9.97
CA PRO A 51 -1.70 -5.59 10.84
C PRO A 51 -1.02 -6.50 11.86
N ASP A 52 0.27 -6.73 11.62
CA ASP A 52 1.05 -7.59 12.50
C ASP A 52 1.61 -6.75 13.65
N GLY A 53 0.75 -5.92 14.22
CA GLY A 53 1.15 -5.07 15.32
C GLY A 53 2.52 -4.45 15.07
N LYS A 54 2.86 -4.34 13.79
CA LYS A 54 4.14 -3.77 13.41
C LYS A 54 3.90 -2.59 12.47
N ARG A 55 4.86 -1.67 12.48
CA ARG A 55 4.76 -0.49 11.63
C ARG A 55 6.15 -0.12 11.09
N GLU A 56 6.16 0.89 10.24
CA GLU A 56 7.40 1.36 9.63
C GLU A 56 7.17 2.67 8.88
N GLN A 57 7.99 3.65 9.21
CA GLN A 57 7.89 4.95 8.57
C GLN A 57 8.89 5.05 7.40
N ILE A 58 8.36 5.45 6.26
CA ILE A 58 9.18 5.59 5.07
C ILE A 58 9.02 7.00 4.51
N THR A 59 9.98 7.39 3.68
CA THR A 59 9.96 8.70 3.07
C THR A 59 10.02 8.59 1.55
N LEU A 60 8.93 8.97 0.90
CA LEU A 60 8.85 8.92 -0.54
C LEU A 60 8.59 10.32 -1.09
N PRO A 61 8.95 10.52 -2.39
CA PRO A 61 8.75 11.80 -3.04
C PRO A 61 7.28 12.02 -3.39
N GLU A 62 6.78 13.19 -3.03
CA GLU A 62 5.39 13.54 -3.31
C GLU A 62 4.99 13.04 -4.70
N GLN A 63 5.81 13.41 -5.67
CA GLN A 63 5.56 13.02 -7.05
C GLN A 63 5.38 11.51 -7.15
N ALA A 64 6.12 10.80 -6.30
CA ALA A 64 6.05 9.35 -6.28
C ALA A 64 4.61 8.90 -6.48
N LYS A 65 4.43 7.93 -7.36
CA LYS A 65 3.10 7.40 -7.64
C LYS A 65 2.60 6.62 -6.43
N LEU A 66 1.31 6.75 -6.16
CA LEU A 66 0.70 6.07 -5.04
C LEU A 66 1.11 4.59 -5.07
N LEU A 67 1.40 4.11 -6.27
CA LEU A 67 1.80 2.73 -6.45
C LEU A 67 3.13 2.50 -5.74
N ALA A 68 3.96 3.54 -5.76
CA ALA A 68 5.27 3.46 -5.13
C ALA A 68 5.11 2.98 -3.68
N LEU A 69 4.14 3.59 -3.00
CA LEU A 69 3.87 3.23 -1.62
C LEU A 69 3.27 1.82 -1.56
N VAL A 70 2.57 1.48 -2.64
CA VAL A 70 1.94 0.17 -2.72
C VAL A 70 3.02 -0.90 -2.91
N LYS A 71 3.94 -0.61 -3.82
CA LYS A 71 5.02 -1.54 -4.11
C LYS A 71 5.80 -1.82 -2.82
N HIS A 72 5.96 -0.77 -2.02
CA HIS A 72 6.68 -0.89 -0.77
C HIS A 72 6.03 -1.97 0.10
N VAL A 73 4.77 -1.73 0.45
CA VAL A 73 4.03 -2.66 1.27
C VAL A 73 3.94 -4.02 0.54
N GLN A 74 4.16 -3.96 -0.76
CA GLN A 74 4.11 -5.17 -1.58
C GLN A 74 5.33 -6.04 -1.31
N SER A 75 6.50 -5.42 -1.41
CA SER A 75 7.75 -6.12 -1.19
C SER A 75 7.91 -6.44 0.31
N LYS A 76 7.33 -5.58 1.12
CA LYS A 76 7.40 -5.73 2.57
C LYS A 76 6.81 -7.09 2.95
N GLY A 77 5.67 -7.40 2.35
CA GLY A 77 5.00 -8.66 2.63
C GLY A 77 3.48 -8.48 2.67
N TYR A 78 2.98 -7.73 1.70
CA TYR A 78 1.56 -7.46 1.60
C TYR A 78 1.17 -6.99 0.20
N PRO A 79 0.65 -7.94 -0.60
CA PRO A 79 0.23 -7.64 -1.96
C PRO A 79 -1.09 -6.87 -1.98
N ASN A 80 -1.06 -5.72 -2.66
CA ASN A 80 -2.24 -4.89 -2.75
C ASN A 80 -3.47 -5.76 -2.93
N GLU A 81 -3.51 -6.47 -4.06
CA GLU A 81 -4.62 -7.35 -4.36
C GLU A 81 -5.15 -8.00 -3.08
N ARG A 82 -4.22 -8.28 -2.18
CA ARG A 82 -4.57 -8.90 -0.91
C ARG A 82 -4.87 -7.83 0.15
N PHE A 83 -3.82 -7.26 0.69
CA PHE A 83 -3.96 -6.24 1.71
C PHE A 83 -4.07 -4.85 1.06
N GLU A 84 -4.98 -4.05 1.61
CA GLU A 84 -5.20 -2.71 1.11
C GLU A 84 -4.58 -1.68 2.05
N LEU A 85 -4.11 -0.59 1.47
CA LEU A 85 -3.49 0.48 2.25
C LEU A 85 -4.54 1.55 2.54
N LEU A 86 -4.65 1.89 3.82
CA LEU A 86 -5.61 2.90 4.24
C LEU A 86 -4.84 4.13 4.72
N THR A 87 -5.61 5.19 5.01
CA THR A 87 -5.02 6.43 5.48
C THR A 87 -5.41 6.68 6.94
N ASN A 88 -5.02 7.84 7.43
CA ASN A 88 -5.32 8.22 8.80
C ASN A 88 -6.70 8.87 8.86
N PHE A 89 -6.89 9.85 7.99
CA PHE A 89 -8.15 10.57 7.92
C PHE A 89 -8.13 11.61 6.81
N PRO A 90 -9.24 11.64 6.02
CA PRO A 90 -10.34 10.72 6.26
C PRO A 90 -10.00 9.32 5.77
N ARG A 91 -10.72 8.35 6.32
CA ARG A 91 -10.49 6.95 5.96
C ARG A 91 -10.70 6.75 4.46
N ARG A 92 -9.59 6.56 3.76
CA ARG A 92 -9.65 6.36 2.32
C ARG A 92 -8.79 5.15 1.92
N LYS A 93 -9.43 4.22 1.21
CA LYS A 93 -8.74 3.02 0.77
C LYS A 93 -7.84 3.37 -0.42
N LEU A 94 -6.58 3.63 -0.11
CA LEU A 94 -5.61 3.97 -1.13
C LEU A 94 -5.68 2.95 -2.26
N SER A 95 -6.45 3.29 -3.28
CA SER A 95 -6.62 2.41 -4.42
C SER A 95 -7.70 2.96 -5.35
N HIS A 96 -8.88 3.16 -4.79
CA HIS A 96 -10.00 3.68 -5.55
C HIS A 96 -9.53 4.85 -6.42
N LEU A 97 -8.97 5.84 -5.75
CA LEU A 97 -8.47 7.03 -6.45
C LEU A 97 -7.74 6.59 -7.72
N ASP A 98 -6.44 6.39 -7.58
CA ASP A 98 -5.62 5.97 -8.69
C ASP A 98 -4.18 5.78 -8.23
N TYR A 99 -3.49 4.85 -8.87
CA TYR A 99 -2.11 4.57 -8.53
C TYR A 99 -1.15 5.34 -9.44
N ASP A 100 -1.73 6.18 -10.29
CA ASP A 100 -0.94 6.97 -11.21
C ASP A 100 -0.76 8.38 -10.65
N ILE A 101 -1.51 8.65 -9.58
CA ILE A 101 -1.44 9.95 -8.94
C ILE A 101 -0.19 10.02 -8.06
N THR A 102 0.11 11.23 -7.61
CA THR A 102 1.27 11.45 -6.77
C THR A 102 0.88 11.40 -5.29
N LEU A 103 1.86 11.05 -4.47
CA LEU A 103 1.63 10.96 -3.03
C LEU A 103 0.79 12.16 -2.59
N GLN A 104 0.91 13.25 -3.33
CA GLN A 104 0.18 14.46 -3.02
C GLN A 104 -1.29 14.30 -3.42
N GLU A 105 -1.49 13.93 -4.68
CA GLU A 105 -2.83 13.74 -5.19
C GLU A 105 -3.66 12.87 -4.24
N ALA A 106 -3.07 11.75 -3.84
CA ALA A 106 -3.72 10.84 -2.95
C ALA A 106 -4.13 11.59 -1.67
N GLY A 107 -3.47 12.71 -1.46
CA GLY A 107 -3.76 13.53 -0.28
C GLY A 107 -2.94 13.05 0.92
N LEU A 108 -1.79 12.48 0.63
CA LEU A 108 -0.91 11.98 1.67
C LEU A 108 0.08 13.08 2.07
N CYS A 109 0.64 13.73 1.05
CA CYS A 109 1.59 14.81 1.27
C CYS A 109 0.95 15.83 2.21
N PRO A 110 1.81 16.50 3.02
CA PRO A 110 3.25 16.24 2.96
C PRO A 110 3.58 14.91 3.64
N GLN A 111 2.82 14.61 4.69
CA GLN A 111 3.04 13.39 5.44
C GLN A 111 1.70 12.80 5.87
N GLU A 112 1.55 11.50 5.66
CA GLU A 112 0.33 10.80 6.04
C GLU A 112 0.66 9.45 6.65
N THR A 113 -0.35 8.86 7.28
CA THR A 113 -0.18 7.56 7.91
C THR A 113 -0.90 6.47 7.10
N VAL A 114 -0.09 5.65 6.45
CA VAL A 114 -0.62 4.57 5.65
C VAL A 114 -0.76 3.31 6.51
N PHE A 115 -2.01 2.88 6.68
CA PHE A 115 -2.30 1.70 7.47
C PHE A 115 -2.64 0.51 6.57
N VAL A 116 -1.97 -0.60 6.83
CA VAL A 116 -2.20 -1.81 6.06
C VAL A 116 -3.39 -2.57 6.64
N GLN A 117 -4.26 -3.03 5.76
CA GLN A 117 -5.44 -3.77 6.17
C GLN A 117 -5.77 -4.85 5.15
N GLU A 118 -6.38 -5.91 5.64
CA GLU A 118 -6.77 -7.03 4.78
C GLU A 118 -7.97 -6.65 3.93
N SER A 119 -7.80 -6.79 2.62
CA SER A 119 -8.87 -6.46 1.69
C SER A 119 -9.85 -7.63 1.60
N GLY A 120 -11.10 -7.28 1.28
CA GLY A 120 -12.14 -8.29 1.17
C GLY A 120 -11.90 -9.19 -0.05
N PRO A 121 -13.03 -9.64 -0.66
CA PRO A 121 -12.96 -10.50 -1.83
C PRO A 121 -12.57 -9.70 -3.07
N SER A 122 -11.42 -10.06 -3.63
CA SER A 122 -10.92 -9.39 -4.81
C SER A 122 -11.55 -10.01 -6.06
N SER A 123 -11.34 -9.33 -7.19
CA SER A 123 -11.87 -9.81 -8.45
C SER A 123 -10.74 -10.18 -9.40
N GLY A 124 -10.88 -11.35 -10.01
CA GLY A 124 -9.88 -11.83 -10.94
C GLY A 124 -8.76 -12.57 -10.20
N GLY A 1 -24.06 23.23 55.47
CA GLY A 1 -24.17 21.87 54.96
C GLY A 1 -22.80 21.19 54.93
N SER A 2 -22.82 19.91 54.59
CA SER A 2 -21.59 19.13 54.51
C SER A 2 -21.91 17.67 54.16
N SER A 3 -20.86 16.93 53.85
CA SER A 3 -21.02 15.53 53.51
C SER A 3 -21.77 15.41 52.17
N GLY A 4 -21.50 14.30 51.49
CA GLY A 4 -22.14 14.04 50.21
C GLY A 4 -21.35 13.00 49.40
N SER A 5 -22.09 12.09 48.79
CA SER A 5 -21.47 11.05 47.99
C SER A 5 -22.56 10.20 47.32
N SER A 6 -22.11 9.34 46.42
CA SER A 6 -23.03 8.47 45.70
C SER A 6 -22.24 7.38 44.95
N GLY A 7 -22.99 6.42 44.42
CA GLY A 7 -22.37 5.33 43.69
C GLY A 7 -23.20 4.96 42.46
N THR A 8 -22.70 4.01 41.70
CA THR A 8 -23.38 3.56 40.49
C THR A 8 -22.86 2.17 40.08
N ALA A 9 -23.61 1.56 39.17
CA ALA A 9 -23.25 0.23 38.68
C ALA A 9 -23.61 0.13 37.20
N THR A 10 -23.24 -1.01 36.61
CA THR A 10 -23.53 -1.25 35.20
C THR A 10 -23.16 -2.67 34.83
N ASN A 11 -23.74 -3.13 33.72
CA ASN A 11 -23.49 -4.47 33.24
C ASN A 11 -23.48 -4.48 31.71
N HIS A 12 -22.99 -5.57 31.15
CA HIS A 12 -22.93 -5.71 29.71
C HIS A 12 -22.64 -7.17 29.34
N GLN A 13 -22.62 -7.43 28.04
CA GLN A 13 -22.34 -8.77 27.55
C GLN A 13 -21.50 -8.70 26.28
N GLY A 14 -21.03 -9.88 25.86
CA GLY A 14 -20.21 -9.97 24.68
C GLY A 14 -20.59 -11.19 23.83
N LEU A 15 -20.81 -10.94 22.55
CA LEU A 15 -21.19 -11.99 21.63
C LEU A 15 -20.02 -12.28 20.68
N PRO A 16 -20.07 -13.49 20.07
CA PRO A 16 -19.03 -13.91 19.14
C PRO A 16 -19.17 -13.17 17.80
N ALA A 17 -18.25 -13.48 16.89
CA ALA A 17 -18.24 -12.87 15.58
C ALA A 17 -18.25 -13.96 14.51
N VAL A 18 -18.93 -13.66 13.41
CA VAL A 18 -19.02 -14.62 12.32
C VAL A 18 -18.95 -13.85 10.99
N ASP A 19 -18.35 -14.50 10.00
CA ASP A 19 -18.21 -13.90 8.69
C ASP A 19 -17.86 -14.99 7.66
N SER A 20 -18.12 -14.68 6.40
CA SER A 20 -17.83 -15.62 5.33
C SER A 20 -16.34 -15.93 5.29
N GLU A 21 -16.02 -17.20 5.37
CA GLU A 21 -14.62 -17.64 5.36
C GLU A 21 -14.16 -17.82 3.90
N ILE A 22 -14.88 -18.67 3.19
CA ILE A 22 -14.54 -18.94 1.80
C ILE A 22 -14.67 -17.65 0.98
N LEU A 23 -13.66 -17.40 0.17
CA LEU A 23 -13.65 -16.22 -0.68
C LEU A 23 -12.94 -16.53 -1.99
N GLU A 24 -13.54 -16.06 -3.08
CA GLU A 24 -12.97 -16.28 -4.40
C GLU A 24 -13.15 -15.04 -5.26
N MET A 25 -12.56 -13.94 -4.79
CA MET A 25 -12.63 -12.68 -5.52
C MET A 25 -11.86 -12.75 -6.83
N PRO A 26 -12.36 -11.98 -7.83
CA PRO A 26 -11.72 -11.95 -9.14
C PRO A 26 -10.43 -11.13 -9.10
N PRO A 27 -9.40 -11.66 -9.81
CA PRO A 27 -8.11 -11.00 -9.87
C PRO A 27 -8.16 -9.77 -10.78
N GLU A 28 -7.02 -9.08 -10.87
CA GLU A 28 -6.92 -7.89 -11.70
C GLU A 28 -5.49 -7.38 -11.72
N LYS A 29 -4.84 -7.57 -12.86
CA LYS A 29 -3.46 -7.13 -13.02
C LYS A 29 -3.40 -5.61 -12.86
N ALA A 30 -3.26 -4.93 -13.98
CA ALA A 30 -3.18 -3.48 -13.98
C ALA A 30 -1.92 -3.04 -13.26
N ASP A 31 -0.82 -3.04 -13.99
CA ASP A 31 0.46 -2.66 -13.43
C ASP A 31 1.45 -2.38 -14.56
N GLY A 32 1.99 -1.18 -14.56
CA GLY A 32 2.94 -0.77 -15.58
C GLY A 32 4.23 -0.26 -14.94
N VAL A 33 5.31 -0.30 -15.74
CA VAL A 33 6.60 0.15 -15.26
C VAL A 33 6.82 1.60 -15.72
N VAL A 34 6.29 2.52 -14.93
CA VAL A 34 6.43 3.93 -15.23
C VAL A 34 6.86 4.68 -13.97
N GLU A 35 8.07 4.38 -13.53
CA GLU A 35 8.61 5.01 -12.34
C GLU A 35 9.95 5.68 -12.65
N GLY A 36 10.28 6.70 -11.86
CA GLY A 36 11.52 7.42 -12.06
C GLY A 36 11.67 8.53 -11.01
N ILE A 37 12.33 8.18 -9.91
CA ILE A 37 12.55 9.13 -8.84
C ILE A 37 13.21 10.38 -9.40
N ASP A 38 13.29 11.40 -8.55
CA ASP A 38 13.91 12.66 -8.95
C ASP A 38 13.80 13.66 -7.81
N VAL A 39 14.85 13.70 -7.00
CA VAL A 39 14.88 14.61 -5.86
C VAL A 39 14.28 15.96 -6.27
N ASN A 40 13.28 16.39 -5.51
CA ASN A 40 12.62 17.65 -5.78
C ASN A 40 11.61 17.94 -4.67
N GLY A 41 11.72 19.15 -4.12
CA GLY A 41 10.83 19.57 -3.05
C GLY A 41 10.99 18.67 -1.83
N PRO A 42 10.16 18.96 -0.78
CA PRO A 42 10.21 18.19 0.44
C PRO A 42 9.53 16.82 0.24
N LYS A 43 10.28 15.78 0.60
CA LYS A 43 9.78 14.42 0.47
C LYS A 43 8.49 14.29 1.29
N ALA A 44 7.90 13.10 1.21
CA ALA A 44 6.68 12.82 1.94
C ALA A 44 6.91 11.64 2.89
N GLN A 45 6.73 11.90 4.17
CA GLN A 45 6.90 10.88 5.19
C GLN A 45 5.63 10.06 5.34
N LEU A 46 5.75 8.76 5.11
CA LEU A 46 4.61 7.86 5.24
C LEU A 46 4.89 6.84 6.33
N MET A 47 3.84 6.51 7.06
CA MET A 47 3.95 5.54 8.15
C MET A 47 3.15 4.28 7.84
N LEU A 48 3.86 3.28 7.31
CA LEU A 48 3.24 2.02 6.97
C LEU A 48 2.87 1.27 8.25
N ARG A 49 1.57 1.08 8.44
CA ARG A 49 1.07 0.38 9.62
C ARG A 49 0.48 -0.97 9.22
N TYR A 50 1.25 -2.02 9.46
CA TYR A 50 0.82 -3.36 9.13
C TYR A 50 -0.26 -3.83 10.11
N PRO A 51 -1.09 -4.80 9.62
CA PRO A 51 -2.17 -5.34 10.43
C PRO A 51 -1.62 -6.31 11.48
N ASP A 52 -0.31 -6.51 11.43
CA ASP A 52 0.35 -7.40 12.36
C ASP A 52 0.70 -6.64 13.63
N GLY A 53 0.20 -5.41 13.71
CA GLY A 53 0.45 -4.56 14.86
C GLY A 53 1.76 -3.80 14.71
N LYS A 54 2.59 -4.29 13.78
CA LYS A 54 3.87 -3.66 13.52
C LYS A 54 3.70 -2.53 12.52
N ARG A 55 4.58 -1.55 12.61
CA ARG A 55 4.53 -0.40 11.71
C ARG A 55 5.94 -0.02 11.26
N GLU A 56 6.00 0.90 10.31
CA GLU A 56 7.27 1.36 9.79
C GLU A 56 7.08 2.68 9.04
N GLN A 57 8.05 3.57 9.23
CA GLN A 57 8.01 4.87 8.57
C GLN A 57 8.96 4.90 7.38
N ILE A 58 8.57 5.66 6.37
CA ILE A 58 9.38 5.78 5.17
C ILE A 58 9.28 7.21 4.63
N THR A 59 10.06 7.48 3.60
CA THR A 59 10.07 8.79 2.99
C THR A 59 10.05 8.66 1.46
N LEU A 60 8.91 9.00 0.87
CA LEU A 60 8.77 8.93 -0.57
C LEU A 60 8.52 10.33 -1.12
N PRO A 61 8.76 10.48 -2.46
CA PRO A 61 8.57 11.76 -3.11
C PRO A 61 7.09 12.05 -3.32
N GLU A 62 6.76 13.34 -3.30
CA GLU A 62 5.39 13.77 -3.48
C GLU A 62 4.92 13.47 -4.90
N GLN A 63 5.89 13.31 -5.80
CA GLN A 63 5.59 13.01 -7.18
C GLN A 63 5.47 11.50 -7.40
N ALA A 64 6.06 10.75 -6.47
CA ALA A 64 6.03 9.31 -6.55
C ALA A 64 4.57 8.84 -6.67
N LYS A 65 4.36 7.92 -7.60
CA LYS A 65 3.02 7.39 -7.82
C LYS A 65 2.57 6.61 -6.59
N LEU A 66 1.30 6.78 -6.26
CA LEU A 66 0.72 6.11 -5.10
C LEU A 66 1.11 4.63 -5.13
N LEU A 67 1.30 4.13 -6.34
CA LEU A 67 1.66 2.73 -6.52
C LEU A 67 3.02 2.48 -5.87
N ALA A 68 3.84 3.51 -5.87
CA ALA A 68 5.17 3.42 -5.28
C ALA A 68 5.05 2.99 -3.82
N LEU A 69 4.14 3.65 -3.11
CA LEU A 69 3.92 3.34 -1.72
C LEU A 69 3.35 1.93 -1.59
N VAL A 70 2.54 1.56 -2.56
CA VAL A 70 1.93 0.24 -2.58
C VAL A 70 3.01 -0.81 -2.83
N LYS A 71 3.87 -0.52 -3.80
CA LYS A 71 4.95 -1.42 -4.13
C LYS A 71 5.85 -1.63 -2.91
N HIS A 72 5.92 -0.59 -2.10
CA HIS A 72 6.74 -0.64 -0.89
C HIS A 72 6.21 -1.73 0.03
N VAL A 73 5.01 -1.49 0.54
CA VAL A 73 4.38 -2.44 1.44
C VAL A 73 4.35 -3.82 0.79
N GLN A 74 4.24 -3.81 -0.53
CA GLN A 74 4.19 -5.05 -1.29
C GLN A 74 5.45 -5.89 -1.01
N SER A 75 6.59 -5.26 -1.23
CA SER A 75 7.87 -5.93 -1.01
C SER A 75 8.07 -6.20 0.48
N LYS A 76 7.32 -5.45 1.29
CA LYS A 76 7.41 -5.61 2.74
C LYS A 76 6.77 -6.94 3.15
N GLY A 77 5.66 -7.25 2.50
CA GLY A 77 4.95 -8.49 2.78
C GLY A 77 3.43 -8.25 2.84
N TYR A 78 2.94 -7.54 1.84
CA TYR A 78 1.52 -7.24 1.76
C TYR A 78 1.13 -6.80 0.35
N PRO A 79 0.56 -7.76 -0.41
CA PRO A 79 0.13 -7.48 -1.78
C PRO A 79 -1.15 -6.65 -1.79
N ASN A 80 -1.14 -5.61 -2.61
CA ASN A 80 -2.30 -4.73 -2.74
C ASN A 80 -3.56 -5.58 -2.94
N GLU A 81 -3.58 -6.27 -4.08
CA GLU A 81 -4.72 -7.12 -4.42
C GLU A 81 -5.25 -7.80 -3.15
N ARG A 82 -4.35 -8.07 -2.23
CA ARG A 82 -4.71 -8.71 -0.98
C ARG A 82 -5.04 -7.66 0.08
N PHE A 83 -3.98 -7.04 0.60
CA PHE A 83 -4.14 -6.03 1.62
C PHE A 83 -4.15 -4.62 1.00
N GLU A 84 -4.94 -3.75 1.60
CA GLU A 84 -5.04 -2.38 1.12
C GLU A 84 -4.45 -1.42 2.15
N LEU A 85 -4.08 -0.24 1.67
CA LEU A 85 -3.51 0.77 2.53
C LEU A 85 -4.54 1.88 2.77
N LEU A 86 -4.57 2.37 4.00
CA LEU A 86 -5.49 3.42 4.37
C LEU A 86 -4.72 4.57 5.02
N THR A 87 -5.44 5.65 5.28
CA THR A 87 -4.83 6.82 5.89
C THR A 87 -5.39 7.03 7.30
N ASN A 88 -4.99 8.15 7.90
CA ASN A 88 -5.44 8.47 9.24
C ASN A 88 -6.81 9.16 9.17
N PHE A 89 -7.29 9.58 10.33
CA PHE A 89 -8.57 10.26 10.41
C PHE A 89 -8.83 11.11 9.16
N PRO A 90 -10.09 11.04 8.66
CA PRO A 90 -11.10 10.20 9.29
C PRO A 90 -10.85 8.71 8.98
N ARG A 91 -10.55 8.46 7.73
CA ARG A 91 -10.29 7.09 7.28
C ARG A 91 -10.23 7.02 5.76
N ARG A 92 -9.37 7.85 5.20
CA ARG A 92 -9.20 7.91 3.76
C ARG A 92 -8.51 6.63 3.26
N LYS A 93 -8.80 6.28 2.02
CA LYS A 93 -8.21 5.10 1.41
C LYS A 93 -7.53 5.49 0.10
N LEU A 94 -6.50 4.73 -0.24
CA LEU A 94 -5.75 4.98 -1.46
C LEU A 94 -5.75 3.72 -2.32
N SER A 95 -6.78 3.60 -3.13
CA SER A 95 -6.92 2.45 -4.02
C SER A 95 -8.01 2.71 -5.06
N HIS A 96 -9.09 3.31 -4.60
CA HIS A 96 -10.21 3.62 -5.47
C HIS A 96 -9.82 4.74 -6.43
N LEU A 97 -9.32 5.83 -5.86
CA LEU A 97 -8.91 6.97 -6.65
C LEU A 97 -8.12 6.48 -7.87
N ASP A 98 -6.81 6.36 -7.68
CA ASP A 98 -5.95 5.91 -8.76
C ASP A 98 -4.54 5.72 -8.22
N TYR A 99 -3.78 4.87 -8.90
CA TYR A 99 -2.41 4.59 -8.51
C TYR A 99 -1.42 5.27 -9.44
N ASP A 100 -1.96 6.08 -10.34
CA ASP A 100 -1.14 6.79 -11.30
C ASP A 100 -0.95 8.24 -10.83
N ILE A 101 -1.71 8.59 -9.80
CA ILE A 101 -1.64 9.93 -9.24
C ILE A 101 -0.31 10.09 -8.49
N THR A 102 -0.20 11.20 -7.78
CA THR A 102 0.99 11.49 -7.01
C THR A 102 0.70 11.42 -5.50
N LEU A 103 1.72 11.06 -4.75
CA LEU A 103 1.60 10.94 -3.31
C LEU A 103 0.73 12.09 -2.79
N GLN A 104 0.79 13.20 -3.51
CA GLN A 104 0.03 14.38 -3.13
C GLN A 104 -1.46 14.16 -3.44
N GLU A 105 -1.73 13.81 -4.68
CA GLU A 105 -3.09 13.57 -5.11
C GLU A 105 -3.83 12.69 -4.09
N ALA A 106 -3.23 11.54 -3.81
CA ALA A 106 -3.81 10.62 -2.86
C ALA A 106 -4.05 11.33 -1.52
N GLY A 107 -3.26 12.36 -1.29
CA GLY A 107 -3.37 13.14 -0.06
C GLY A 107 -2.45 12.60 1.02
N LEU A 108 -1.39 11.93 0.58
CA LEU A 108 -0.43 11.35 1.50
C LEU A 108 0.76 12.31 1.65
N CYS A 109 0.50 13.58 1.38
CA CYS A 109 1.52 14.60 1.48
C CYS A 109 0.99 15.73 2.36
N PRO A 110 1.94 16.37 3.11
CA PRO A 110 3.33 15.97 3.05
C PRO A 110 3.56 14.66 3.81
N GLN A 111 3.14 14.66 5.07
CA GLN A 111 3.30 13.49 5.91
C GLN A 111 1.93 12.90 6.25
N GLU A 112 1.80 11.61 6.01
CA GLU A 112 0.56 10.91 6.28
C GLU A 112 0.84 9.52 6.85
N THR A 113 -0.12 9.02 7.61
CA THR A 113 0.01 7.70 8.22
C THR A 113 -0.75 6.66 7.40
N VAL A 114 0.02 5.72 6.85
CA VAL A 114 -0.56 4.66 6.04
C VAL A 114 -0.93 3.48 6.93
N PHE A 115 -1.93 2.73 6.51
CA PHE A 115 -2.38 1.57 7.26
C PHE A 115 -2.78 0.43 6.32
N VAL A 116 -1.97 -0.62 6.35
CA VAL A 116 -2.22 -1.79 5.51
C VAL A 116 -3.28 -2.66 6.17
N GLN A 117 -4.46 -2.65 5.58
CA GLN A 117 -5.57 -3.45 6.10
C GLN A 117 -5.95 -4.54 5.10
N GLU A 118 -6.63 -5.55 5.62
CA GLU A 118 -7.06 -6.67 4.79
C GLU A 118 -8.18 -6.23 3.84
N SER A 119 -7.88 -6.30 2.55
CA SER A 119 -8.84 -5.92 1.54
C SER A 119 -9.89 -7.02 1.35
N GLY A 120 -10.92 -6.69 0.60
CA GLY A 120 -11.99 -7.65 0.33
C GLY A 120 -12.62 -7.41 -1.04
N PRO A 121 -13.96 -7.61 -1.10
CA PRO A 121 -14.70 -7.41 -2.34
C PRO A 121 -14.87 -5.92 -2.65
N SER A 122 -15.32 -5.65 -3.86
CA SER A 122 -15.54 -4.28 -4.29
C SER A 122 -14.20 -3.54 -4.37
N SER A 123 -14.26 -2.35 -4.96
CA SER A 123 -13.05 -1.54 -5.10
C SER A 123 -12.01 -2.29 -5.95
N GLY A 124 -11.85 -1.81 -7.17
CA GLY A 124 -10.90 -2.41 -8.09
C GLY A 124 -9.67 -1.52 -8.28
N GLY A 1 -78.74 4.04 -17.45
CA GLY A 1 -77.40 3.53 -17.20
C GLY A 1 -76.97 2.56 -18.30
N SER A 2 -75.77 2.03 -18.15
CA SER A 2 -75.23 1.09 -19.12
C SER A 2 -73.87 0.56 -18.64
N SER A 3 -73.39 -0.45 -19.34
CA SER A 3 -72.11 -1.05 -19.00
C SER A 3 -71.72 -2.08 -20.07
N GLY A 4 -70.48 -2.54 -19.97
CA GLY A 4 -69.97 -3.52 -20.91
C GLY A 4 -69.31 -4.70 -20.18
N SER A 5 -68.45 -5.40 -20.91
CA SER A 5 -67.74 -6.53 -20.34
C SER A 5 -66.60 -6.95 -21.27
N SER A 6 -65.76 -7.84 -20.76
CA SER A 6 -64.62 -8.32 -21.52
C SER A 6 -63.99 -9.51 -20.82
N GLY A 7 -63.08 -10.17 -21.52
CA GLY A 7 -62.39 -11.33 -20.98
C GLY A 7 -60.94 -11.38 -21.45
N THR A 8 -60.17 -12.24 -20.81
CA THR A 8 -58.76 -12.39 -21.14
C THR A 8 -58.14 -13.54 -20.35
N ALA A 9 -56.98 -14.00 -20.82
CA ALA A 9 -56.29 -15.08 -20.17
C ALA A 9 -54.78 -14.82 -20.23
N THR A 10 -54.09 -15.26 -19.19
CA THR A 10 -52.65 -15.09 -19.11
C THR A 10 -52.08 -15.89 -17.94
N ASN A 11 -50.81 -16.24 -18.08
CA ASN A 11 -50.13 -17.01 -17.04
C ASN A 11 -49.20 -16.08 -16.26
N HIS A 12 -48.74 -16.58 -15.13
CA HIS A 12 -47.84 -15.81 -14.28
C HIS A 12 -47.24 -16.72 -13.21
N GLN A 13 -46.32 -16.15 -12.44
CA GLN A 13 -45.67 -16.90 -11.39
C GLN A 13 -45.44 -16.00 -10.17
N GLY A 14 -45.34 -16.63 -9.01
CA GLY A 14 -45.12 -15.91 -7.76
C GLY A 14 -43.85 -16.39 -7.06
N LEU A 15 -42.72 -15.95 -7.60
CA LEU A 15 -41.43 -16.33 -7.02
C LEU A 15 -40.64 -15.06 -6.68
N PRO A 16 -40.31 -14.93 -5.37
CA PRO A 16 -39.56 -13.78 -4.90
C PRO A 16 -38.09 -13.89 -5.29
N ALA A 17 -37.38 -12.77 -5.14
CA ALA A 17 -35.96 -12.74 -5.47
C ALA A 17 -35.25 -11.78 -4.53
N VAL A 18 -33.95 -11.65 -4.73
CA VAL A 18 -33.14 -10.77 -3.90
C VAL A 18 -32.05 -10.13 -4.76
N ASP A 19 -31.58 -8.98 -4.30
CA ASP A 19 -30.53 -8.26 -5.01
C ASP A 19 -29.37 -9.21 -5.30
N SER A 20 -29.27 -9.59 -6.56
CA SER A 20 -28.21 -10.50 -6.98
C SER A 20 -28.22 -10.65 -8.50
N GLU A 21 -28.38 -9.52 -9.18
CA GLU A 21 -28.40 -9.50 -10.62
C GLU A 21 -27.30 -8.59 -11.17
N ILE A 22 -26.18 -9.21 -11.50
CA ILE A 22 -25.04 -8.46 -12.03
C ILE A 22 -24.92 -7.13 -11.29
N LEU A 23 -24.13 -7.15 -10.24
CA LEU A 23 -23.92 -5.96 -9.43
C LEU A 23 -22.68 -5.22 -9.94
N GLU A 24 -22.44 -5.35 -11.23
CA GLU A 24 -21.30 -4.71 -11.86
C GLU A 24 -21.47 -3.19 -11.84
N MET A 25 -21.24 -2.62 -10.65
CA MET A 25 -21.37 -1.19 -10.48
C MET A 25 -20.09 -0.60 -9.86
N PRO A 26 -19.31 0.11 -10.73
CA PRO A 26 -18.07 0.71 -10.28
C PRO A 26 -18.34 1.97 -9.46
N PRO A 27 -17.39 2.27 -8.53
CA PRO A 27 -17.53 3.44 -7.67
C PRO A 27 -17.22 4.72 -8.44
N GLU A 28 -16.99 4.56 -9.74
CA GLU A 28 -16.68 5.69 -10.60
C GLU A 28 -17.53 6.89 -10.21
N LYS A 29 -16.84 8.00 -9.95
CA LYS A 29 -17.52 9.23 -9.57
C LYS A 29 -17.08 10.36 -10.50
N ALA A 30 -17.98 11.32 -10.68
CA ALA A 30 -17.69 12.45 -11.55
C ALA A 30 -17.14 13.61 -10.69
N ASP A 31 -16.73 14.65 -11.38
CA ASP A 31 -16.18 15.82 -10.70
C ASP A 31 -14.92 15.41 -9.94
N GLY A 32 -14.09 16.41 -9.66
CA GLY A 32 -12.85 16.17 -8.93
C GLY A 32 -11.87 17.32 -9.15
N VAL A 33 -11.08 17.58 -8.12
CA VAL A 33 -10.08 18.64 -8.19
C VAL A 33 -8.73 18.04 -8.56
N VAL A 34 -8.53 17.87 -9.86
CA VAL A 34 -7.29 17.31 -10.36
C VAL A 34 -6.67 18.29 -11.36
N GLU A 35 -6.24 19.44 -10.84
CA GLU A 35 -5.63 20.45 -11.67
C GLU A 35 -4.39 21.02 -11.00
N GLY A 36 -3.23 20.58 -11.49
CA GLY A 36 -1.96 21.03 -10.95
C GLY A 36 -2.03 21.13 -9.42
N ILE A 37 -2.10 22.35 -8.94
CA ILE A 37 -2.17 22.60 -7.50
C ILE A 37 -1.23 21.63 -6.79
N ASP A 38 0.03 22.03 -6.70
CA ASP A 38 1.03 21.20 -6.05
C ASP A 38 1.94 22.09 -5.21
N VAL A 39 2.50 21.49 -4.16
CA VAL A 39 3.39 22.22 -3.28
C VAL A 39 4.81 21.67 -3.43
N ASN A 40 5.77 22.59 -3.43
CA ASN A 40 7.16 22.22 -3.58
C ASN A 40 7.85 22.31 -2.20
N GLY A 41 8.12 21.15 -1.63
CA GLY A 41 8.77 21.09 -0.33
C GLY A 41 9.67 19.87 -0.22
N PRO A 42 9.85 19.39 1.04
CA PRO A 42 10.68 18.22 1.29
C PRO A 42 9.97 16.94 0.87
N LYS A 43 10.61 15.81 1.17
CA LYS A 43 10.04 14.52 0.83
C LYS A 43 8.78 14.28 1.66
N ALA A 44 7.99 13.31 1.23
CA ALA A 44 6.76 12.97 1.93
C ALA A 44 7.04 11.82 2.89
N GLN A 45 6.73 12.06 4.16
CA GLN A 45 6.93 11.06 5.19
C GLN A 45 5.65 10.24 5.39
N LEU A 46 5.77 8.95 5.09
CA LEU A 46 4.64 8.05 5.23
C LEU A 46 4.94 7.04 6.33
N MET A 47 3.87 6.56 6.97
CA MET A 47 4.01 5.59 8.04
C MET A 47 3.20 4.33 7.73
N LEU A 48 3.90 3.29 7.34
CA LEU A 48 3.26 2.02 7.02
C LEU A 48 2.93 1.29 8.32
N ARG A 49 1.63 1.03 8.50
CA ARG A 49 1.17 0.34 9.69
C ARG A 49 0.61 -1.03 9.31
N TYR A 50 1.38 -2.06 9.68
CA TYR A 50 0.97 -3.42 9.39
C TYR A 50 -0.10 -3.90 10.36
N PRO A 51 -0.92 -4.88 9.89
CA PRO A 51 -1.99 -5.42 10.72
C PRO A 51 -1.43 -6.37 11.78
N ASP A 52 -0.13 -6.63 11.66
CA ASP A 52 0.53 -7.52 12.61
C ASP A 52 0.81 -6.76 13.91
N GLY A 53 0.39 -5.50 13.92
CA GLY A 53 0.59 -4.66 15.09
C GLY A 53 1.84 -3.81 14.94
N LYS A 54 2.76 -4.28 14.11
CA LYS A 54 4.00 -3.58 13.87
C LYS A 54 3.78 -2.52 12.79
N ARG A 55 4.71 -1.58 12.73
CA ARG A 55 4.63 -0.51 11.75
C ARG A 55 6.04 -0.12 11.28
N GLU A 56 6.07 0.81 10.33
CA GLU A 56 7.33 1.28 9.79
C GLU A 56 7.13 2.59 9.04
N GLN A 57 8.10 3.49 9.20
CA GLN A 57 8.03 4.78 8.56
C GLN A 57 8.97 4.82 7.35
N ILE A 58 8.60 5.63 6.36
CA ILE A 58 9.38 5.76 5.15
C ILE A 58 9.31 7.20 4.65
N THR A 59 10.10 7.48 3.63
CA THR A 59 10.13 8.81 3.05
C THR A 59 10.14 8.73 1.52
N LEU A 60 9.00 9.06 0.94
CA LEU A 60 8.85 9.02 -0.51
C LEU A 60 8.56 10.44 -1.02
N PRO A 61 8.79 10.63 -2.34
CA PRO A 61 8.57 11.92 -2.97
C PRO A 61 7.07 12.17 -3.17
N GLU A 62 6.73 13.45 -3.25
CA GLU A 62 5.34 13.84 -3.42
C GLU A 62 4.86 13.49 -4.84
N GLN A 63 5.81 13.52 -5.76
CA GLN A 63 5.51 13.21 -7.15
C GLN A 63 5.43 11.69 -7.35
N ALA A 64 6.04 10.98 -6.42
CA ALA A 64 6.04 9.52 -6.48
C ALA A 64 4.60 9.02 -6.61
N LYS A 65 4.40 8.11 -7.55
CA LYS A 65 3.09 7.54 -7.79
C LYS A 65 2.66 6.74 -6.56
N LEU A 66 1.39 6.92 -6.20
CA LEU A 66 0.84 6.21 -5.05
C LEU A 66 1.31 4.76 -5.08
N LEU A 67 1.40 4.22 -6.28
CA LEU A 67 1.83 2.83 -6.46
C LEU A 67 3.18 2.63 -5.75
N ALA A 68 4.03 3.63 -5.89
CA ALA A 68 5.35 3.58 -5.28
C ALA A 68 5.21 3.14 -3.82
N LEU A 69 4.30 3.80 -3.12
CA LEU A 69 4.07 3.49 -1.72
C LEU A 69 3.40 2.12 -1.61
N VAL A 70 2.60 1.80 -2.62
CA VAL A 70 1.89 0.53 -2.65
C VAL A 70 2.91 -0.60 -2.86
N LYS A 71 3.78 -0.39 -3.84
CA LYS A 71 4.81 -1.37 -4.15
C LYS A 71 5.67 -1.60 -2.92
N HIS A 72 5.84 -0.55 -2.14
CA HIS A 72 6.64 -0.62 -0.93
C HIS A 72 6.09 -1.71 -0.01
N VAL A 73 4.91 -1.44 0.53
CA VAL A 73 4.27 -2.39 1.42
C VAL A 73 4.17 -3.75 0.74
N GLN A 74 3.95 -3.70 -0.56
CA GLN A 74 3.84 -4.92 -1.36
C GLN A 74 5.03 -5.83 -1.10
N SER A 75 6.21 -5.24 -1.18
CA SER A 75 7.44 -5.98 -0.96
C SER A 75 7.60 -6.31 0.52
N LYS A 76 7.05 -5.43 1.34
CA LYS A 76 7.12 -5.62 2.79
C LYS A 76 6.50 -6.97 3.15
N GLY A 77 5.43 -7.32 2.45
CA GLY A 77 4.75 -8.58 2.70
C GLY A 77 3.24 -8.37 2.77
N TYR A 78 2.72 -7.65 1.78
CA TYR A 78 1.30 -7.37 1.73
C TYR A 78 0.88 -6.93 0.32
N PRO A 79 0.37 -7.91 -0.47
CA PRO A 79 -0.07 -7.62 -1.82
C PRO A 79 -1.40 -6.88 -1.82
N ASN A 80 -1.43 -5.78 -2.57
CA ASN A 80 -2.63 -4.96 -2.66
C ASN A 80 -3.85 -5.88 -2.78
N GLU A 81 -3.87 -6.65 -3.86
CA GLU A 81 -4.98 -7.56 -4.10
C GLU A 81 -5.43 -8.20 -2.79
N ARG A 82 -4.48 -8.35 -1.88
CA ARG A 82 -4.76 -8.95 -0.59
C ARG A 82 -5.03 -7.86 0.45
N PHE A 83 -3.96 -7.21 0.87
CA PHE A 83 -4.07 -6.15 1.86
C PHE A 83 -4.08 -4.77 1.19
N GLU A 84 -5.03 -3.95 1.61
CA GLU A 84 -5.16 -2.61 1.05
C GLU A 84 -4.51 -1.59 1.99
N LEU A 85 -4.09 -0.48 1.39
CA LEU A 85 -3.45 0.58 2.16
C LEU A 85 -4.49 1.66 2.49
N LEU A 86 -4.50 2.05 3.75
CA LEU A 86 -5.44 3.07 4.21
C LEU A 86 -4.65 4.26 4.77
N THR A 87 -5.38 5.31 5.09
CA THR A 87 -4.78 6.51 5.62
C THR A 87 -5.32 6.81 7.03
N ASN A 88 -4.99 7.99 7.52
CA ASN A 88 -5.44 8.40 8.84
C ASN A 88 -6.80 9.06 8.73
N PHE A 89 -7.37 9.38 9.89
CA PHE A 89 -8.68 10.02 9.93
C PHE A 89 -8.90 10.90 8.71
N PRO A 90 -10.15 10.84 8.19
CA PRO A 90 -11.17 9.99 8.77
C PRO A 90 -10.92 8.53 8.42
N ARG A 91 -10.63 8.29 7.14
CA ARG A 91 -10.37 6.94 6.67
C ARG A 91 -10.50 6.88 5.15
N ARG A 92 -9.38 7.15 4.48
CA ARG A 92 -9.36 7.13 3.03
C ARG A 92 -8.61 5.90 2.54
N LYS A 93 -9.26 5.18 1.63
CA LYS A 93 -8.66 3.98 1.07
C LYS A 93 -7.87 4.34 -0.18
N LEU A 94 -6.59 3.99 -0.17
CA LEU A 94 -5.72 4.27 -1.30
C LEU A 94 -5.93 3.21 -2.37
N SER A 95 -6.96 3.42 -3.19
CA SER A 95 -7.27 2.49 -4.26
C SER A 95 -8.23 3.14 -5.25
N HIS A 96 -9.44 3.43 -4.77
CA HIS A 96 -10.45 4.05 -5.60
C HIS A 96 -9.80 5.12 -6.49
N LEU A 97 -9.13 6.06 -5.83
CA LEU A 97 -8.46 7.14 -6.54
C LEU A 97 -7.71 6.56 -7.75
N ASP A 98 -6.45 6.24 -7.52
CA ASP A 98 -5.62 5.69 -8.57
C ASP A 98 -4.18 5.59 -8.08
N TYR A 99 -3.36 4.86 -8.84
CA TYR A 99 -1.96 4.69 -8.50
C TYR A 99 -1.06 5.42 -9.49
N ASP A 100 -1.70 6.12 -10.42
CA ASP A 100 -0.97 6.87 -11.43
C ASP A 100 -0.82 8.32 -10.97
N ILE A 101 -1.55 8.66 -9.92
CA ILE A 101 -1.49 10.00 -9.38
C ILE A 101 -0.18 10.20 -8.62
N THR A 102 -0.16 11.21 -7.77
CA THR A 102 1.02 11.51 -6.98
C THR A 102 0.71 11.40 -5.48
N LEU A 103 1.75 11.08 -4.72
CA LEU A 103 1.60 10.95 -3.28
C LEU A 103 0.68 12.04 -2.76
N GLN A 104 0.70 13.17 -3.45
CA GLN A 104 -0.13 14.31 -3.07
C GLN A 104 -1.61 14.01 -3.37
N GLU A 105 -1.86 13.64 -4.61
CA GLU A 105 -3.22 13.33 -5.04
C GLU A 105 -3.84 12.30 -4.09
N ALA A 106 -3.10 11.21 -3.88
CA ALA A 106 -3.57 10.15 -3.01
C ALA A 106 -3.89 10.73 -1.63
N GLY A 107 -3.23 11.83 -1.32
CA GLY A 107 -3.44 12.49 -0.04
C GLY A 107 -2.49 11.94 1.02
N LEU A 108 -1.23 11.81 0.63
CA LEU A 108 -0.21 11.30 1.54
C LEU A 108 0.76 12.43 1.88
N CYS A 109 0.86 13.39 0.98
CA CYS A 109 1.74 14.52 1.18
C CYS A 109 1.02 15.57 2.03
N PRO A 110 1.80 16.28 2.87
CA PRO A 110 3.24 16.04 2.93
C PRO A 110 3.55 14.75 3.68
N GLN A 111 2.91 14.59 4.83
CA GLN A 111 3.12 13.42 5.66
C GLN A 111 1.77 12.80 6.04
N GLU A 112 1.66 11.50 5.84
CA GLU A 112 0.43 10.78 6.16
C GLU A 112 0.77 9.39 6.69
N THR A 113 -0.13 8.88 7.52
CA THR A 113 0.05 7.56 8.10
C THR A 113 -0.73 6.52 7.29
N VAL A 114 0.02 5.70 6.58
CA VAL A 114 -0.57 4.65 5.76
C VAL A 114 -0.79 3.40 6.62
N PHE A 115 -1.98 2.84 6.49
CA PHE A 115 -2.34 1.66 7.25
C PHE A 115 -2.55 0.46 6.31
N VAL A 116 -2.07 -0.69 6.75
CA VAL A 116 -2.20 -1.91 5.97
C VAL A 116 -3.29 -2.79 6.59
N GLN A 117 -4.29 -3.10 5.79
CA GLN A 117 -5.39 -3.94 6.23
C GLN A 117 -5.74 -4.97 5.16
N GLU A 118 -6.51 -5.96 5.59
CA GLU A 118 -6.93 -7.03 4.69
C GLU A 118 -8.04 -6.54 3.77
N SER A 119 -7.82 -6.69 2.47
CA SER A 119 -8.79 -6.27 1.49
C SER A 119 -9.66 -7.46 1.07
N GLY A 120 -10.92 -7.41 1.48
CA GLY A 120 -11.86 -8.47 1.16
C GLY A 120 -13.07 -7.91 0.40
N PRO A 121 -14.23 -8.61 0.59
CA PRO A 121 -15.46 -8.20 -0.07
C PRO A 121 -16.05 -6.97 0.62
N SER A 122 -15.94 -5.85 -0.07
CA SER A 122 -16.47 -4.60 0.46
C SER A 122 -17.97 -4.70 0.67
N SER A 123 -18.35 -4.73 1.94
CA SER A 123 -19.76 -4.83 2.30
C SER A 123 -20.23 -3.54 2.94
N GLY A 124 -21.11 -2.84 2.23
CA GLY A 124 -21.65 -1.58 2.74
C GLY A 124 -23.12 -1.72 3.12
N GLY A 1 36.69 -59.11 12.02
CA GLY A 1 35.30 -58.64 12.04
C GLY A 1 34.62 -58.90 10.71
N SER A 2 33.31 -59.11 10.78
CA SER A 2 32.53 -59.36 9.58
C SER A 2 31.05 -59.06 9.85
N SER A 3 30.79 -57.80 10.17
CA SER A 3 29.44 -57.36 10.45
C SER A 3 28.81 -56.77 9.19
N GLY A 4 27.48 -56.71 9.20
CA GLY A 4 26.75 -56.16 8.07
C GLY A 4 25.27 -56.01 8.40
N SER A 5 24.51 -55.60 7.39
CA SER A 5 23.08 -55.41 7.56
C SER A 5 22.33 -55.79 6.27
N SER A 6 21.02 -55.63 6.32
CA SER A 6 20.19 -55.96 5.17
C SER A 6 18.76 -55.49 5.41
N GLY A 7 18.55 -54.20 5.21
CA GLY A 7 17.23 -53.61 5.41
C GLY A 7 16.36 -53.79 4.15
N THR A 8 15.08 -53.52 4.33
CA THR A 8 14.14 -53.65 3.22
C THR A 8 13.02 -52.62 3.36
N ALA A 9 12.19 -52.55 2.32
CA ALA A 9 11.08 -51.62 2.32
C ALA A 9 10.40 -51.65 0.95
N THR A 10 9.19 -51.11 0.91
CA THR A 10 8.42 -51.07 -0.32
C THR A 10 7.13 -50.27 -0.14
N ASN A 11 6.81 -49.47 -1.14
CA ASN A 11 5.62 -48.65 -1.09
C ASN A 11 5.53 -47.82 -2.38
N HIS A 12 4.30 -47.62 -2.83
CA HIS A 12 4.06 -46.85 -4.03
C HIS A 12 2.57 -46.87 -4.37
N GLN A 13 2.02 -45.69 -4.60
CA GLN A 13 0.62 -45.57 -4.93
C GLN A 13 0.38 -44.32 -5.79
N GLY A 14 -0.17 -44.55 -6.98
CA GLY A 14 -0.44 -43.46 -7.90
C GLY A 14 -0.86 -44.00 -9.27
N LEU A 15 -0.65 -43.16 -10.29
CA LEU A 15 -1.00 -43.54 -11.64
C LEU A 15 -0.17 -42.71 -12.62
N PRO A 16 0.26 -43.37 -13.72
CA PRO A 16 1.05 -42.71 -14.74
C PRO A 16 0.19 -41.79 -15.60
N ALA A 17 0.69 -40.58 -15.80
CA ALA A 17 -0.02 -39.59 -16.59
C ALA A 17 0.94 -38.95 -17.59
N VAL A 18 0.42 -38.63 -18.76
CA VAL A 18 1.21 -38.00 -19.80
C VAL A 18 0.48 -36.78 -20.34
N ASP A 19 1.19 -35.66 -20.36
CA ASP A 19 0.62 -34.43 -20.87
C ASP A 19 1.60 -33.27 -20.62
N SER A 20 1.40 -32.20 -21.35
CA SER A 20 2.26 -31.03 -21.23
C SER A 20 3.70 -31.40 -21.61
N GLU A 21 4.49 -30.38 -21.86
CA GLU A 21 5.88 -30.57 -22.23
C GLU A 21 6.67 -29.28 -22.04
N ILE A 22 6.26 -28.26 -22.77
CA ILE A 22 6.91 -26.97 -22.69
C ILE A 22 6.86 -26.46 -21.24
N LEU A 23 7.98 -25.92 -20.79
CA LEU A 23 8.07 -25.40 -19.45
C LEU A 23 8.27 -23.89 -19.51
N GLU A 24 7.58 -23.19 -18.60
CA GLU A 24 7.66 -21.75 -18.54
C GLU A 24 7.46 -21.26 -17.10
N MET A 25 8.50 -21.45 -16.30
CA MET A 25 8.44 -21.04 -14.91
C MET A 25 9.17 -19.71 -14.70
N PRO A 26 8.52 -18.82 -13.90
CA PRO A 26 9.09 -17.51 -13.62
C PRO A 26 10.24 -17.62 -12.62
N PRO A 27 11.33 -16.87 -12.91
CA PRO A 27 12.50 -16.87 -12.04
C PRO A 27 12.24 -16.06 -10.77
N GLU A 28 13.27 -15.96 -9.95
CA GLU A 28 13.18 -15.21 -8.71
C GLU A 28 14.23 -14.11 -8.66
N LYS A 29 13.80 -12.94 -8.21
CA LYS A 29 14.70 -11.80 -8.12
C LYS A 29 15.00 -11.53 -6.64
N ALA A 30 15.92 -10.60 -6.42
CA ALA A 30 16.32 -10.23 -5.07
C ALA A 30 16.90 -8.81 -5.08
N ASP A 31 17.04 -8.26 -3.88
CA ASP A 31 17.57 -6.92 -3.73
C ASP A 31 17.97 -6.69 -2.27
N GLY A 32 18.76 -5.66 -2.07
CA GLY A 32 19.21 -5.32 -0.73
C GLY A 32 19.39 -3.81 -0.57
N VAL A 33 18.44 -3.20 0.13
CA VAL A 33 18.48 -1.76 0.36
C VAL A 33 18.75 -1.49 1.84
N VAL A 34 20.04 -1.34 2.15
CA VAL A 34 20.44 -1.07 3.53
C VAL A 34 21.11 0.31 3.60
N GLU A 35 20.46 1.20 4.32
CA GLU A 35 20.98 2.56 4.46
C GLU A 35 20.10 3.36 5.44
N GLY A 36 20.74 4.27 6.14
CA GLY A 36 20.03 5.11 7.10
C GLY A 36 20.01 6.56 6.65
N ILE A 37 18.95 6.91 5.93
CA ILE A 37 18.80 8.27 5.42
C ILE A 37 18.04 9.10 6.46
N ASP A 38 18.52 10.32 6.67
CA ASP A 38 17.90 11.23 7.62
C ASP A 38 16.43 11.42 7.23
N VAL A 39 15.56 10.90 8.08
CA VAL A 39 14.13 11.01 7.84
C VAL A 39 13.63 12.34 8.41
N ASN A 40 13.85 13.40 7.64
CA ASN A 40 13.43 14.72 8.05
C ASN A 40 13.80 15.73 6.95
N GLY A 41 12.97 16.77 6.84
CA GLY A 41 13.20 17.79 5.85
C GLY A 41 12.19 17.68 4.70
N PRO A 42 12.73 17.62 3.46
CA PRO A 42 11.90 17.52 2.28
C PRO A 42 11.34 16.10 2.13
N LYS A 43 10.85 15.81 0.93
CA LYS A 43 10.28 14.50 0.64
C LYS A 43 9.04 14.29 1.52
N ALA A 44 8.18 13.39 1.06
CA ALA A 44 6.96 13.08 1.78
C ALA A 44 7.22 11.92 2.74
N GLN A 45 6.83 12.13 3.99
CA GLN A 45 7.00 11.11 5.01
C GLN A 45 5.68 10.41 5.29
N LEU A 46 5.77 9.10 5.47
CA LEU A 46 4.59 8.30 5.74
C LEU A 46 4.92 7.27 6.83
N MET A 47 3.87 6.78 7.47
CA MET A 47 4.03 5.80 8.53
C MET A 47 3.24 4.52 8.22
N LEU A 48 3.94 3.56 7.66
CA LEU A 48 3.33 2.29 7.31
C LEU A 48 2.96 1.53 8.58
N ARG A 49 1.70 1.13 8.66
CA ARG A 49 1.22 0.39 9.81
C ARG A 49 0.61 -0.95 9.38
N TYR A 50 1.36 -2.01 9.64
CA TYR A 50 0.92 -3.34 9.29
C TYR A 50 -0.14 -3.84 10.27
N PRO A 51 -0.99 -4.78 9.76
CA PRO A 51 -2.05 -5.34 10.59
C PRO A 51 -1.49 -6.36 11.59
N ASP A 52 -0.23 -6.73 11.37
CA ASP A 52 0.43 -7.68 12.24
C ASP A 52 0.69 -7.02 13.60
N GLY A 53 0.48 -5.72 13.64
CA GLY A 53 0.69 -4.95 14.86
C GLY A 53 1.95 -4.09 14.76
N LYS A 54 2.83 -4.50 13.86
CA LYS A 54 4.07 -3.77 13.65
C LYS A 54 3.84 -2.63 12.66
N ARG A 55 4.79 -1.71 12.62
CA ARG A 55 4.70 -0.58 11.71
C ARG A 55 6.06 -0.29 11.08
N GLU A 56 6.11 0.79 10.32
CA GLU A 56 7.34 1.19 9.66
C GLU A 56 7.15 2.53 8.95
N GLN A 57 8.06 3.45 9.24
CA GLN A 57 8.00 4.78 8.64
C GLN A 57 9.00 4.87 7.49
N ILE A 58 8.55 5.48 6.40
CA ILE A 58 9.39 5.65 5.23
C ILE A 58 9.22 7.06 4.68
N THR A 59 10.07 7.40 3.72
CA THR A 59 10.03 8.71 3.12
C THR A 59 10.06 8.60 1.59
N LEU A 60 9.01 9.10 0.96
CA LEU A 60 8.92 9.06 -0.50
C LEU A 60 8.60 10.46 -1.01
N PRO A 61 8.86 10.66 -2.34
CA PRO A 61 8.61 11.93 -2.97
C PRO A 61 7.12 12.14 -3.21
N GLU A 62 6.70 13.40 -3.12
CA GLU A 62 5.31 13.74 -3.31
C GLU A 62 4.87 13.39 -4.74
N GLN A 63 5.83 13.47 -5.65
CA GLN A 63 5.56 13.17 -7.05
C GLN A 63 5.50 11.65 -7.26
N ALA A 64 6.03 10.93 -6.28
CA ALA A 64 6.03 9.47 -6.35
C ALA A 64 4.61 8.96 -6.53
N LYS A 65 4.46 8.06 -7.48
CA LYS A 65 3.15 7.48 -7.77
C LYS A 65 2.69 6.65 -6.57
N LEU A 66 1.43 6.84 -6.21
CA LEU A 66 0.86 6.12 -5.08
C LEU A 66 1.30 4.65 -5.15
N LEU A 67 1.41 4.15 -6.37
CA LEU A 67 1.81 2.78 -6.58
C LEU A 67 3.16 2.53 -5.88
N ALA A 68 4.01 3.54 -5.95
CA ALA A 68 5.32 3.45 -5.33
C ALA A 68 5.16 2.96 -3.88
N LEU A 69 4.31 3.67 -3.14
CA LEU A 69 4.07 3.32 -1.76
C LEU A 69 3.38 1.96 -1.69
N VAL A 70 2.49 1.73 -2.63
CA VAL A 70 1.76 0.47 -2.69
C VAL A 70 2.75 -0.66 -2.97
N LYS A 71 3.73 -0.36 -3.79
CA LYS A 71 4.74 -1.34 -4.15
C LYS A 71 5.63 -1.63 -2.94
N HIS A 72 5.82 -0.59 -2.13
CA HIS A 72 6.63 -0.71 -0.93
C HIS A 72 6.07 -1.82 -0.04
N VAL A 73 4.86 -1.59 0.43
CA VAL A 73 4.20 -2.56 1.31
C VAL A 73 4.10 -3.90 0.57
N GLN A 74 3.96 -3.81 -0.75
CA GLN A 74 3.85 -5.01 -1.56
C GLN A 74 5.05 -5.93 -1.33
N SER A 75 6.23 -5.33 -1.37
CA SER A 75 7.45 -6.08 -1.17
C SER A 75 7.60 -6.45 0.31
N LYS A 76 7.10 -5.55 1.16
CA LYS A 76 7.18 -5.77 2.60
C LYS A 76 6.56 -7.13 2.94
N GLY A 77 5.48 -7.44 2.23
CA GLY A 77 4.78 -8.70 2.44
C GLY A 77 3.27 -8.48 2.54
N TYR A 78 2.77 -7.65 1.64
CA TYR A 78 1.35 -7.35 1.61
C TYR A 78 0.91 -6.88 0.22
N PRO A 79 0.36 -7.85 -0.56
CA PRO A 79 -0.10 -7.55 -1.90
C PRO A 79 -1.42 -6.79 -1.87
N ASN A 80 -1.46 -5.71 -2.66
CA ASN A 80 -2.64 -4.89 -2.73
C ASN A 80 -3.88 -5.78 -2.87
N GLU A 81 -3.85 -6.64 -3.88
CA GLU A 81 -4.96 -7.54 -4.13
C GLU A 81 -5.46 -8.13 -2.81
N ARG A 82 -4.55 -8.23 -1.85
CA ARG A 82 -4.88 -8.77 -0.54
C ARG A 82 -5.12 -7.63 0.45
N PHE A 83 -4.02 -7.11 0.98
CA PHE A 83 -4.09 -6.02 1.94
C PHE A 83 -4.08 -4.67 1.24
N GLU A 84 -4.75 -3.71 1.87
CA GLU A 84 -4.82 -2.37 1.32
C GLU A 84 -4.27 -1.35 2.32
N LEU A 85 -3.85 -0.21 1.79
CA LEU A 85 -3.30 0.85 2.62
C LEU A 85 -4.37 1.91 2.87
N LEU A 86 -4.40 2.39 4.10
CA LEU A 86 -5.37 3.41 4.49
C LEU A 86 -4.64 4.57 5.17
N THR A 87 -5.39 5.62 5.45
CA THR A 87 -4.84 6.79 6.09
C THR A 87 -5.56 7.06 7.41
N ASN A 88 -5.12 8.12 8.09
CA ASN A 88 -5.72 8.49 9.36
C ASN A 88 -6.87 9.46 9.11
N PHE A 89 -7.71 9.59 10.12
CA PHE A 89 -8.86 10.48 10.03
C PHE A 89 -8.55 11.71 9.18
N PRO A 90 -9.38 11.91 8.13
CA PRO A 90 -10.48 11.01 7.86
C PRO A 90 -9.99 9.70 7.25
N ARG A 91 -10.81 8.66 7.39
CA ARG A 91 -10.47 7.36 6.87
C ARG A 91 -10.46 7.38 5.34
N ARG A 92 -9.33 7.76 4.78
CA ARG A 92 -9.18 7.84 3.34
C ARG A 92 -8.39 6.63 2.83
N LYS A 93 -8.85 6.09 1.72
CA LYS A 93 -8.21 4.94 1.11
C LYS A 93 -7.43 5.39 -0.13
N LEU A 94 -6.37 4.65 -0.43
CA LEU A 94 -5.55 4.96 -1.58
C LEU A 94 -5.49 3.75 -2.51
N SER A 95 -6.52 3.63 -3.33
CA SER A 95 -6.60 2.52 -4.27
C SER A 95 -7.69 2.79 -5.31
N HIS A 96 -8.84 3.22 -4.81
CA HIS A 96 -9.97 3.53 -5.68
C HIS A 96 -9.56 4.58 -6.70
N LEU A 97 -9.19 5.75 -6.20
CA LEU A 97 -8.76 6.84 -7.06
C LEU A 97 -7.91 6.29 -8.20
N ASP A 98 -6.63 6.14 -7.91
CA ASP A 98 -5.70 5.63 -8.90
C ASP A 98 -4.30 5.55 -8.29
N TYR A 99 -3.39 4.94 -9.04
CA TYR A 99 -2.02 4.81 -8.58
C TYR A 99 -1.06 5.57 -9.49
N ASP A 100 -1.60 6.08 -10.58
CA ASP A 100 -0.82 6.84 -11.54
C ASP A 100 -0.68 8.29 -11.05
N ILE A 101 -1.42 8.59 -9.99
CA ILE A 101 -1.40 9.93 -9.43
C ILE A 101 -0.09 10.12 -8.65
N THR A 102 -0.10 11.10 -7.76
CA THR A 102 1.07 11.40 -6.96
C THR A 102 0.73 11.29 -5.47
N LEU A 103 1.75 10.96 -4.68
CA LEU A 103 1.59 10.81 -3.25
C LEU A 103 0.64 11.91 -2.74
N GLN A 104 0.68 13.04 -3.44
CA GLN A 104 -0.16 14.17 -3.07
C GLN A 104 -1.63 13.88 -3.40
N GLU A 105 -1.86 13.56 -4.66
CA GLU A 105 -3.20 13.26 -5.13
C GLU A 105 -3.88 12.26 -4.17
N ALA A 106 -3.19 11.16 -3.93
CA ALA A 106 -3.70 10.13 -3.04
C ALA A 106 -4.03 10.75 -1.68
N GLY A 107 -3.44 11.91 -1.44
CA GLY A 107 -3.65 12.61 -0.19
C GLY A 107 -2.73 12.08 0.91
N LEU A 108 -1.46 11.96 0.57
CA LEU A 108 -0.46 11.46 1.51
C LEU A 108 0.70 12.46 1.60
N CYS A 109 0.38 13.70 1.29
CA CYS A 109 1.38 14.76 1.33
C CYS A 109 0.86 15.88 2.23
N PRO A 110 1.81 16.55 2.94
CA PRO A 110 3.21 16.17 2.84
C PRO A 110 3.49 14.87 3.59
N GLN A 111 2.90 14.78 4.77
CA GLN A 111 3.08 13.59 5.60
C GLN A 111 1.72 12.98 5.95
N GLU A 112 1.66 11.66 5.88
CA GLU A 112 0.44 10.95 6.18
C GLU A 112 0.75 9.54 6.70
N THR A 113 -0.05 9.10 7.66
CA THR A 113 0.14 7.78 8.24
C THR A 113 -0.61 6.72 7.43
N VAL A 114 0.14 5.74 6.97
CA VAL A 114 -0.43 4.67 6.18
C VAL A 114 -0.78 3.49 7.10
N PHE A 115 -1.77 2.71 6.68
CA PHE A 115 -2.19 1.56 7.45
C PHE A 115 -2.62 0.41 6.53
N VAL A 116 -1.79 -0.62 6.51
CA VAL A 116 -2.07 -1.78 5.69
C VAL A 116 -3.16 -2.63 6.34
N GLN A 117 -4.35 -2.54 5.77
CA GLN A 117 -5.49 -3.28 6.28
C GLN A 117 -5.85 -4.42 5.34
N GLU A 118 -6.53 -5.41 5.89
CA GLU A 118 -6.95 -6.57 5.10
C GLU A 118 -8.05 -6.17 4.12
N SER A 119 -7.76 -6.35 2.84
CA SER A 119 -8.71 -6.01 1.79
C SER A 119 -9.44 -7.27 1.33
N GLY A 120 -10.58 -7.05 0.68
CA GLY A 120 -11.38 -8.15 0.18
C GLY A 120 -12.33 -8.66 1.27
N PRO A 121 -13.43 -9.32 0.81
CA PRO A 121 -14.42 -9.86 1.72
C PRO A 121 -13.90 -11.13 2.40
N SER A 122 -13.23 -11.96 1.61
CA SER A 122 -12.68 -13.20 2.13
C SER A 122 -11.42 -13.58 1.35
N SER A 123 -10.32 -13.68 2.07
CA SER A 123 -9.05 -14.04 1.46
C SER A 123 -8.39 -15.18 2.23
N GLY A 124 -7.94 -16.17 1.49
CA GLY A 124 -7.30 -17.32 2.09
C GLY A 124 -7.17 -18.47 1.09
N GLY A 1 -39.05 -56.48 -49.32
CA GLY A 1 -38.95 -56.31 -47.88
C GLY A 1 -37.56 -56.73 -47.38
N SER A 2 -37.42 -56.71 -46.07
CA SER A 2 -36.15 -57.09 -45.44
C SER A 2 -36.29 -57.07 -43.92
N SER A 3 -35.25 -57.57 -43.27
CA SER A 3 -35.25 -57.62 -41.81
C SER A 3 -33.81 -57.65 -41.30
N GLY A 4 -33.68 -57.53 -39.98
CA GLY A 4 -32.37 -57.55 -39.35
C GLY A 4 -32.48 -57.82 -37.85
N SER A 5 -31.38 -57.59 -37.16
CA SER A 5 -31.35 -57.80 -35.72
C SER A 5 -30.05 -57.22 -35.14
N SER A 6 -29.97 -57.25 -33.82
CA SER A 6 -28.81 -56.73 -33.12
C SER A 6 -28.96 -56.92 -31.61
N GLY A 7 -27.92 -56.55 -30.89
CA GLY A 7 -27.92 -56.68 -29.44
C GLY A 7 -28.07 -55.32 -28.77
N THR A 8 -27.68 -55.28 -27.50
CA THR A 8 -27.75 -54.04 -26.74
C THR A 8 -27.04 -54.20 -25.39
N ALA A 9 -25.81 -53.70 -25.36
CA ALA A 9 -25.02 -53.79 -24.14
C ALA A 9 -24.43 -52.40 -23.82
N THR A 10 -24.29 -52.14 -22.53
CA THR A 10 -23.75 -50.86 -22.08
C THR A 10 -23.52 -50.89 -20.57
N ASN A 11 -22.37 -50.35 -20.18
CA ASN A 11 -22.02 -50.30 -18.77
C ASN A 11 -20.74 -49.49 -18.60
N HIS A 12 -20.76 -48.60 -17.63
CA HIS A 12 -19.61 -47.76 -17.35
C HIS A 12 -19.89 -46.89 -16.12
N GLN A 13 -18.87 -46.16 -15.70
CA GLN A 13 -18.98 -45.28 -14.55
C GLN A 13 -17.71 -44.46 -14.37
N GLY A 14 -17.86 -43.33 -13.69
CA GLY A 14 -16.73 -42.45 -13.45
C GLY A 14 -17.13 -41.29 -12.53
N LEU A 15 -16.25 -41.00 -11.58
CA LEU A 15 -16.50 -39.92 -10.64
C LEU A 15 -15.75 -38.66 -11.11
N PRO A 16 -16.50 -37.52 -11.12
CA PRO A 16 -15.92 -36.25 -11.53
C PRO A 16 -14.99 -35.69 -10.45
N ALA A 17 -14.36 -34.57 -10.78
CA ALA A 17 -13.46 -33.93 -9.84
C ALA A 17 -13.00 -32.59 -10.43
N VAL A 18 -13.16 -31.54 -9.63
CA VAL A 18 -12.77 -30.21 -10.07
C VAL A 18 -12.39 -29.38 -8.85
N ASP A 19 -11.35 -28.57 -9.02
CA ASP A 19 -10.88 -27.72 -7.94
C ASP A 19 -9.67 -26.92 -8.42
N SER A 20 -9.55 -25.72 -7.89
CA SER A 20 -8.44 -24.85 -8.25
C SER A 20 -8.42 -24.63 -9.77
N GLU A 21 -8.82 -23.44 -10.17
CA GLU A 21 -8.85 -23.10 -11.59
C GLU A 21 -9.10 -21.59 -11.77
N ILE A 22 -10.19 -21.13 -11.20
CA ILE A 22 -10.55 -19.73 -11.29
C ILE A 22 -9.37 -18.88 -10.82
N LEU A 23 -9.09 -17.84 -11.60
CA LEU A 23 -7.99 -16.95 -11.29
C LEU A 23 -8.36 -15.53 -11.70
N GLU A 24 -8.47 -14.66 -10.71
CA GLU A 24 -8.82 -13.27 -10.95
C GLU A 24 -7.63 -12.36 -10.65
N MET A 25 -6.59 -12.49 -11.46
CA MET A 25 -5.40 -11.69 -11.28
C MET A 25 -4.61 -11.58 -12.60
N PRO A 26 -4.34 -10.30 -13.00
CA PRO A 26 -3.61 -10.05 -14.22
C PRO A 26 -2.12 -10.34 -14.05
N PRO A 27 -1.46 -10.74 -15.17
CA PRO A 27 -0.05 -11.05 -15.14
C PRO A 27 0.79 -9.78 -15.07
N GLU A 28 1.51 -9.64 -13.96
CA GLU A 28 2.36 -8.48 -13.75
C GLU A 28 1.51 -7.20 -13.72
N LYS A 29 1.76 -6.39 -12.71
CA LYS A 29 1.03 -5.14 -12.55
C LYS A 29 2.03 -3.98 -12.50
N ALA A 30 2.43 -3.55 -13.69
CA ALA A 30 3.37 -2.45 -13.79
C ALA A 30 4.73 -2.89 -13.26
N ASP A 31 5.78 -2.49 -13.97
CA ASP A 31 7.14 -2.84 -13.58
C ASP A 31 8.12 -2.23 -14.58
N GLY A 32 8.97 -1.35 -14.07
CA GLY A 32 9.95 -0.69 -14.90
C GLY A 32 10.69 0.40 -14.12
N VAL A 33 11.97 0.57 -14.46
CA VAL A 33 12.79 1.56 -13.81
C VAL A 33 12.77 2.86 -14.62
N VAL A 34 11.76 3.67 -14.35
CA VAL A 34 11.61 4.94 -15.06
C VAL A 34 10.89 5.94 -14.14
N GLU A 35 11.38 7.18 -14.19
CA GLU A 35 10.80 8.22 -13.37
C GLU A 35 11.06 7.96 -11.89
N GLY A 36 11.87 8.82 -11.30
CA GLY A 36 12.21 8.69 -9.90
C GLY A 36 12.92 9.94 -9.39
N ILE A 37 14.25 9.88 -9.41
CA ILE A 37 15.06 11.00 -8.96
C ILE A 37 14.42 11.61 -7.71
N ASP A 38 14.82 11.09 -6.56
CA ASP A 38 14.30 11.56 -5.29
C ASP A 38 14.18 13.09 -5.33
N VAL A 39 12.94 13.56 -5.41
CA VAL A 39 12.69 14.99 -5.45
C VAL A 39 13.60 15.70 -4.44
N ASN A 40 14.46 16.56 -4.97
CA ASN A 40 15.38 17.30 -4.13
C ASN A 40 14.62 18.43 -3.44
N GLY A 41 13.90 18.07 -2.38
CA GLY A 41 13.14 19.04 -1.62
C GLY A 41 12.35 18.36 -0.50
N PRO A 42 11.07 18.78 -0.36
CA PRO A 42 10.20 18.22 0.67
C PRO A 42 9.72 16.83 0.28
N LYS A 43 10.06 15.86 1.12
CA LYS A 43 9.68 14.49 0.87
C LYS A 43 8.43 14.16 1.70
N ALA A 44 7.66 13.20 1.19
CA ALA A 44 6.44 12.79 1.86
C ALA A 44 6.75 11.62 2.80
N GLN A 45 6.50 11.85 4.09
CA GLN A 45 6.75 10.83 5.09
C GLN A 45 5.51 9.98 5.29
N LEU A 46 5.63 8.71 4.90
CA LEU A 46 4.53 7.78 5.04
C LEU A 46 4.86 6.76 6.12
N MET A 47 3.88 6.51 6.98
CA MET A 47 4.06 5.57 8.07
C MET A 47 3.26 4.29 7.82
N LEU A 48 3.97 3.28 7.33
CA LEU A 48 3.34 2.00 7.03
C LEU A 48 3.00 1.28 8.35
N ARG A 49 1.71 1.12 8.58
CA ARG A 49 1.24 0.47 9.79
C ARG A 49 0.65 -0.90 9.45
N TYR A 50 1.43 -1.94 9.70
CA TYR A 50 0.99 -3.30 9.44
C TYR A 50 -0.05 -3.75 10.46
N PRO A 51 -0.86 -4.77 10.05
CA PRO A 51 -1.89 -5.31 10.91
C PRO A 51 -1.29 -6.16 12.02
N ASP A 52 -0.10 -6.68 11.75
CA ASP A 52 0.59 -7.53 12.71
C ASP A 52 0.77 -6.75 14.02
N GLY A 53 0.64 -5.44 13.91
CA GLY A 53 0.78 -4.58 15.08
C GLY A 53 2.07 -3.76 14.99
N LYS A 54 2.91 -4.12 14.02
CA LYS A 54 4.17 -3.44 13.82
C LYS A 54 3.99 -2.35 12.77
N ARG A 55 4.83 -1.33 12.86
CA ARG A 55 4.78 -0.23 11.92
C ARG A 55 6.19 0.11 11.42
N GLU A 56 6.22 0.94 10.39
CA GLU A 56 7.49 1.36 9.80
C GLU A 56 7.32 2.66 9.03
N GLN A 57 8.14 3.64 9.38
CA GLN A 57 8.09 4.94 8.73
C GLN A 57 9.00 4.94 7.49
N ILE A 58 8.53 5.63 6.46
CA ILE A 58 9.29 5.73 5.22
C ILE A 58 9.21 7.15 4.69
N THR A 59 10.00 7.41 3.66
CA THR A 59 10.04 8.72 3.05
C THR A 59 10.06 8.61 1.53
N LEU A 60 8.99 9.12 0.92
CA LEU A 60 8.88 9.08 -0.53
C LEU A 60 8.55 10.47 -1.05
N PRO A 61 8.92 10.72 -2.34
CA PRO A 61 8.67 12.00 -2.97
C PRO A 61 7.19 12.15 -3.33
N GLU A 62 6.66 13.32 -3.03
CA GLU A 62 5.26 13.61 -3.32
C GLU A 62 4.93 13.19 -4.75
N GLN A 63 5.82 13.54 -5.66
CA GLN A 63 5.63 13.20 -7.07
C GLN A 63 5.51 11.69 -7.24
N ALA A 64 6.10 10.97 -6.29
CA ALA A 64 6.08 9.52 -6.32
C ALA A 64 4.64 9.05 -6.54
N LYS A 65 4.49 8.13 -7.49
CA LYS A 65 3.18 7.59 -7.82
C LYS A 65 2.66 6.79 -6.62
N LEU A 66 1.38 6.96 -6.35
CA LEU A 66 0.75 6.25 -5.24
C LEU A 66 1.17 4.78 -5.26
N LEU A 67 1.31 4.27 -6.47
CA LEU A 67 1.70 2.88 -6.65
C LEU A 67 3.04 2.64 -5.94
N ALA A 68 3.88 3.66 -6.00
CA ALA A 68 5.19 3.58 -5.37
C ALA A 68 5.03 3.13 -3.92
N LEU A 69 4.16 3.82 -3.21
CA LEU A 69 3.91 3.50 -1.81
C LEU A 69 3.24 2.12 -1.72
N VAL A 70 2.41 1.84 -2.70
CA VAL A 70 1.71 0.57 -2.75
C VAL A 70 2.73 -0.56 -2.93
N LYS A 71 3.62 -0.36 -3.87
CA LYS A 71 4.65 -1.35 -4.16
C LYS A 71 5.49 -1.58 -2.90
N HIS A 72 5.70 -0.51 -2.15
CA HIS A 72 6.47 -0.58 -0.93
C HIS A 72 5.83 -1.60 0.03
N VAL A 73 4.63 -1.27 0.47
CA VAL A 73 3.91 -2.16 1.38
C VAL A 73 3.79 -3.54 0.75
N GLN A 74 3.85 -3.57 -0.58
CA GLN A 74 3.76 -4.82 -1.30
C GLN A 74 5.01 -5.67 -1.07
N SER A 75 6.15 -5.03 -1.26
CA SER A 75 7.42 -5.71 -1.07
C SER A 75 7.60 -6.10 0.40
N LYS A 76 7.04 -5.28 1.26
CA LYS A 76 7.13 -5.52 2.70
C LYS A 76 6.55 -6.91 3.00
N GLY A 77 5.50 -7.24 2.28
CA GLY A 77 4.83 -8.52 2.46
C GLY A 77 3.31 -8.34 2.62
N TYR A 78 2.75 -7.56 1.71
CA TYR A 78 1.32 -7.30 1.74
C TYR A 78 0.82 -6.85 0.36
N PRO A 79 0.24 -7.84 -0.38
CA PRO A 79 -0.28 -7.56 -1.71
C PRO A 79 -1.61 -6.80 -1.63
N ASN A 80 -1.69 -5.75 -2.43
CA ASN A 80 -2.90 -4.93 -2.46
C ASN A 80 -4.12 -5.84 -2.60
N GLU A 81 -4.08 -6.67 -3.63
CA GLU A 81 -5.18 -7.60 -3.87
C GLU A 81 -5.69 -8.19 -2.56
N ARG A 82 -4.78 -8.26 -1.59
CA ARG A 82 -5.11 -8.82 -0.30
C ARG A 82 -5.33 -7.69 0.72
N PHE A 83 -4.21 -7.12 1.16
CA PHE A 83 -4.26 -6.04 2.12
C PHE A 83 -4.25 -4.68 1.42
N GLU A 84 -5.20 -3.84 1.81
CA GLU A 84 -5.31 -2.52 1.23
C GLU A 84 -4.65 -1.47 2.13
N LEU A 85 -4.30 -0.34 1.53
CA LEU A 85 -3.66 0.72 2.28
C LEU A 85 -4.70 1.79 2.64
N LEU A 86 -4.58 2.29 3.86
CA LEU A 86 -5.50 3.31 4.34
C LEU A 86 -4.72 4.45 4.97
N THR A 87 -5.44 5.50 5.32
CA THR A 87 -4.83 6.67 5.93
C THR A 87 -5.45 6.95 7.30
N ASN A 88 -4.94 7.98 7.95
CA ASN A 88 -5.44 8.37 9.26
C ASN A 88 -6.64 9.29 9.09
N PHE A 89 -7.45 9.37 10.14
CA PHE A 89 -8.63 10.21 10.12
C PHE A 89 -8.37 11.50 9.35
N PRO A 90 -9.26 11.77 8.36
CA PRO A 90 -10.36 10.86 8.08
C PRO A 90 -9.86 9.61 7.34
N ARG A 91 -10.66 8.56 7.43
CA ARG A 91 -10.32 7.31 6.79
C ARG A 91 -10.45 7.44 5.27
N ARG A 92 -9.36 7.11 4.58
CA ARG A 92 -9.33 7.18 3.13
C ARG A 92 -8.57 5.98 2.56
N LYS A 93 -9.26 5.25 1.69
CA LYS A 93 -8.67 4.08 1.06
C LYS A 93 -7.84 4.52 -0.14
N LEU A 94 -6.68 3.91 -0.28
CA LEU A 94 -5.78 4.22 -1.38
C LEU A 94 -5.91 3.15 -2.47
N SER A 95 -6.91 3.33 -3.32
CA SER A 95 -7.15 2.39 -4.40
C SER A 95 -8.14 2.99 -5.40
N HIS A 96 -9.24 3.49 -4.87
CA HIS A 96 -10.27 4.10 -5.70
C HIS A 96 -9.65 5.21 -6.56
N LEU A 97 -8.95 6.11 -5.88
CA LEU A 97 -8.30 7.22 -6.56
C LEU A 97 -7.59 6.70 -7.81
N ASP A 98 -6.32 6.40 -7.65
CA ASP A 98 -5.52 5.90 -8.75
C ASP A 98 -4.09 5.63 -8.26
N TYR A 99 -3.30 5.05 -9.15
CA TYR A 99 -1.92 4.73 -8.83
C TYR A 99 -0.96 5.49 -9.73
N ASP A 100 -1.52 6.21 -10.68
CA ASP A 100 -0.72 6.99 -11.61
C ASP A 100 -0.57 8.42 -11.07
N ILE A 101 -1.37 8.73 -10.07
CA ILE A 101 -1.32 10.05 -9.46
C ILE A 101 0.00 10.22 -8.71
N THR A 102 0.02 11.18 -7.81
CA THR A 102 1.21 11.46 -7.02
C THR A 102 0.92 11.24 -5.53
N LEU A 103 1.98 10.96 -4.80
CA LEU A 103 1.86 10.73 -3.37
C LEU A 103 0.96 11.80 -2.75
N GLN A 104 0.90 12.94 -3.44
CA GLN A 104 0.08 14.05 -2.98
C GLN A 104 -1.39 13.78 -3.29
N GLU A 105 -1.66 13.52 -4.56
CA GLU A 105 -3.02 13.23 -5.00
C GLU A 105 -3.67 12.19 -4.09
N ALA A 106 -2.96 11.10 -3.89
CA ALA A 106 -3.45 10.03 -3.05
C ALA A 106 -3.81 10.58 -1.67
N GLY A 107 -3.25 11.74 -1.38
CA GLY A 107 -3.50 12.40 -0.10
C GLY A 107 -2.58 11.84 0.98
N LEU A 108 -1.32 11.67 0.62
CA LEU A 108 -0.34 11.14 1.56
C LEU A 108 0.65 12.26 1.92
N CYS A 109 0.63 13.30 1.11
CA CYS A 109 1.52 14.43 1.34
C CYS A 109 0.79 15.45 2.21
N PRO A 110 1.59 16.19 3.04
CA PRO A 110 3.02 15.99 3.05
C PRO A 110 3.38 14.70 3.80
N GLN A 111 2.91 14.61 5.03
CA GLN A 111 3.17 13.44 5.85
C GLN A 111 1.86 12.80 6.29
N GLU A 112 1.71 11.53 5.94
CA GLU A 112 0.51 10.78 6.28
C GLU A 112 0.88 9.40 6.83
N THR A 113 -0.09 8.80 7.50
CA THR A 113 0.12 7.47 8.07
C THR A 113 -0.62 6.41 7.26
N VAL A 114 0.14 5.64 6.51
CA VAL A 114 -0.43 4.59 5.68
C VAL A 114 -0.60 3.32 6.52
N PHE A 115 -1.84 2.87 6.61
CA PHE A 115 -2.16 1.68 7.38
C PHE A 115 -2.49 0.51 6.46
N VAL A 116 -1.95 -0.65 6.80
CA VAL A 116 -2.19 -1.86 6.02
C VAL A 116 -3.34 -2.65 6.64
N GLN A 117 -4.45 -2.71 5.90
CA GLN A 117 -5.62 -3.42 6.37
C GLN A 117 -6.03 -4.48 5.33
N GLU A 118 -6.53 -5.59 5.85
CA GLU A 118 -6.98 -6.68 4.99
C GLU A 118 -8.18 -6.24 4.15
N SER A 119 -7.97 -6.21 2.84
CA SER A 119 -9.02 -5.82 1.92
C SER A 119 -10.23 -6.75 2.08
N GLY A 120 -11.39 -6.15 2.25
CA GLY A 120 -12.62 -6.91 2.40
C GLY A 120 -12.88 -7.78 1.16
N PRO A 121 -14.19 -8.07 0.94
CA PRO A 121 -14.58 -8.88 -0.20
C PRO A 121 -14.51 -8.09 -1.50
N SER A 122 -13.29 -8.01 -2.04
CA SER A 122 -13.06 -7.28 -3.27
C SER A 122 -13.91 -7.88 -4.39
N SER A 123 -15.12 -7.33 -4.52
CA SER A 123 -16.03 -7.79 -5.55
C SER A 123 -15.38 -7.67 -6.93
N GLY A 124 -15.69 -8.64 -7.78
CA GLY A 124 -15.15 -8.64 -9.13
C GLY A 124 -16.26 -8.66 -10.18
N GLY A 1 -16.23 -14.72 55.54
CA GLY A 1 -14.78 -14.78 55.59
C GLY A 1 -14.32 -15.80 56.64
N SER A 2 -13.01 -15.78 56.89
CA SER A 2 -12.43 -16.69 57.86
C SER A 2 -11.43 -15.94 58.74
N SER A 3 -10.43 -15.36 58.09
CA SER A 3 -9.41 -14.62 58.80
C SER A 3 -8.49 -13.91 57.80
N GLY A 4 -7.87 -14.71 56.95
CA GLY A 4 -6.96 -14.18 55.94
C GLY A 4 -5.67 -15.00 55.87
N SER A 5 -4.56 -14.29 55.85
CA SER A 5 -3.26 -14.94 55.78
C SER A 5 -3.09 -15.64 54.44
N SER A 6 -2.50 -14.91 53.49
CA SER A 6 -2.27 -15.43 52.16
C SER A 6 -1.26 -14.55 51.41
N GLY A 7 -0.86 -15.04 50.25
CA GLY A 7 0.09 -14.31 49.43
C GLY A 7 0.36 -15.05 48.12
N THR A 8 -0.50 -14.80 47.14
CA THR A 8 -0.37 -15.42 45.84
C THR A 8 -1.22 -14.69 44.80
N ALA A 9 -0.80 -14.79 43.55
CA ALA A 9 -1.52 -14.15 42.47
C ALA A 9 -1.11 -14.80 41.15
N THR A 10 -1.89 -14.52 40.11
CA THR A 10 -1.63 -15.05 38.79
C THR A 10 -2.53 -14.40 37.75
N ASN A 11 -1.94 -14.10 36.60
CA ASN A 11 -2.68 -13.47 35.52
C ASN A 11 -1.89 -13.59 34.22
N HIS A 12 -2.61 -13.58 33.12
CA HIS A 12 -1.98 -13.68 31.81
C HIS A 12 -3.04 -13.53 30.72
N GLN A 13 -2.61 -12.95 29.60
CA GLN A 13 -3.51 -12.73 28.47
C GLN A 13 -3.08 -13.60 27.29
N GLY A 14 -3.99 -13.69 26.31
CA GLY A 14 -3.72 -14.48 25.13
C GLY A 14 -4.85 -14.32 24.10
N LEU A 15 -6.06 -14.58 24.57
CA LEU A 15 -7.23 -14.47 23.71
C LEU A 15 -7.11 -13.21 22.84
N PRO A 16 -7.15 -13.43 21.51
CA PRO A 16 -7.05 -12.33 20.56
C PRO A 16 -8.35 -11.53 20.51
N ALA A 17 -8.47 -10.72 19.47
CA ALA A 17 -9.66 -9.89 19.30
C ALA A 17 -9.95 -9.75 17.81
N VAL A 18 -11.23 -9.75 17.49
CA VAL A 18 -11.67 -9.62 16.11
C VAL A 18 -11.88 -8.13 15.78
N ASP A 19 -11.69 -7.80 14.51
CA ASP A 19 -11.85 -6.44 14.06
C ASP A 19 -11.78 -6.40 12.54
N SER A 20 -12.79 -5.78 11.94
CA SER A 20 -12.84 -5.67 10.49
C SER A 20 -12.95 -7.06 9.86
N GLU A 21 -13.75 -7.14 8.81
CA GLU A 21 -13.94 -8.40 8.10
C GLU A 21 -14.72 -8.16 6.80
N ILE A 22 -15.93 -7.67 6.97
CA ILE A 22 -16.79 -7.40 5.82
C ILE A 22 -16.07 -6.42 4.88
N LEU A 23 -16.24 -6.67 3.59
CA LEU A 23 -15.63 -5.82 2.57
C LEU A 23 -16.72 -5.20 1.71
N GLU A 24 -16.35 -4.13 1.03
CA GLU A 24 -17.28 -3.43 0.15
C GLU A 24 -16.95 -3.70 -1.31
N MET A 25 -17.22 -4.93 -1.73
CA MET A 25 -16.96 -5.33 -3.09
C MET A 25 -15.48 -5.18 -3.43
N PRO A 26 -14.99 -6.07 -4.35
CA PRO A 26 -13.60 -6.04 -4.77
C PRO A 26 -13.33 -4.88 -5.71
N PRO A 27 -12.18 -4.20 -5.48
CA PRO A 27 -11.80 -3.06 -6.30
C PRO A 27 -11.29 -3.52 -7.67
N GLU A 28 -10.67 -2.60 -8.38
CA GLU A 28 -10.13 -2.89 -9.70
C GLU A 28 -8.61 -2.93 -9.66
N LYS A 29 -8.02 -3.41 -10.75
CA LYS A 29 -6.58 -3.51 -10.84
C LYS A 29 -6.04 -2.28 -11.56
N ALA A 30 -4.96 -1.74 -11.02
CA ALA A 30 -4.34 -0.55 -11.60
C ALA A 30 -2.81 -0.75 -11.62
N ASP A 31 -2.20 -0.10 -12.60
CA ASP A 31 -0.75 -0.20 -12.75
C ASP A 31 -0.27 0.92 -13.69
N GLY A 32 1.05 1.04 -13.77
CA GLY A 32 1.64 2.05 -14.63
C GLY A 32 3.18 1.97 -14.58
N VAL A 33 3.79 3.14 -14.49
CA VAL A 33 5.24 3.22 -14.44
C VAL A 33 5.67 3.81 -13.09
N VAL A 34 6.91 4.26 -13.05
CA VAL A 34 7.46 4.85 -11.84
C VAL A 34 8.58 5.82 -12.20
N GLU A 35 8.62 6.92 -11.47
CA GLU A 35 9.62 7.94 -11.71
C GLU A 35 10.91 7.60 -10.96
N GLY A 36 11.91 8.46 -11.13
CA GLY A 36 13.19 8.25 -10.48
C GLY A 36 13.40 9.27 -9.35
N ILE A 37 14.55 9.92 -9.39
CA ILE A 37 14.89 10.91 -8.37
C ILE A 37 13.78 11.96 -8.33
N ASP A 38 13.96 12.93 -7.43
CA ASP A 38 13.00 14.00 -7.27
C ASP A 38 13.45 15.22 -8.08
N VAL A 39 12.53 16.13 -8.29
CA VAL A 39 12.82 17.34 -9.04
C VAL A 39 13.20 18.45 -8.07
N ASN A 40 12.25 18.83 -7.22
CA ASN A 40 12.49 19.87 -6.25
C ASN A 40 11.29 19.96 -5.30
N GLY A 41 11.57 19.71 -4.03
CA GLY A 41 10.53 19.75 -3.01
C GLY A 41 10.84 18.79 -1.86
N PRO A 42 10.18 19.04 -0.70
CA PRO A 42 10.39 18.21 0.47
C PRO A 42 9.68 16.86 0.31
N LYS A 43 10.42 15.80 0.60
CA LYS A 43 9.88 14.46 0.49
C LYS A 43 8.61 14.35 1.36
N ALA A 44 7.97 13.20 1.27
CA ALA A 44 6.76 12.97 2.02
C ALA A 44 6.98 11.79 2.99
N GLN A 45 6.65 12.03 4.25
CA GLN A 45 6.81 11.01 5.27
C GLN A 45 5.53 10.19 5.40
N LEU A 46 5.62 8.93 4.97
CA LEU A 46 4.48 8.04 5.03
C LEU A 46 4.74 6.97 6.10
N MET A 47 3.84 6.92 7.07
CA MET A 47 3.96 5.95 8.15
C MET A 47 3.14 4.69 7.84
N LEU A 48 3.85 3.64 7.46
CA LEU A 48 3.21 2.37 7.13
C LEU A 48 2.86 1.65 8.43
N ARG A 49 1.62 1.19 8.50
CA ARG A 49 1.15 0.48 9.67
C ARG A 49 0.57 -0.89 9.28
N TYR A 50 1.34 -1.92 9.56
CA TYR A 50 0.93 -3.27 9.23
C TYR A 50 -0.14 -3.77 10.20
N PRO A 51 -0.96 -4.74 9.73
CA PRO A 51 -2.01 -5.30 10.55
C PRO A 51 -1.44 -6.26 11.59
N ASP A 52 -0.33 -6.89 11.23
CA ASP A 52 0.33 -7.83 12.12
C ASP A 52 0.48 -7.19 13.50
N GLY A 53 0.50 -5.87 13.51
CA GLY A 53 0.64 -5.13 14.76
C GLY A 53 1.85 -4.21 14.73
N LYS A 54 2.71 -4.46 13.75
CA LYS A 54 3.92 -3.66 13.59
C LYS A 54 3.67 -2.57 12.54
N ARG A 55 4.66 -1.71 12.39
CA ARG A 55 4.56 -0.62 11.43
C ARG A 55 5.94 -0.31 10.83
N GLU A 56 5.97 0.73 10.02
CA GLU A 56 7.21 1.14 9.37
C GLU A 56 7.04 2.49 8.70
N GLN A 57 7.93 3.41 9.04
CA GLN A 57 7.89 4.74 8.47
C GLN A 57 8.93 4.89 7.35
N ILE A 58 8.48 5.45 6.24
CA ILE A 58 9.34 5.65 5.09
C ILE A 58 9.11 7.05 4.51
N THR A 59 10.01 7.44 3.61
CA THR A 59 9.91 8.74 2.97
C THR A 59 9.88 8.59 1.45
N LEU A 60 8.84 9.15 0.85
CA LEU A 60 8.70 9.09 -0.59
C LEU A 60 8.47 10.49 -1.14
N PRO A 61 8.68 10.63 -2.48
CA PRO A 61 8.51 11.92 -3.14
C PRO A 61 7.03 12.25 -3.31
N GLU A 62 6.72 13.54 -3.22
CA GLU A 62 5.36 13.99 -3.36
C GLU A 62 4.87 13.78 -4.80
N GLN A 63 5.80 13.36 -5.65
CA GLN A 63 5.49 13.13 -7.05
C GLN A 63 5.68 11.65 -7.39
N ALA A 64 5.64 10.82 -6.34
CA ALA A 64 5.81 9.39 -6.52
C ALA A 64 4.43 8.73 -6.59
N LYS A 65 4.20 8.04 -7.70
CA LYS A 65 2.94 7.35 -7.91
C LYS A 65 2.52 6.66 -6.60
N LEU A 66 1.23 6.76 -6.31
CA LEU A 66 0.69 6.16 -5.10
C LEU A 66 0.98 4.66 -5.12
N LEU A 67 1.33 4.17 -6.30
CA LEU A 67 1.63 2.76 -6.47
C LEU A 67 2.98 2.45 -5.82
N ALA A 68 3.86 3.45 -5.86
CA ALA A 68 5.19 3.30 -5.29
C ALA A 68 5.06 2.87 -3.82
N LEU A 69 4.17 3.54 -3.12
CA LEU A 69 3.94 3.24 -1.72
C LEU A 69 3.35 1.83 -1.59
N VAL A 70 2.54 1.47 -2.58
CA VAL A 70 1.91 0.17 -2.58
C VAL A 70 2.98 -0.91 -2.83
N LYS A 71 3.84 -0.64 -3.80
CA LYS A 71 4.90 -1.58 -4.14
C LYS A 71 5.82 -1.74 -2.93
N HIS A 72 5.94 -0.68 -2.15
CA HIS A 72 6.79 -0.69 -0.97
C HIS A 72 6.31 -1.79 -0.03
N VAL A 73 5.10 -1.61 0.48
CA VAL A 73 4.53 -2.58 1.40
C VAL A 73 4.49 -3.96 0.74
N GLN A 74 4.23 -3.95 -0.56
CA GLN A 74 4.16 -5.18 -1.32
C GLN A 74 5.39 -6.04 -1.05
N SER A 75 6.54 -5.38 -1.06
CA SER A 75 7.80 -6.06 -0.80
C SER A 75 7.97 -6.34 0.68
N LYS A 76 7.23 -5.58 1.49
CA LYS A 76 7.28 -5.73 2.93
C LYS A 76 6.64 -7.07 3.31
N GLY A 77 5.65 -7.46 2.53
CA GLY A 77 4.94 -8.71 2.78
C GLY A 77 3.42 -8.48 2.83
N TYR A 78 2.93 -7.79 1.82
CA TYR A 78 1.51 -7.49 1.73
C TYR A 78 1.12 -7.07 0.31
N PRO A 79 0.58 -8.05 -0.45
CA PRO A 79 0.16 -7.80 -1.83
C PRO A 79 -1.15 -7.00 -1.85
N ASN A 80 -1.12 -5.91 -2.60
CA ASN A 80 -2.29 -5.05 -2.72
C ASN A 80 -3.52 -5.93 -2.96
N GLU A 81 -3.44 -6.76 -3.99
CA GLU A 81 -4.53 -7.65 -4.32
C GLU A 81 -5.12 -8.28 -3.05
N ARG A 82 -4.27 -8.38 -2.04
CA ARG A 82 -4.70 -8.96 -0.77
C ARG A 82 -4.99 -7.85 0.24
N PHE A 83 -3.92 -7.30 0.79
CA PHE A 83 -4.05 -6.23 1.77
C PHE A 83 -4.07 -4.86 1.10
N GLU A 84 -4.77 -3.93 1.72
CA GLU A 84 -4.88 -2.58 1.18
C GLU A 84 -4.28 -1.58 2.17
N LEU A 85 -3.96 -0.40 1.66
CA LEU A 85 -3.38 0.64 2.48
C LEU A 85 -4.42 1.75 2.68
N LEU A 86 -4.57 2.17 3.93
CA LEU A 86 -5.52 3.22 4.27
C LEU A 86 -4.77 4.37 4.95
N THR A 87 -5.50 5.44 5.18
CA THR A 87 -4.93 6.61 5.82
C THR A 87 -5.66 6.90 7.15
N ASN A 88 -5.01 7.73 7.97
CA ASN A 88 -5.57 8.09 9.25
C ASN A 88 -6.90 8.82 9.03
N PHE A 89 -7.59 9.08 10.15
CA PHE A 89 -8.86 9.77 10.09
C PHE A 89 -8.93 10.72 8.89
N PRO A 90 -10.10 10.69 8.20
CA PRO A 90 -11.18 9.81 8.60
C PRO A 90 -10.87 8.36 8.21
N ARG A 91 -10.52 8.17 6.95
CA ARG A 91 -10.19 6.84 6.46
C ARG A 91 -10.33 6.81 4.92
N ARG A 92 -9.29 7.30 4.27
CA ARG A 92 -9.27 7.32 2.81
C ARG A 92 -8.66 6.04 2.26
N LYS A 93 -9.43 5.36 1.41
CA LYS A 93 -8.98 4.12 0.81
C LYS A 93 -8.18 4.44 -0.45
N LEU A 94 -6.86 4.36 -0.32
CA LEU A 94 -5.98 4.64 -1.45
C LEU A 94 -6.24 3.61 -2.55
N SER A 95 -7.11 3.98 -3.48
CA SER A 95 -7.44 3.10 -4.58
C SER A 95 -8.45 3.80 -5.51
N HIS A 96 -9.63 4.06 -4.97
CA HIS A 96 -10.67 4.72 -5.73
C HIS A 96 -10.06 5.82 -6.59
N LEU A 97 -9.38 6.75 -5.92
CA LEU A 97 -8.74 7.86 -6.61
C LEU A 97 -7.97 7.33 -7.83
N ASP A 98 -6.77 6.84 -7.56
CA ASP A 98 -5.93 6.30 -8.62
C ASP A 98 -4.53 6.02 -8.06
N TYR A 99 -3.80 5.21 -8.79
CA TYR A 99 -2.45 4.85 -8.38
C TYR A 99 -1.40 5.50 -9.30
N ASP A 100 -1.90 6.09 -10.38
CA ASP A 100 -1.03 6.74 -11.33
C ASP A 100 -0.90 8.22 -10.98
N ILE A 101 -1.41 8.56 -9.80
CA ILE A 101 -1.35 9.94 -9.32
C ILE A 101 -0.02 10.17 -8.61
N THR A 102 -0.07 11.02 -7.60
CA THR A 102 1.13 11.35 -6.84
C THR A 102 0.81 11.37 -5.34
N LEU A 103 1.83 11.05 -4.55
CA LEU A 103 1.68 11.01 -3.10
C LEU A 103 0.81 12.19 -2.66
N GLN A 104 0.86 13.25 -3.46
CA GLN A 104 0.09 14.45 -3.16
C GLN A 104 -1.40 14.20 -3.45
N GLU A 105 -1.67 13.85 -4.69
CA GLU A 105 -3.05 13.59 -5.11
C GLU A 105 -3.74 12.68 -4.09
N ALA A 106 -3.08 11.57 -3.79
CA ALA A 106 -3.62 10.61 -2.84
C ALA A 106 -3.94 11.32 -1.53
N GLY A 107 -3.18 12.39 -1.27
CA GLY A 107 -3.37 13.16 -0.06
C GLY A 107 -2.47 12.64 1.07
N LEU A 108 -1.30 12.16 0.68
CA LEU A 108 -0.35 11.63 1.65
C LEU A 108 0.63 12.74 2.04
N CYS A 109 0.81 13.69 1.14
CA CYS A 109 1.72 14.79 1.37
C CYS A 109 1.04 15.77 2.34
N PRO A 110 1.89 16.41 3.19
CA PRO A 110 3.31 16.16 3.17
C PRO A 110 3.64 14.81 3.81
N GLN A 111 2.99 14.54 4.92
CA GLN A 111 3.21 13.29 5.64
C GLN A 111 1.88 12.72 6.12
N GLU A 112 1.64 11.47 5.74
CA GLU A 112 0.40 10.79 6.12
C GLU A 112 0.72 9.42 6.73
N THR A 113 -0.23 8.93 7.50
CA THR A 113 -0.07 7.63 8.15
C THR A 113 -0.81 6.55 7.37
N VAL A 114 -0.03 5.67 6.76
CA VAL A 114 -0.60 4.58 5.98
C VAL A 114 -0.92 3.40 6.91
N PHE A 115 -1.95 2.67 6.55
CA PHE A 115 -2.37 1.51 7.33
C PHE A 115 -2.74 0.34 6.42
N VAL A 116 -1.86 -0.66 6.41
CA VAL A 116 -2.09 -1.84 5.60
C VAL A 116 -3.13 -2.72 6.27
N GLN A 117 -4.30 -2.79 5.64
CA GLN A 117 -5.39 -3.59 6.17
C GLN A 117 -5.71 -4.73 5.20
N GLU A 118 -6.53 -5.66 5.67
CA GLU A 118 -6.94 -6.80 4.87
C GLU A 118 -8.05 -6.39 3.90
N SER A 119 -7.76 -6.55 2.62
CA SER A 119 -8.73 -6.22 1.59
C SER A 119 -9.59 -7.43 1.26
N GLY A 120 -9.81 -8.25 2.27
CA GLY A 120 -10.62 -9.45 2.11
C GLY A 120 -9.79 -10.59 1.50
N PRO A 121 -10.30 -11.83 1.71
CA PRO A 121 -9.62 -13.00 1.18
C PRO A 121 -9.83 -13.13 -0.33
N SER A 122 -8.72 -13.17 -1.05
CA SER A 122 -8.77 -13.27 -2.50
C SER A 122 -7.47 -13.91 -3.02
N SER A 123 -7.59 -14.53 -4.19
CA SER A 123 -6.44 -15.18 -4.79
C SER A 123 -6.22 -14.63 -6.20
N GLY A 124 -5.05 -14.95 -6.75
CA GLY A 124 -4.71 -14.49 -8.09
C GLY A 124 -5.83 -14.83 -9.08
N GLY A 1 26.37 -53.57 28.21
CA GLY A 1 26.40 -54.50 27.10
C GLY A 1 27.76 -55.20 27.00
N SER A 2 28.20 -55.40 25.76
CA SER A 2 29.48 -56.06 25.53
C SER A 2 29.89 -55.87 24.07
N SER A 3 30.79 -54.91 23.86
CA SER A 3 31.28 -54.63 22.53
C SER A 3 32.31 -53.49 22.58
N GLY A 4 33.53 -53.83 22.18
CA GLY A 4 34.61 -52.86 22.18
C GLY A 4 35.15 -52.65 20.76
N SER A 5 35.34 -51.38 20.43
CA SER A 5 35.85 -51.03 19.12
C SER A 5 36.03 -49.51 19.01
N SER A 6 37.28 -49.09 19.09
CA SER A 6 37.61 -47.68 19.02
C SER A 6 39.13 -47.49 19.02
N GLY A 7 39.54 -46.28 18.67
CA GLY A 7 40.95 -45.96 18.64
C GLY A 7 41.17 -44.49 18.24
N THR A 8 41.55 -43.69 19.23
CA THR A 8 41.79 -42.28 18.99
C THR A 8 43.29 -41.99 18.99
N ALA A 9 43.62 -40.72 18.78
CA ALA A 9 45.01 -40.30 18.76
C ALA A 9 45.07 -38.79 18.53
N THR A 10 45.73 -38.12 19.47
CA THR A 10 45.87 -36.66 19.38
C THR A 10 47.34 -36.26 19.57
N ASN A 11 47.61 -35.00 19.27
CA ASN A 11 48.96 -34.48 19.39
C ASN A 11 48.92 -32.95 19.35
N HIS A 12 50.05 -32.35 19.68
CA HIS A 12 50.16 -30.90 19.68
C HIS A 12 51.61 -30.49 19.91
N GLN A 13 51.86 -29.20 19.79
CA GLN A 13 53.20 -28.66 19.99
C GLN A 13 53.21 -27.16 19.72
N GLY A 14 53.62 -26.41 20.75
CA GLY A 14 53.69 -24.97 20.64
C GLY A 14 52.41 -24.32 21.18
N LEU A 15 52.56 -23.09 21.66
CA LEU A 15 51.43 -22.36 22.20
C LEU A 15 51.30 -21.01 21.47
N PRO A 16 50.26 -20.93 20.60
CA PRO A 16 50.03 -19.71 19.84
C PRO A 16 49.42 -18.62 20.74
N ALA A 17 49.56 -17.38 20.27
CA ALA A 17 49.05 -16.25 21.01
C ALA A 17 49.18 -14.99 20.15
N VAL A 18 48.68 -15.09 18.92
CA VAL A 18 48.74 -13.97 18.00
C VAL A 18 47.72 -14.20 16.88
N ASP A 19 47.04 -13.12 16.52
CA ASP A 19 46.05 -13.19 15.46
C ASP A 19 45.40 -11.81 15.28
N SER A 20 45.96 -11.05 14.34
CA SER A 20 45.46 -9.72 14.07
C SER A 20 46.32 -9.04 12.98
N GLU A 21 46.04 -9.41 11.75
CA GLU A 21 46.78 -8.86 10.63
C GLU A 21 45.97 -7.74 9.95
N ILE A 22 44.81 -8.12 9.46
CA ILE A 22 43.93 -7.17 8.78
C ILE A 22 43.46 -6.13 9.80
N LEU A 23 43.52 -4.87 9.38
CA LEU A 23 43.10 -3.78 10.24
C LEU A 23 42.64 -2.60 9.37
N GLU A 24 41.35 -2.61 9.06
CA GLU A 24 40.78 -1.55 8.25
C GLU A 24 39.41 -1.14 8.81
N MET A 25 39.45 -0.16 9.70
CA MET A 25 38.23 0.34 10.31
C MET A 25 37.31 0.97 9.27
N PRO A 26 36.00 1.03 9.62
CA PRO A 26 35.01 1.59 8.72
C PRO A 26 35.10 3.13 8.70
N PRO A 27 34.52 3.73 7.62
CA PRO A 27 34.54 5.18 7.47
C PRO A 27 33.53 5.83 8.43
N GLU A 28 34.05 6.67 9.31
CA GLU A 28 33.21 7.36 10.27
C GLU A 28 32.81 8.74 9.72
N LYS A 29 31.77 9.29 10.32
CA LYS A 29 31.27 10.59 9.91
C LYS A 29 30.78 10.52 8.46
N ALA A 30 29.95 11.48 8.10
CA ALA A 30 29.40 11.53 6.76
C ALA A 30 28.91 12.95 6.47
N ASP A 31 28.82 13.26 5.19
CA ASP A 31 28.37 14.58 4.76
C ASP A 31 26.89 14.72 5.09
N GLY A 32 26.62 15.34 6.24
CA GLY A 32 25.25 15.56 6.68
C GLY A 32 24.95 17.05 6.81
N VAL A 33 24.36 17.40 7.94
CA VAL A 33 24.01 18.78 8.21
C VAL A 33 23.69 19.49 6.89
N VAL A 34 22.58 19.08 6.29
CA VAL A 34 22.16 19.68 5.03
C VAL A 34 21.11 20.75 5.30
N GLU A 35 21.60 21.97 5.47
CA GLU A 35 20.72 23.10 5.73
C GLU A 35 20.57 23.96 4.48
N GLY A 36 19.33 24.22 4.10
CA GLY A 36 19.05 25.03 2.93
C GLY A 36 17.73 24.60 2.27
N ILE A 37 16.93 25.59 1.92
CA ILE A 37 15.65 25.33 1.28
C ILE A 37 15.87 24.41 0.07
N ASP A 38 14.90 23.52 -0.13
CA ASP A 38 14.98 22.59 -1.24
C ASP A 38 14.19 23.15 -2.43
N VAL A 39 14.88 23.23 -3.56
CA VAL A 39 14.28 23.75 -4.78
C VAL A 39 13.03 22.93 -5.11
N ASN A 40 13.04 21.68 -4.66
CA ASN A 40 11.92 20.79 -4.90
C ASN A 40 11.20 20.52 -3.58
N GLY A 41 9.93 20.18 -3.70
CA GLY A 41 9.11 19.89 -2.54
C GLY A 41 9.79 18.88 -1.62
N PRO A 42 9.43 18.94 -0.32
CA PRO A 42 10.00 18.04 0.67
C PRO A 42 9.41 16.63 0.53
N LYS A 43 10.26 15.64 0.74
CA LYS A 43 9.85 14.25 0.63
C LYS A 43 8.59 14.04 1.49
N ALA A 44 7.71 13.18 1.00
CA ALA A 44 6.48 12.89 1.71
C ALA A 44 6.70 11.69 2.63
N GLN A 45 6.52 11.93 3.92
CA GLN A 45 6.70 10.88 4.91
C GLN A 45 5.40 10.08 5.08
N LEU A 46 5.51 8.78 4.88
CA LEU A 46 4.37 7.90 5.01
C LEU A 46 4.65 6.84 6.08
N MET A 47 3.67 6.67 6.97
CA MET A 47 3.81 5.70 8.04
C MET A 47 3.09 4.39 7.69
N LEU A 48 3.89 3.35 7.49
CA LEU A 48 3.34 2.04 7.15
C LEU A 48 3.01 1.29 8.43
N ARG A 49 1.72 1.12 8.68
CA ARG A 49 1.26 0.41 9.86
C ARG A 49 0.66 -0.93 9.47
N TYR A 50 1.47 -1.97 9.67
CA TYR A 50 1.03 -3.32 9.35
C TYR A 50 0.05 -3.85 10.39
N PRO A 51 -0.76 -4.85 9.97
CA PRO A 51 -1.76 -5.45 10.85
C PRO A 51 -1.10 -6.36 11.87
N ASP A 52 0.10 -6.82 11.53
CA ASP A 52 0.85 -7.71 12.41
C ASP A 52 1.18 -6.97 13.71
N GLY A 53 0.99 -5.65 13.67
CA GLY A 53 1.26 -4.83 14.83
C GLY A 53 2.52 -3.97 14.61
N LYS A 54 3.35 -4.43 13.68
CA LYS A 54 4.58 -3.72 13.37
C LYS A 54 4.27 -2.57 12.40
N ARG A 55 5.18 -1.61 12.38
CA ARG A 55 5.02 -0.45 11.52
C ARG A 55 6.37 -0.05 10.91
N GLU A 56 6.30 0.84 9.93
CA GLU A 56 7.49 1.31 9.26
C GLU A 56 7.24 2.68 8.61
N GLN A 57 8.12 3.61 8.91
CA GLN A 57 8.00 4.96 8.36
C GLN A 57 8.98 5.14 7.20
N ILE A 58 8.40 5.26 6.01
CA ILE A 58 9.21 5.45 4.82
C ILE A 58 9.12 6.91 4.36
N THR A 59 9.92 7.23 3.35
CA THR A 59 9.94 8.58 2.82
C THR A 59 9.93 8.55 1.29
N LEU A 60 8.78 8.88 0.72
CA LEU A 60 8.63 8.90 -0.72
C LEU A 60 8.65 10.35 -1.22
N PRO A 61 8.86 10.49 -2.54
CA PRO A 61 8.90 11.81 -3.15
C PRO A 61 7.48 12.40 -3.28
N GLU A 62 7.43 13.73 -3.29
CA GLU A 62 6.16 14.42 -3.40
C GLU A 62 5.42 13.97 -4.66
N GLN A 63 6.16 13.83 -5.74
CA GLN A 63 5.58 13.41 -7.00
C GLN A 63 5.91 11.94 -7.26
N ALA A 64 5.44 11.09 -6.36
CA ALA A 64 5.67 9.66 -6.46
C ALA A 64 4.32 8.94 -6.58
N LYS A 65 4.22 8.07 -7.57
CA LYS A 65 3.01 7.32 -7.79
C LYS A 65 2.65 6.55 -6.51
N LEU A 66 1.45 6.85 -6.00
CA LEU A 66 0.98 6.20 -4.79
C LEU A 66 1.41 4.73 -4.80
N LEU A 67 1.50 4.18 -6.00
CA LEU A 67 1.90 2.79 -6.16
C LEU A 67 3.20 2.55 -5.40
N ALA A 68 4.11 3.52 -5.51
CA ALA A 68 5.40 3.43 -4.84
C ALA A 68 5.18 2.93 -3.41
N LEU A 69 4.26 3.58 -2.72
CA LEU A 69 3.95 3.21 -1.34
C LEU A 69 3.36 1.80 -1.32
N VAL A 70 2.57 1.51 -2.34
CA VAL A 70 1.93 0.21 -2.44
C VAL A 70 3.00 -0.86 -2.68
N LYS A 71 3.82 -0.61 -3.68
CA LYS A 71 4.88 -1.54 -4.03
C LYS A 71 5.71 -1.84 -2.77
N HIS A 72 5.99 -0.79 -2.02
CA HIS A 72 6.77 -0.93 -0.80
C HIS A 72 6.16 -2.03 0.07
N VAL A 73 4.94 -1.76 0.53
CA VAL A 73 4.24 -2.72 1.38
C VAL A 73 4.14 -4.06 0.65
N GLN A 74 3.92 -3.97 -0.65
CA GLN A 74 3.80 -5.17 -1.47
C GLN A 74 5.04 -6.04 -1.31
N SER A 75 6.18 -5.38 -1.21
CA SER A 75 7.45 -6.08 -1.06
C SER A 75 7.66 -6.47 0.41
N LYS A 76 7.10 -5.65 1.28
CA LYS A 76 7.21 -5.89 2.71
C LYS A 76 6.68 -7.29 3.04
N GLY A 77 5.53 -7.59 2.46
CA GLY A 77 4.91 -8.89 2.69
C GLY A 77 3.38 -8.76 2.77
N TYR A 78 2.83 -8.01 1.83
CA TYR A 78 1.40 -7.79 1.77
C TYR A 78 0.96 -7.30 0.40
N PRO A 79 0.40 -8.26 -0.40
CA PRO A 79 -0.06 -7.94 -1.74
C PRO A 79 -1.38 -7.15 -1.69
N ASN A 80 -1.38 -6.03 -2.39
CA ASN A 80 -2.57 -5.17 -2.44
C ASN A 80 -3.81 -6.06 -2.55
N GLU A 81 -3.83 -6.87 -3.60
CA GLU A 81 -4.96 -7.76 -3.83
C GLU A 81 -5.47 -8.32 -2.50
N ARG A 82 -4.53 -8.61 -1.62
CA ARG A 82 -4.87 -9.15 -0.31
C ARG A 82 -5.09 -8.02 0.69
N PHE A 83 -3.98 -7.51 1.22
CA PHE A 83 -4.05 -6.43 2.19
C PHE A 83 -4.11 -5.07 1.49
N GLU A 84 -4.81 -4.15 2.12
CA GLU A 84 -4.97 -2.81 1.58
C GLU A 84 -4.37 -1.78 2.54
N LEU A 85 -4.05 -0.62 1.98
CA LEU A 85 -3.49 0.46 2.77
C LEU A 85 -4.55 1.53 3.02
N LEU A 86 -4.63 1.98 4.26
CA LEU A 86 -5.60 2.99 4.63
C LEU A 86 -4.86 4.21 5.20
N THR A 87 -5.62 5.26 5.45
CA THR A 87 -5.05 6.48 6.00
C THR A 87 -5.61 6.75 7.40
N ASN A 88 -5.12 7.82 8.01
CA ASN A 88 -5.55 8.19 9.34
C ASN A 88 -6.95 8.79 9.26
N PHE A 89 -7.49 9.10 10.43
CA PHE A 89 -8.82 9.68 10.51
C PHE A 89 -9.11 10.57 9.29
N PRO A 90 -10.36 10.44 8.77
CA PRO A 90 -11.33 9.53 9.36
C PRO A 90 -11.00 8.08 9.00
N ARG A 91 -10.73 7.87 7.72
CA ARG A 91 -10.41 6.54 7.24
C ARG A 91 -10.65 6.44 5.73
N ARG A 92 -9.57 6.59 4.98
CA ARG A 92 -9.65 6.52 3.54
C ARG A 92 -8.88 5.31 3.01
N LYS A 93 -9.52 4.58 2.11
CA LYS A 93 -8.91 3.41 1.53
C LYS A 93 -7.97 3.82 0.40
N LEU A 94 -6.69 3.52 0.58
CA LEU A 94 -5.69 3.86 -0.42
C LEU A 94 -5.69 2.79 -1.52
N SER A 95 -6.39 3.12 -2.60
CA SER A 95 -6.48 2.21 -3.73
C SER A 95 -7.35 2.83 -4.82
N HIS A 96 -8.38 3.53 -4.39
CA HIS A 96 -9.29 4.17 -5.33
C HIS A 96 -8.60 5.38 -5.98
N LEU A 97 -7.53 5.82 -5.33
CA LEU A 97 -6.77 6.96 -5.83
C LEU A 97 -6.60 6.82 -7.35
N ASP A 98 -5.56 6.08 -7.73
CA ASP A 98 -5.27 5.87 -9.13
C ASP A 98 -3.81 5.44 -9.29
N TYR A 99 -3.05 5.67 -8.24
CA TYR A 99 -1.64 5.31 -8.24
C TYR A 99 -0.85 6.19 -9.22
N ASP A 100 -1.32 6.21 -10.46
CA ASP A 100 -0.68 6.99 -11.49
C ASP A 100 -0.48 8.43 -10.99
N ILE A 101 -1.28 8.78 -10.00
CA ILE A 101 -1.22 10.11 -9.42
C ILE A 101 0.08 10.25 -8.62
N THR A 102 0.08 11.22 -7.71
CA THR A 102 1.25 11.46 -6.89
C THR A 102 0.87 11.45 -5.41
N LEU A 103 1.85 11.14 -4.58
CA LEU A 103 1.62 11.09 -3.14
C LEU A 103 0.74 12.27 -2.72
N GLN A 104 0.82 13.33 -3.51
CA GLN A 104 0.04 14.52 -3.23
C GLN A 104 -1.43 14.29 -3.58
N GLU A 105 -1.66 13.91 -4.83
CA GLU A 105 -3.01 13.66 -5.30
C GLU A 105 -3.74 12.73 -4.33
N ALA A 106 -3.07 11.66 -3.96
CA ALA A 106 -3.64 10.68 -3.05
C ALA A 106 -4.11 11.40 -1.78
N GLY A 107 -3.55 12.58 -1.56
CA GLY A 107 -3.90 13.38 -0.40
C GLY A 107 -3.09 12.95 0.82
N LEU A 108 -1.95 12.34 0.55
CA LEU A 108 -1.08 11.87 1.61
C LEU A 108 -0.15 13.01 2.04
N CYS A 109 0.56 13.56 1.07
CA CYS A 109 1.48 14.65 1.32
C CYS A 109 0.77 15.67 2.23
N PRO A 110 1.58 16.34 3.08
CA PRO A 110 3.02 16.09 3.09
C PRO A 110 3.34 14.77 3.79
N GLN A 111 2.85 14.64 5.02
CA GLN A 111 3.07 13.44 5.79
C GLN A 111 1.73 12.81 6.19
N GLU A 112 1.57 11.55 5.81
CA GLU A 112 0.36 10.83 6.12
C GLU A 112 0.69 9.49 6.80
N THR A 113 -0.31 8.94 7.47
CA THR A 113 -0.13 7.67 8.16
C THR A 113 -0.88 6.56 7.43
N VAL A 114 -0.10 5.65 6.85
CA VAL A 114 -0.65 4.54 6.11
C VAL A 114 -0.92 3.38 7.07
N PHE A 115 -1.94 2.59 6.74
CA PHE A 115 -2.30 1.45 7.56
C PHE A 115 -2.71 0.27 6.69
N VAL A 116 -1.85 -0.75 6.70
CA VAL A 116 -2.10 -1.95 5.92
C VAL A 116 -3.16 -2.80 6.63
N GLN A 117 -4.33 -2.86 6.02
CA GLN A 117 -5.43 -3.63 6.59
C GLN A 117 -5.84 -4.75 5.63
N GLU A 118 -6.34 -5.83 6.21
CA GLU A 118 -6.77 -6.97 5.42
C GLU A 118 -7.96 -6.59 4.54
N SER A 119 -7.74 -6.68 3.24
CA SER A 119 -8.78 -6.35 2.28
C SER A 119 -9.72 -7.55 2.09
N GLY A 120 -10.78 -7.31 1.33
CA GLY A 120 -11.74 -8.36 1.06
C GLY A 120 -11.33 -9.20 -0.14
N PRO A 121 -12.35 -9.66 -0.90
CA PRO A 121 -12.11 -10.47 -2.09
C PRO A 121 -11.58 -9.61 -3.25
N SER A 122 -10.66 -10.18 -3.99
CA SER A 122 -10.07 -9.48 -5.13
C SER A 122 -10.36 -10.25 -6.41
N SER A 123 -9.94 -11.51 -6.42
CA SER A 123 -10.14 -12.35 -7.59
C SER A 123 -11.47 -13.11 -7.46
N GLY A 124 -12.01 -13.47 -8.61
CA GLY A 124 -13.27 -14.20 -8.64
C GLY A 124 -14.25 -13.56 -9.65
N GLY A 1 -78.71 -4.53 -37.77
CA GLY A 1 -78.05 -4.95 -36.54
C GLY A 1 -76.53 -4.79 -36.65
N SER A 2 -75.83 -5.49 -35.79
CA SER A 2 -74.37 -5.43 -35.78
C SER A 2 -73.81 -6.57 -34.91
N SER A 3 -73.17 -7.51 -35.57
CA SER A 3 -72.58 -8.64 -34.89
C SER A 3 -71.07 -8.61 -35.02
N GLY A 4 -70.41 -9.45 -34.23
CA GLY A 4 -68.96 -9.52 -34.25
C GLY A 4 -68.48 -10.95 -34.03
N SER A 5 -67.21 -11.08 -33.69
CA SER A 5 -66.62 -12.38 -33.46
C SER A 5 -65.15 -12.23 -33.05
N SER A 6 -64.58 -13.33 -32.57
CA SER A 6 -63.20 -13.33 -32.14
C SER A 6 -62.77 -14.74 -31.73
N GLY A 7 -61.48 -14.89 -31.49
CA GLY A 7 -60.94 -16.18 -31.10
C GLY A 7 -59.41 -16.19 -31.17
N THR A 8 -58.79 -15.84 -30.07
CA THR A 8 -57.33 -15.78 -30.00
C THR A 8 -56.77 -17.20 -29.96
N ALA A 9 -55.44 -17.27 -29.86
CA ALA A 9 -54.76 -18.56 -29.81
C ALA A 9 -53.25 -18.32 -29.87
N THR A 10 -52.53 -19.06 -29.03
CA THR A 10 -51.09 -18.95 -28.98
C THR A 10 -50.50 -19.99 -28.03
N ASN A 11 -49.85 -20.99 -28.62
CA ASN A 11 -49.25 -22.05 -27.84
C ASN A 11 -47.82 -22.28 -28.32
N HIS A 12 -47.00 -22.79 -27.42
CA HIS A 12 -45.60 -23.07 -27.74
C HIS A 12 -44.88 -23.56 -26.49
N GLN A 13 -43.69 -24.11 -26.72
CA GLN A 13 -42.89 -24.63 -25.62
C GLN A 13 -41.69 -25.41 -26.17
N GLY A 14 -40.76 -25.70 -25.27
CA GLY A 14 -39.55 -26.43 -25.65
C GLY A 14 -38.35 -25.50 -25.75
N LEU A 15 -37.22 -25.98 -25.26
CA LEU A 15 -35.99 -25.21 -25.29
C LEU A 15 -34.88 -26.00 -24.61
N PRO A 16 -33.63 -25.84 -25.15
CA PRO A 16 -32.49 -26.54 -24.60
C PRO A 16 -32.03 -25.89 -23.28
N ALA A 17 -30.89 -26.35 -22.80
CA ALA A 17 -30.33 -25.83 -21.57
C ALA A 17 -28.87 -25.47 -21.79
N VAL A 18 -28.64 -24.63 -22.78
CA VAL A 18 -27.28 -24.19 -23.10
C VAL A 18 -26.35 -25.40 -23.09
N ASP A 19 -25.06 -25.11 -23.14
CA ASP A 19 -24.05 -26.16 -23.13
C ASP A 19 -22.67 -25.54 -23.35
N SER A 20 -21.80 -25.78 -22.37
CA SER A 20 -20.45 -25.25 -22.44
C SER A 20 -20.48 -23.73 -22.39
N GLU A 21 -19.98 -23.19 -21.29
CA GLU A 21 -19.94 -21.75 -21.11
C GLU A 21 -18.52 -21.22 -21.33
N ILE A 22 -17.64 -21.55 -20.40
CA ILE A 22 -16.26 -21.12 -20.48
C ILE A 22 -15.62 -21.72 -21.73
N LEU A 23 -14.96 -20.85 -22.50
CA LEU A 23 -14.30 -21.28 -23.71
C LEU A 23 -13.08 -20.41 -23.96
N GLU A 24 -11.97 -21.07 -24.26
CA GLU A 24 -10.72 -20.36 -24.52
C GLU A 24 -10.57 -19.17 -23.56
N MET A 25 -9.99 -19.44 -22.41
CA MET A 25 -9.78 -18.41 -21.41
C MET A 25 -8.70 -17.42 -21.86
N PRO A 26 -8.84 -16.17 -21.36
CA PRO A 26 -7.90 -15.11 -21.70
C PRO A 26 -6.57 -15.30 -20.95
N PRO A 27 -5.47 -14.91 -21.62
CA PRO A 27 -4.14 -15.03 -21.03
C PRO A 27 -3.92 -13.95 -19.97
N GLU A 28 -2.69 -13.91 -19.47
CA GLU A 28 -2.34 -12.93 -18.44
C GLU A 28 -1.41 -11.87 -19.04
N LYS A 29 -1.22 -10.81 -18.26
CA LYS A 29 -0.36 -9.72 -18.69
C LYS A 29 0.66 -9.41 -17.60
N ALA A 30 1.69 -8.66 -17.99
CA ALA A 30 2.74 -8.30 -17.05
C ALA A 30 2.77 -6.78 -16.89
N ASP A 31 3.72 -6.32 -16.08
CA ASP A 31 3.87 -4.89 -15.85
C ASP A 31 5.31 -4.48 -16.15
N GLY A 32 5.48 -3.19 -16.39
CA GLY A 32 6.80 -2.65 -16.70
C GLY A 32 7.47 -2.09 -15.44
N VAL A 33 8.75 -2.37 -15.31
CA VAL A 33 9.52 -1.90 -14.17
C VAL A 33 10.23 -0.60 -14.54
N VAL A 34 9.52 0.50 -14.37
CA VAL A 34 10.07 1.81 -14.68
C VAL A 34 9.85 2.75 -13.49
N GLU A 35 10.95 3.17 -12.91
CA GLU A 35 10.89 4.07 -11.76
C GLU A 35 11.47 5.44 -12.13
N GLY A 36 11.24 6.41 -11.25
CA GLY A 36 11.74 7.75 -11.47
C GLY A 36 11.79 8.54 -10.15
N ILE A 37 12.88 8.34 -9.42
CA ILE A 37 13.06 9.03 -8.16
C ILE A 37 13.40 10.49 -8.41
N ASP A 38 12.55 11.36 -7.89
CA ASP A 38 12.76 12.79 -8.06
C ASP A 38 13.59 13.33 -6.89
N VAL A 39 14.84 13.65 -7.21
CA VAL A 39 15.75 14.18 -6.20
C VAL A 39 15.43 15.65 -5.93
N ASN A 40 16.12 16.20 -4.94
CA ASN A 40 15.90 17.59 -4.57
C ASN A 40 14.47 17.77 -4.10
N GLY A 41 14.22 18.93 -3.49
CA GLY A 41 12.89 19.25 -2.99
C GLY A 41 12.57 18.41 -1.74
N PRO A 42 11.40 18.72 -1.12
CA PRO A 42 10.97 18.02 0.07
C PRO A 42 10.46 16.62 -0.28
N LYS A 43 10.28 15.81 0.76
CA LYS A 43 9.80 14.45 0.58
C LYS A 43 8.52 14.27 1.39
N ALA A 44 7.89 13.12 1.20
CA ALA A 44 6.66 12.80 1.89
C ALA A 44 6.89 11.61 2.83
N GLN A 45 6.62 11.83 4.10
CA GLN A 45 6.80 10.78 5.10
C GLN A 45 5.52 9.96 5.24
N LEU A 46 5.67 8.66 5.07
CA LEU A 46 4.54 7.75 5.18
C LEU A 46 4.82 6.71 6.27
N MET A 47 3.81 6.47 7.09
CA MET A 47 3.94 5.49 8.16
C MET A 47 3.15 4.22 7.86
N LEU A 48 3.83 3.26 7.28
CA LEU A 48 3.20 2.00 6.93
C LEU A 48 2.89 1.21 8.21
N ARG A 49 1.62 1.19 8.57
CA ARG A 49 1.19 0.48 9.77
C ARG A 49 0.57 -0.86 9.39
N TYR A 50 1.27 -1.92 9.78
CA TYR A 50 0.81 -3.27 9.49
C TYR A 50 -0.32 -3.68 10.44
N PRO A 51 -1.15 -4.64 9.96
CA PRO A 51 -2.27 -5.12 10.76
C PRO A 51 -1.79 -6.04 11.88
N ASP A 52 -1.25 -5.42 12.92
CA ASP A 52 -0.74 -6.19 14.05
C ASP A 52 0.60 -6.79 13.70
N GLY A 53 1.08 -6.45 12.51
CA GLY A 53 2.36 -6.96 12.04
C GLY A 53 3.45 -5.89 12.14
N LYS A 54 3.40 -5.15 13.24
CA LYS A 54 4.37 -4.10 13.47
C LYS A 54 4.04 -2.90 12.57
N ARG A 55 5.05 -2.06 12.37
CA ARG A 55 4.89 -0.88 11.54
C ARG A 55 6.19 -0.57 10.80
N GLU A 56 6.15 0.50 10.02
CA GLU A 56 7.32 0.92 9.26
C GLU A 56 7.02 2.24 8.53
N GLN A 57 7.94 3.18 8.71
CA GLN A 57 7.79 4.48 8.07
C GLN A 57 8.76 4.60 6.90
N ILE A 58 8.32 5.34 5.89
CA ILE A 58 9.14 5.53 4.70
C ILE A 58 9.03 7.00 4.26
N THR A 59 9.83 7.34 3.25
CA THR A 59 9.83 8.69 2.73
C THR A 59 9.83 8.68 1.20
N LEU A 60 8.66 8.97 0.64
CA LEU A 60 8.51 8.99 -0.80
C LEU A 60 8.44 10.44 -1.29
N PRO A 61 8.67 10.63 -2.61
CA PRO A 61 8.64 11.95 -3.21
C PRO A 61 7.19 12.43 -3.36
N GLU A 62 7.06 13.74 -3.54
CA GLU A 62 5.75 14.35 -3.70
C GLU A 62 5.11 13.89 -5.01
N GLN A 63 5.93 13.87 -6.06
CA GLN A 63 5.46 13.45 -7.37
C GLN A 63 5.71 11.96 -7.57
N ALA A 64 5.49 11.20 -6.51
CA ALA A 64 5.70 9.76 -6.56
C ALA A 64 4.35 9.06 -6.69
N LYS A 65 4.29 8.11 -7.61
CA LYS A 65 3.07 7.36 -7.84
C LYS A 65 2.70 6.58 -6.57
N LEU A 66 1.46 6.77 -6.14
CA LEU A 66 0.97 6.10 -4.94
C LEU A 66 1.50 4.67 -4.92
N LEU A 67 1.71 4.13 -6.11
CA LEU A 67 2.21 2.77 -6.24
C LEU A 67 3.50 2.63 -5.43
N ALA A 68 4.35 3.64 -5.57
CA ALA A 68 5.62 3.64 -4.86
C ALA A 68 5.40 3.15 -3.42
N LEU A 69 4.42 3.76 -2.78
CA LEU A 69 4.10 3.41 -1.40
C LEU A 69 3.57 1.96 -1.36
N VAL A 70 2.85 1.60 -2.41
CA VAL A 70 2.29 0.27 -2.51
C VAL A 70 3.41 -0.74 -2.70
N LYS A 71 4.28 -0.44 -3.65
CA LYS A 71 5.40 -1.32 -3.94
C LYS A 71 6.15 -1.64 -2.64
N HIS A 72 6.14 -0.66 -1.74
CA HIS A 72 6.81 -0.81 -0.46
C HIS A 72 6.07 -1.86 0.38
N VAL A 73 4.87 -1.48 0.80
CA VAL A 73 4.05 -2.38 1.61
C VAL A 73 4.02 -3.76 0.97
N GLN A 74 4.05 -3.76 -0.36
CA GLN A 74 4.03 -5.02 -1.10
C GLN A 74 5.34 -5.78 -0.89
N SER A 75 6.44 -5.04 -1.00
CA SER A 75 7.75 -5.64 -0.83
C SER A 75 7.91 -6.14 0.61
N LYS A 76 7.12 -5.56 1.50
CA LYS A 76 7.17 -5.93 2.90
C LYS A 76 6.56 -7.33 3.06
N GLY A 77 5.49 -7.57 2.32
CA GLY A 77 4.81 -8.85 2.38
C GLY A 77 3.29 -8.66 2.45
N TYR A 78 2.79 -7.79 1.59
CA TYR A 78 1.37 -7.50 1.55
C TYR A 78 0.95 -7.04 0.15
N PRO A 79 0.38 -8.00 -0.63
CA PRO A 79 -0.07 -7.70 -1.98
C PRO A 79 -1.37 -6.91 -1.95
N ASN A 80 -1.32 -5.74 -2.59
CA ASN A 80 -2.49 -4.87 -2.64
C ASN A 80 -3.73 -5.73 -2.92
N GLU A 81 -3.69 -6.44 -4.03
CA GLU A 81 -4.80 -7.29 -4.42
C GLU A 81 -5.42 -7.94 -3.18
N ARG A 82 -4.58 -8.19 -2.20
CA ARG A 82 -5.02 -8.82 -0.96
C ARG A 82 -5.29 -7.76 0.10
N PHE A 83 -4.20 -7.17 0.58
CA PHE A 83 -4.30 -6.14 1.60
C PHE A 83 -4.52 -4.76 0.97
N GLU A 84 -5.18 -3.90 1.72
CA GLU A 84 -5.46 -2.55 1.25
C GLU A 84 -4.75 -1.52 2.13
N LEU A 85 -4.33 -0.44 1.50
CA LEU A 85 -3.63 0.62 2.22
C LEU A 85 -4.63 1.75 2.53
N LEU A 86 -4.67 2.12 3.80
CA LEU A 86 -5.56 3.18 4.24
C LEU A 86 -4.74 4.30 4.88
N THR A 87 -5.42 5.38 5.20
CA THR A 87 -4.78 6.53 5.82
C THR A 87 -5.12 6.60 7.31
N ASN A 88 -4.82 7.75 7.90
CA ASN A 88 -5.09 7.96 9.31
C ASN A 88 -6.59 8.18 9.52
N PHE A 89 -7.04 7.95 10.74
CA PHE A 89 -8.43 8.11 11.08
C PHE A 89 -9.07 9.22 10.23
N PRO A 90 -10.32 8.94 9.77
CA PRO A 90 -10.97 7.68 10.07
C PRO A 90 -10.37 6.53 9.25
N ARG A 91 -10.35 6.75 7.95
CA ARG A 91 -9.81 5.75 7.04
C ARG A 91 -10.14 6.12 5.59
N ARG A 92 -9.24 5.72 4.69
CA ARG A 92 -9.42 6.01 3.28
C ARG A 92 -8.71 4.95 2.43
N LYS A 93 -9.50 4.13 1.76
CA LYS A 93 -8.95 3.09 0.91
C LYS A 93 -8.18 3.72 -0.25
N LEU A 94 -6.87 3.71 -0.12
CA LEU A 94 -6.01 4.28 -1.15
C LEU A 94 -6.01 3.37 -2.37
N SER A 95 -7.13 3.38 -3.07
CA SER A 95 -7.28 2.55 -4.26
C SER A 95 -8.16 3.26 -5.29
N HIS A 96 -9.40 3.51 -4.89
CA HIS A 96 -10.34 4.18 -5.76
C HIS A 96 -9.64 5.28 -6.54
N LEU A 97 -9.04 6.21 -5.79
CA LEU A 97 -8.33 7.32 -6.39
C LEU A 97 -7.57 6.82 -7.63
N ASP A 98 -6.34 6.37 -7.40
CA ASP A 98 -5.51 5.87 -8.47
C ASP A 98 -4.06 5.77 -7.99
N TYR A 99 -3.25 5.11 -8.79
CA TYR A 99 -1.84 4.94 -8.46
C TYR A 99 -0.95 5.82 -9.35
N ASP A 100 -1.47 6.11 -10.54
CA ASP A 100 -0.74 6.93 -11.49
C ASP A 100 -0.61 8.35 -10.93
N ILE A 101 -1.48 8.66 -9.98
CA ILE A 101 -1.47 9.97 -9.35
C ILE A 101 -0.17 10.15 -8.57
N THR A 102 -0.18 11.14 -7.69
CA THR A 102 0.99 11.43 -6.87
C THR A 102 0.63 11.38 -5.39
N LEU A 103 1.63 11.08 -4.57
CA LEU A 103 1.43 11.00 -3.14
C LEU A 103 0.50 12.13 -2.69
N GLN A 104 0.56 13.23 -3.44
CA GLN A 104 -0.27 14.38 -3.13
C GLN A 104 -1.74 14.10 -3.47
N GLU A 105 -1.95 13.68 -4.70
CA GLU A 105 -3.29 13.37 -5.16
C GLU A 105 -3.98 12.40 -4.19
N ALA A 106 -3.27 11.33 -3.88
CA ALA A 106 -3.79 10.32 -2.97
C ALA A 106 -4.20 10.99 -1.66
N GLY A 107 -3.50 12.08 -1.35
CA GLY A 107 -3.79 12.82 -0.14
C GLY A 107 -2.93 12.31 1.03
N LEU A 108 -1.63 12.23 0.77
CA LEU A 108 -0.69 11.76 1.78
C LEU A 108 0.26 12.91 2.14
N CYS A 109 0.83 13.51 1.11
CA CYS A 109 1.76 14.61 1.30
C CYS A 109 1.09 15.66 2.21
N PRO A 110 1.94 16.32 3.03
CA PRO A 110 3.36 16.04 3.04
C PRO A 110 3.66 14.72 3.74
N GLN A 111 3.17 14.61 4.97
CA GLN A 111 3.37 13.40 5.75
C GLN A 111 2.03 12.84 6.22
N GLU A 112 1.83 11.56 5.93
CA GLU A 112 0.60 10.89 6.31
C GLU A 112 0.90 9.51 6.88
N THR A 113 -0.09 8.93 7.54
CA THR A 113 0.05 7.62 8.13
C THR A 113 -0.73 6.58 7.33
N VAL A 114 0.01 5.78 6.58
CA VAL A 114 -0.60 4.75 5.76
C VAL A 114 -0.78 3.47 6.59
N PHE A 115 -2.02 3.05 6.73
CA PHE A 115 -2.33 1.86 7.50
C PHE A 115 -2.68 0.69 6.57
N VAL A 116 -2.01 -0.43 6.82
CA VAL A 116 -2.24 -1.63 6.01
C VAL A 116 -3.41 -2.42 6.60
N GLN A 117 -4.43 -2.59 5.79
CA GLN A 117 -5.61 -3.32 6.22
C GLN A 117 -5.88 -4.50 5.28
N GLU A 118 -6.54 -5.52 5.82
CA GLU A 118 -6.86 -6.70 5.04
C GLU A 118 -8.09 -6.44 4.17
N SER A 119 -7.90 -6.61 2.87
CA SER A 119 -8.98 -6.39 1.92
C SER A 119 -9.73 -7.71 1.68
N GLY A 120 -10.98 -7.73 2.12
CA GLY A 120 -11.81 -8.91 1.95
C GLY A 120 -12.17 -9.52 3.31
N PRO A 121 -13.30 -10.28 3.32
CA PRO A 121 -13.76 -10.91 4.54
C PRO A 121 -12.90 -12.13 4.88
N SER A 122 -12.87 -13.08 3.96
CA SER A 122 -12.09 -14.29 4.15
C SER A 122 -10.80 -14.22 3.32
N SER A 123 -9.85 -15.07 3.70
CA SER A 123 -8.58 -15.11 3.01
C SER A 123 -8.62 -16.18 1.91
N GLY A 124 -8.28 -15.76 0.70
CA GLY A 124 -8.27 -16.66 -0.43
C GLY A 124 -7.73 -18.03 -0.03
N GLY A 1 65.21 -0.60 -73.24
CA GLY A 1 64.20 -1.40 -72.58
C GLY A 1 64.78 -2.75 -72.14
N SER A 2 64.38 -3.17 -70.95
CA SER A 2 64.86 -4.43 -70.41
C SER A 2 64.30 -4.63 -68.99
N SER A 3 64.10 -5.89 -68.64
CA SER A 3 63.59 -6.23 -67.32
C SER A 3 63.64 -7.74 -67.11
N GLY A 4 63.36 -8.15 -65.88
CA GLY A 4 63.38 -9.55 -65.53
C GLY A 4 62.33 -9.87 -64.46
N SER A 5 62.44 -11.06 -63.90
CA SER A 5 61.51 -11.49 -62.87
C SER A 5 61.84 -12.92 -62.42
N SER A 6 61.44 -13.23 -61.21
CA SER A 6 61.69 -14.55 -60.65
C SER A 6 61.19 -14.63 -59.20
N GLY A 7 60.71 -15.81 -58.83
CA GLY A 7 60.21 -16.01 -57.48
C GLY A 7 59.80 -17.48 -57.28
N THR A 8 59.32 -17.75 -56.08
CA THR A 8 58.89 -19.10 -55.73
C THR A 8 57.66 -19.05 -54.83
N ALA A 9 57.03 -20.21 -54.67
CA ALA A 9 55.84 -20.31 -53.83
C ALA A 9 55.98 -21.53 -52.91
N THR A 10 55.37 -21.42 -51.75
CA THR A 10 55.41 -22.50 -50.77
C THR A 10 54.03 -23.15 -50.65
N ASN A 11 53.97 -24.15 -49.78
CA ASN A 11 52.73 -24.88 -49.56
C ASN A 11 52.19 -24.56 -48.17
N HIS A 12 50.97 -24.99 -47.92
CA HIS A 12 50.34 -24.76 -46.63
C HIS A 12 49.48 -25.96 -46.24
N GLN A 13 48.97 -25.93 -45.03
CA GLN A 13 48.14 -27.01 -44.53
C GLN A 13 47.03 -26.46 -43.63
N GLY A 14 46.12 -27.35 -43.25
CA GLY A 14 45.01 -26.96 -42.41
C GLY A 14 44.62 -28.11 -41.47
N LEU A 15 43.68 -27.81 -40.58
CA LEU A 15 43.20 -28.81 -39.63
C LEU A 15 41.70 -28.67 -39.47
N PRO A 16 41.08 -29.73 -38.88
CA PRO A 16 39.65 -29.74 -38.66
C PRO A 16 39.26 -28.83 -37.48
N ALA A 17 37.96 -28.65 -37.32
CA ALA A 17 37.46 -27.80 -36.26
C ALA A 17 36.26 -28.49 -35.60
N VAL A 18 35.79 -27.89 -34.52
CA VAL A 18 34.66 -28.43 -33.79
C VAL A 18 33.37 -27.74 -34.28
N ASP A 19 32.26 -28.16 -33.69
CA ASP A 19 30.98 -27.59 -34.05
C ASP A 19 30.23 -27.17 -32.78
N SER A 20 28.97 -26.80 -32.96
CA SER A 20 28.14 -26.37 -31.85
C SER A 20 26.99 -27.35 -31.64
N GLU A 21 26.71 -27.63 -30.38
CA GLU A 21 25.64 -28.55 -30.04
C GLU A 21 25.01 -28.14 -28.70
N ILE A 22 25.86 -27.91 -27.72
CA ILE A 22 25.39 -27.52 -26.40
C ILE A 22 25.53 -26.00 -26.25
N LEU A 23 24.55 -25.42 -25.57
CA LEU A 23 24.55 -23.99 -25.34
C LEU A 23 24.94 -23.28 -26.64
N GLU A 24 23.96 -23.18 -27.53
CA GLU A 24 24.19 -22.53 -28.81
C GLU A 24 23.01 -21.60 -29.14
N MET A 25 22.61 -20.84 -28.14
CA MET A 25 21.50 -19.90 -28.31
C MET A 25 21.92 -18.49 -27.90
N PRO A 26 21.19 -17.49 -28.46
CA PRO A 26 21.46 -16.10 -28.15
C PRO A 26 20.96 -15.72 -26.76
N PRO A 27 21.62 -14.70 -26.16
CA PRO A 27 21.25 -14.24 -24.83
C PRO A 27 19.96 -13.42 -24.87
N GLU A 28 19.53 -12.99 -23.71
CA GLU A 28 18.32 -12.20 -23.59
C GLU A 28 18.50 -11.09 -22.57
N LYS A 29 17.71 -10.03 -22.73
CA LYS A 29 17.77 -8.90 -21.83
C LYS A 29 16.36 -8.56 -21.34
N ALA A 30 16.32 -7.74 -20.30
CA ALA A 30 15.05 -7.34 -19.71
C ALA A 30 15.29 -6.23 -18.68
N ASP A 31 14.20 -5.62 -18.25
CA ASP A 31 14.28 -4.54 -17.28
C ASP A 31 14.89 -5.09 -15.99
N GLY A 32 15.47 -4.18 -15.22
CA GLY A 32 16.10 -4.54 -13.97
C GLY A 32 16.02 -3.40 -12.96
N VAL A 33 17.19 -2.95 -12.52
CA VAL A 33 17.27 -1.87 -11.56
C VAL A 33 16.77 -0.58 -12.21
N VAL A 34 15.45 -0.46 -12.29
CA VAL A 34 14.84 0.71 -12.88
C VAL A 34 14.00 1.43 -11.82
N GLU A 35 14.45 2.62 -11.46
CA GLU A 35 13.75 3.42 -10.46
C GLU A 35 14.38 4.81 -10.36
N GLY A 36 13.54 5.78 -10.03
CA GLY A 36 14.01 7.15 -9.90
C GLY A 36 13.96 7.60 -8.43
N ILE A 37 15.09 7.42 -7.76
CA ILE A 37 15.20 7.80 -6.36
C ILE A 37 15.58 9.29 -6.27
N ASP A 38 14.72 10.05 -5.61
CA ASP A 38 14.96 11.47 -5.45
C ASP A 38 15.54 11.73 -4.06
N VAL A 39 16.62 12.51 -4.04
CA VAL A 39 17.27 12.83 -2.79
C VAL A 39 17.27 14.35 -2.59
N ASN A 40 17.83 14.77 -1.47
CA ASN A 40 17.90 16.19 -1.16
C ASN A 40 16.50 16.70 -0.80
N GLY A 41 16.36 17.11 0.45
CA GLY A 41 15.09 17.61 0.93
C GLY A 41 14.17 16.47 1.38
N PRO A 42 13.39 16.74 2.45
CA PRO A 42 12.47 15.75 2.99
C PRO A 42 11.24 15.60 2.10
N LYS A 43 10.83 14.35 1.92
CA LYS A 43 9.68 14.06 1.09
C LYS A 43 8.45 13.86 1.99
N ALA A 44 7.57 12.97 1.55
CA ALA A 44 6.36 12.68 2.29
C ALA A 44 6.63 11.53 3.27
N GLN A 45 6.43 11.83 4.54
CA GLN A 45 6.65 10.83 5.58
C GLN A 45 5.42 9.93 5.72
N LEU A 46 5.54 8.74 5.15
CA LEU A 46 4.46 7.78 5.20
C LEU A 46 4.76 6.73 6.28
N MET A 47 3.76 6.49 7.12
CA MET A 47 3.91 5.51 8.19
C MET A 47 3.15 4.22 7.86
N LEU A 48 3.88 3.27 7.31
CA LEU A 48 3.29 1.99 6.95
C LEU A 48 3.00 1.19 8.23
N ARG A 49 1.73 1.12 8.56
CA ARG A 49 1.30 0.39 9.75
C ARG A 49 0.74 -0.98 9.36
N TYR A 50 1.46 -2.02 9.77
CA TYR A 50 1.04 -3.38 9.46
C TYR A 50 -0.07 -3.83 10.41
N PRO A 51 -0.88 -4.81 9.93
CA PRO A 51 -1.98 -5.34 10.72
C PRO A 51 -1.47 -6.27 11.82
N ASP A 52 -0.96 -5.66 12.89
CA ASP A 52 -0.44 -6.42 14.00
C ASP A 52 0.94 -6.98 13.63
N GLY A 53 1.39 -6.60 12.45
CA GLY A 53 2.69 -7.06 11.96
C GLY A 53 3.74 -5.96 12.09
N LYS A 54 3.67 -5.24 13.20
CA LYS A 54 4.60 -4.16 13.46
C LYS A 54 4.25 -2.96 12.57
N ARG A 55 5.23 -2.08 12.39
CA ARG A 55 5.04 -0.90 11.57
C ARG A 55 6.34 -0.52 10.88
N GLU A 56 6.26 0.53 10.08
CA GLU A 56 7.43 1.02 9.35
C GLU A 56 7.07 2.29 8.58
N GLN A 57 7.91 3.30 8.76
CA GLN A 57 7.70 4.58 8.09
C GLN A 57 8.75 4.77 6.99
N ILE A 58 8.31 5.40 5.91
CA ILE A 58 9.19 5.65 4.79
C ILE A 58 8.99 7.09 4.30
N THR A 59 9.82 7.48 3.34
CA THR A 59 9.74 8.82 2.79
C THR A 59 9.78 8.76 1.26
N LEU A 60 8.63 9.01 0.65
CA LEU A 60 8.52 8.99 -0.79
C LEU A 60 8.32 10.41 -1.31
N PRO A 61 8.63 10.61 -2.62
CA PRO A 61 8.50 11.91 -3.23
C PRO A 61 7.03 12.23 -3.51
N GLU A 62 6.75 13.52 -3.63
CA GLU A 62 5.39 13.97 -3.89
C GLU A 62 4.94 13.53 -5.29
N GLN A 63 5.88 13.60 -6.22
CA GLN A 63 5.60 13.21 -7.60
C GLN A 63 5.49 11.69 -7.71
N ALA A 64 6.11 11.01 -6.76
CA ALA A 64 6.10 9.55 -6.73
C ALA A 64 4.65 9.08 -6.83
N LYS A 65 4.46 8.02 -7.61
CA LYS A 65 3.14 7.45 -7.80
C LYS A 65 2.71 6.73 -6.52
N LEU A 66 1.44 6.91 -6.18
CA LEU A 66 0.91 6.28 -4.98
C LEU A 66 1.36 4.82 -4.93
N LEU A 67 1.62 4.27 -6.10
CA LEU A 67 2.06 2.89 -6.20
C LEU A 67 3.36 2.71 -5.41
N ALA A 68 4.21 3.72 -5.51
CA ALA A 68 5.49 3.69 -4.82
C ALA A 68 5.27 3.18 -3.39
N LEU A 69 4.27 3.76 -2.74
CA LEU A 69 3.96 3.38 -1.37
C LEU A 69 3.41 1.96 -1.36
N VAL A 70 2.69 1.63 -2.43
CA VAL A 70 2.10 0.30 -2.55
C VAL A 70 3.21 -0.73 -2.76
N LYS A 71 4.02 -0.48 -3.79
CA LYS A 71 5.11 -1.37 -4.11
C LYS A 71 5.94 -1.63 -2.85
N HIS A 72 5.90 -0.66 -1.94
CA HIS A 72 6.64 -0.77 -0.70
C HIS A 72 5.97 -1.81 0.21
N VAL A 73 4.76 -1.48 0.62
CA VAL A 73 3.99 -2.37 1.50
C VAL A 73 3.91 -3.75 0.84
N GLN A 74 4.08 -3.77 -0.47
CA GLN A 74 4.01 -5.01 -1.22
C GLN A 74 5.28 -5.82 -1.01
N SER A 75 6.41 -5.11 -1.01
CA SER A 75 7.70 -5.76 -0.82
C SER A 75 7.84 -6.21 0.64
N LYS A 76 7.17 -5.48 1.52
CA LYS A 76 7.22 -5.80 2.94
C LYS A 76 6.62 -7.18 3.17
N GLY A 77 5.55 -7.47 2.44
CA GLY A 77 4.89 -8.76 2.57
C GLY A 77 3.37 -8.58 2.65
N TYR A 78 2.84 -7.84 1.68
CA TYR A 78 1.41 -7.59 1.64
C TYR A 78 0.99 -7.11 0.25
N PRO A 79 0.42 -8.07 -0.54
CA PRO A 79 -0.03 -7.75 -1.89
C PRO A 79 -1.34 -6.96 -1.85
N ASN A 80 -1.34 -5.85 -2.58
CA ASN A 80 -2.52 -4.99 -2.64
C ASN A 80 -3.76 -5.86 -2.79
N GLU A 81 -3.75 -6.71 -3.82
CA GLU A 81 -4.86 -7.59 -4.08
C GLU A 81 -5.40 -8.18 -2.77
N ARG A 82 -4.50 -8.31 -1.81
CA ARG A 82 -4.86 -8.85 -0.51
C ARG A 82 -5.07 -7.73 0.50
N PHE A 83 -3.97 -7.20 1.00
CA PHE A 83 -4.01 -6.13 1.96
C PHE A 83 -4.03 -4.77 1.27
N GLU A 84 -4.93 -3.91 1.73
CA GLU A 84 -5.06 -2.58 1.16
C GLU A 84 -4.42 -1.54 2.08
N LEU A 85 -4.14 -0.38 1.51
CA LEU A 85 -3.52 0.69 2.27
C LEU A 85 -4.57 1.77 2.55
N LEU A 86 -4.69 2.13 3.82
CA LEU A 86 -5.64 3.14 4.23
C LEU A 86 -4.89 4.37 4.75
N THR A 87 -5.64 5.42 5.01
CA THR A 87 -5.06 6.66 5.51
C THR A 87 -5.79 7.13 6.76
N ASN A 88 -5.01 7.68 7.69
CA ASN A 88 -5.57 8.17 8.94
C ASN A 88 -6.82 9.00 8.64
N PHE A 89 -7.68 9.10 9.64
CA PHE A 89 -8.91 9.86 9.50
C PHE A 89 -8.69 11.08 8.61
N PRO A 90 -9.55 11.17 7.55
CA PRO A 90 -10.56 10.15 7.32
C PRO A 90 -9.94 8.88 6.76
N ARG A 91 -10.67 7.78 6.93
CA ARG A 91 -10.20 6.50 6.44
C ARG A 91 -10.49 6.35 4.95
N ARG A 92 -9.45 6.55 4.16
CA ARG A 92 -9.57 6.44 2.72
C ARG A 92 -8.87 5.18 2.21
N LYS A 93 -9.60 4.41 1.42
CA LYS A 93 -9.06 3.17 0.86
C LYS A 93 -8.25 3.50 -0.39
N LEU A 94 -6.95 3.70 -0.18
CA LEU A 94 -6.05 4.01 -1.28
C LEU A 94 -6.17 2.92 -2.35
N SER A 95 -7.07 3.17 -3.30
CA SER A 95 -7.29 2.22 -4.37
C SER A 95 -8.19 2.84 -5.44
N HIS A 96 -9.44 3.06 -5.06
CA HIS A 96 -10.40 3.66 -5.97
C HIS A 96 -9.74 4.77 -6.77
N LEU A 97 -9.21 5.74 -6.05
CA LEU A 97 -8.54 6.87 -6.69
C LEU A 97 -7.73 6.37 -7.88
N ASP A 98 -6.50 5.94 -7.57
CA ASP A 98 -5.61 5.44 -8.60
C ASP A 98 -4.17 5.53 -8.11
N TYR A 99 -3.36 4.59 -8.57
CA TYR A 99 -1.96 4.55 -8.19
C TYR A 99 -1.08 5.26 -9.23
N ASP A 100 -1.75 5.89 -10.18
CA ASP A 100 -1.04 6.61 -11.23
C ASP A 100 -0.88 8.07 -10.83
N ILE A 101 -1.62 8.46 -9.80
CA ILE A 101 -1.56 9.82 -9.30
C ILE A 101 -0.24 10.04 -8.57
N THR A 102 -0.13 11.19 -7.93
CA THR A 102 1.06 11.53 -7.18
C THR A 102 0.79 11.50 -5.68
N LEU A 103 1.83 11.18 -4.93
CA LEU A 103 1.72 11.10 -3.48
C LEU A 103 0.85 12.27 -2.98
N GLN A 104 0.89 13.36 -3.74
CA GLN A 104 0.12 14.54 -3.39
C GLN A 104 -1.37 14.30 -3.68
N GLU A 105 -1.64 13.88 -4.90
CA GLU A 105 -3.01 13.62 -5.32
C GLU A 105 -3.73 12.77 -4.27
N ALA A 106 -3.13 11.63 -3.95
CA ALA A 106 -3.71 10.73 -2.96
C ALA A 106 -3.93 11.50 -1.65
N GLY A 107 -3.09 12.50 -1.44
CA GLY A 107 -3.18 13.31 -0.24
C GLY A 107 -2.32 12.73 0.88
N LEU A 108 -1.24 12.08 0.47
CA LEU A 108 -0.33 11.47 1.43
C LEU A 108 0.65 12.54 1.94
N CYS A 109 0.87 13.53 1.09
CA CYS A 109 1.78 14.62 1.44
C CYS A 109 0.99 15.66 2.23
N PRO A 110 1.74 16.37 3.14
CA PRO A 110 3.15 16.12 3.30
C PRO A 110 3.39 14.82 4.07
N GLN A 111 2.84 14.77 5.27
CA GLN A 111 2.99 13.59 6.11
C GLN A 111 1.63 12.92 6.33
N GLU A 112 1.63 11.60 6.17
CA GLU A 112 0.41 10.83 6.35
C GLU A 112 0.73 9.44 6.88
N THR A 113 -0.23 8.87 7.59
CA THR A 113 -0.06 7.54 8.16
C THR A 113 -0.84 6.51 7.34
N VAL A 114 -0.10 5.68 6.63
CA VAL A 114 -0.71 4.65 5.80
C VAL A 114 -0.84 3.37 6.62
N PHE A 115 -2.09 2.91 6.74
CA PHE A 115 -2.37 1.70 7.50
C PHE A 115 -2.62 0.53 6.57
N VAL A 116 -2.04 -0.61 6.92
CA VAL A 116 -2.18 -1.81 6.13
C VAL A 116 -3.27 -2.69 6.74
N GLN A 117 -4.21 -3.09 5.91
CA GLN A 117 -5.31 -3.92 6.36
C GLN A 117 -5.72 -4.91 5.25
N GLU A 118 -6.51 -5.90 5.64
CA GLU A 118 -6.97 -6.90 4.69
C GLU A 118 -8.05 -6.31 3.78
N SER A 119 -7.76 -6.31 2.49
CA SER A 119 -8.70 -5.78 1.51
C SER A 119 -9.87 -6.74 1.33
N GLY A 120 -10.99 -6.18 0.93
CA GLY A 120 -12.19 -6.98 0.71
C GLY A 120 -12.45 -7.18 -0.78
N PRO A 121 -13.75 -7.32 -1.13
CA PRO A 121 -14.15 -7.53 -2.51
C PRO A 121 -14.03 -6.23 -3.31
N SER A 122 -12.81 -5.74 -3.40
CA SER A 122 -12.55 -4.50 -4.13
C SER A 122 -13.11 -4.61 -5.56
N SER A 123 -12.61 -5.60 -6.27
CA SER A 123 -13.05 -5.82 -7.64
C SER A 123 -12.59 -4.66 -8.54
N GLY A 124 -11.77 -5.00 -9.52
CA GLY A 124 -11.27 -4.00 -10.44
C GLY A 124 -10.24 -4.61 -11.41
N GLY A 1 -7.32 -57.05 62.17
CA GLY A 1 -7.46 -56.11 61.06
C GLY A 1 -6.93 -56.72 59.76
N SER A 2 -6.76 -55.85 58.77
CA SER A 2 -6.25 -56.29 57.47
C SER A 2 -6.07 -55.08 56.56
N SER A 3 -5.45 -55.34 55.41
CA SER A 3 -5.21 -54.29 54.44
C SER A 3 -4.96 -54.90 53.05
N GLY A 4 -4.91 -54.03 52.06
CA GLY A 4 -4.69 -54.47 50.69
C GLY A 4 -3.76 -53.51 49.96
N SER A 5 -3.79 -53.60 48.63
CA SER A 5 -2.96 -52.75 47.80
C SER A 5 -3.23 -53.03 46.32
N SER A 6 -2.66 -52.19 45.48
CA SER A 6 -2.83 -52.34 44.04
C SER A 6 -1.72 -51.59 43.29
N GLY A 7 -1.71 -51.77 41.98
CA GLY A 7 -0.72 -51.11 41.16
C GLY A 7 -1.13 -51.13 39.68
N THR A 8 -0.25 -50.62 38.84
CA THR A 8 -0.51 -50.58 37.41
C THR A 8 0.74 -50.13 36.66
N ALA A 9 0.70 -50.30 35.34
CA ALA A 9 1.82 -49.93 34.50
C ALA A 9 1.37 -49.94 33.03
N THR A 10 2.00 -49.08 32.25
CA THR A 10 1.68 -48.99 30.83
C THR A 10 2.91 -49.29 29.98
N ASN A 11 2.75 -49.15 28.67
CA ASN A 11 3.83 -49.40 27.74
C ASN A 11 3.43 -48.93 26.35
N HIS A 12 4.41 -48.88 25.46
CA HIS A 12 4.17 -48.45 24.10
C HIS A 12 5.44 -48.64 23.27
N GLN A 13 5.32 -48.34 21.98
CA GLN A 13 6.45 -48.47 21.08
C GLN A 13 6.03 -48.11 19.65
N GLY A 14 7.01 -48.09 18.76
CA GLY A 14 6.75 -47.76 17.37
C GLY A 14 7.69 -46.65 16.90
N LEU A 15 8.00 -46.68 15.61
CA LEU A 15 8.88 -45.68 15.02
C LEU A 15 8.80 -45.78 13.50
N PRO A 16 8.90 -44.59 12.85
CA PRO A 16 8.83 -44.52 11.40
C PRO A 16 10.14 -45.02 10.77
N ALA A 17 10.22 -44.89 9.45
CA ALA A 17 11.40 -45.31 8.73
C ALA A 17 11.32 -44.81 7.28
N VAL A 18 11.05 -43.52 7.15
CA VAL A 18 10.94 -42.92 5.83
C VAL A 18 12.15 -42.02 5.59
N ASP A 19 12.69 -42.12 4.37
CA ASP A 19 13.85 -41.33 4.00
C ASP A 19 13.41 -40.19 3.09
N SER A 20 14.32 -39.25 2.87
CA SER A 20 14.04 -38.10 2.02
C SER A 20 15.06 -38.03 0.90
N GLU A 21 14.71 -37.28 -0.14
CA GLU A 21 15.58 -37.12 -1.28
C GLU A 21 15.87 -35.63 -1.53
N ILE A 22 14.80 -34.90 -1.83
CA ILE A 22 14.92 -33.48 -2.09
C ILE A 22 15.23 -32.76 -0.78
N LEU A 23 16.22 -31.89 -0.84
CA LEU A 23 16.63 -31.13 0.33
C LEU A 23 17.26 -29.80 -0.12
N GLU A 24 16.48 -28.74 0.03
CA GLU A 24 16.94 -27.42 -0.36
C GLU A 24 16.20 -26.34 0.43
N MET A 25 16.59 -26.18 1.69
CA MET A 25 15.97 -25.20 2.55
C MET A 25 17.00 -24.22 3.11
N PRO A 26 17.15 -23.07 2.39
CA PRO A 26 18.11 -22.05 2.81
C PRO A 26 17.58 -21.27 4.01
N PRO A 27 18.54 -20.74 4.81
CA PRO A 27 18.19 -19.97 5.99
C PRO A 27 17.70 -18.58 5.61
N GLU A 28 17.66 -17.71 6.61
CA GLU A 28 17.21 -16.34 6.40
C GLU A 28 17.81 -15.42 7.46
N LYS A 29 18.14 -14.20 7.02
CA LYS A 29 18.71 -13.22 7.92
C LYS A 29 18.49 -11.82 7.34
N ALA A 30 18.81 -10.82 8.15
CA ALA A 30 18.64 -9.43 7.74
C ALA A 30 18.93 -8.52 8.93
N ASP A 31 19.85 -7.59 8.72
CA ASP A 31 20.23 -6.65 9.76
C ASP A 31 21.36 -5.76 9.26
N GLY A 32 21.53 -4.64 9.93
CA GLY A 32 22.58 -3.70 9.57
C GLY A 32 22.48 -2.42 10.42
N VAL A 33 23.65 -1.95 10.83
CA VAL A 33 23.72 -0.75 11.64
C VAL A 33 24.13 0.44 10.77
N VAL A 34 23.11 1.11 10.23
CA VAL A 34 23.35 2.26 9.36
C VAL A 34 22.02 2.89 8.99
N GLU A 35 22.10 4.10 8.45
CA GLU A 35 20.91 4.82 8.05
C GLU A 35 20.03 5.11 9.26
N GLY A 36 20.16 6.32 9.78
CA GLY A 36 19.38 6.73 10.94
C GLY A 36 17.93 7.00 10.55
N ILE A 37 17.09 6.01 10.80
CA ILE A 37 15.68 6.13 10.48
C ILE A 37 15.08 7.32 11.24
N ASP A 38 15.16 8.49 10.59
CA ASP A 38 14.64 9.71 11.19
C ASP A 38 14.86 10.87 10.23
N VAL A 39 13.82 11.19 9.49
CA VAL A 39 13.89 12.29 8.53
C VAL A 39 13.08 13.47 9.05
N ASN A 40 13.40 14.65 8.52
CA ASN A 40 12.70 15.86 8.93
C ASN A 40 13.07 16.99 7.98
N GLY A 41 12.30 17.08 6.89
CA GLY A 41 12.53 18.11 5.89
C GLY A 41 11.59 17.94 4.71
N PRO A 42 12.20 17.87 3.49
CA PRO A 42 11.42 17.71 2.28
C PRO A 42 10.92 16.28 2.13
N LYS A 43 10.48 15.96 0.93
CA LYS A 43 9.96 14.63 0.65
C LYS A 43 8.69 14.39 1.47
N ALA A 44 7.91 13.42 1.04
CA ALA A 44 6.68 13.08 1.73
C ALA A 44 6.91 11.88 2.64
N GLN A 45 6.62 12.09 3.91
CA GLN A 45 6.80 11.04 4.90
C GLN A 45 5.49 10.25 5.09
N LEU A 46 5.64 8.95 5.22
CA LEU A 46 4.48 8.08 5.40
C LEU A 46 4.84 6.97 6.39
N MET A 47 3.85 6.60 7.20
CA MET A 47 4.04 5.55 8.19
C MET A 47 3.27 4.28 7.80
N LEU A 48 4.01 3.19 7.73
CA LEU A 48 3.41 1.91 7.37
C LEU A 48 3.04 1.16 8.64
N ARG A 49 1.74 1.02 8.85
CA ARG A 49 1.24 0.32 10.03
C ARG A 49 0.66 -1.05 9.63
N TYR A 50 1.49 -2.07 9.78
CA TYR A 50 1.06 -3.42 9.44
C TYR A 50 0.07 -3.96 10.48
N PRO A 51 -0.76 -4.92 10.01
CA PRO A 51 -1.77 -5.53 10.88
C PRO A 51 -1.12 -6.50 11.86
N ASP A 52 0.15 -6.79 11.61
CA ASP A 52 0.90 -7.70 12.46
C ASP A 52 1.21 -7.02 13.80
N GLY A 53 0.88 -5.73 13.85
CA GLY A 53 1.13 -4.94 15.04
C GLY A 53 2.39 -4.08 14.89
N LYS A 54 3.19 -4.44 13.90
CA LYS A 54 4.42 -3.71 13.63
C LYS A 54 4.15 -2.63 12.58
N ARG A 55 5.08 -1.70 12.47
CA ARG A 55 4.96 -0.62 11.51
C ARG A 55 6.33 -0.25 10.94
N GLU A 56 6.32 0.75 10.09
CA GLU A 56 7.56 1.21 9.46
C GLU A 56 7.33 2.55 8.75
N GLN A 57 8.17 3.52 9.10
CA GLN A 57 8.08 4.84 8.50
C GLN A 57 9.05 4.97 7.32
N ILE A 58 8.53 5.49 6.22
CA ILE A 58 9.34 5.66 5.03
C ILE A 58 9.11 7.07 4.47
N THR A 59 10.07 7.52 3.67
CA THR A 59 9.98 8.84 3.07
C THR A 59 10.04 8.73 1.54
N LEU A 60 8.96 9.18 0.90
CA LEU A 60 8.89 9.13 -0.55
C LEU A 60 8.58 10.53 -1.08
N PRO A 61 8.91 10.75 -2.37
CA PRO A 61 8.67 12.03 -3.02
C PRO A 61 7.19 12.21 -3.33
N GLU A 62 6.71 13.41 -3.07
CA GLU A 62 5.31 13.74 -3.32
C GLU A 62 4.93 13.34 -4.74
N GLN A 63 5.83 13.62 -5.67
CA GLN A 63 5.60 13.31 -7.06
C GLN A 63 5.57 11.78 -7.26
N ALA A 64 5.96 11.08 -6.21
CA ALA A 64 5.98 9.63 -6.26
C ALA A 64 4.55 9.10 -6.45
N LYS A 65 4.43 8.12 -7.34
CA LYS A 65 3.14 7.52 -7.63
C LYS A 65 2.68 6.70 -6.42
N LEU A 66 1.44 6.94 -6.02
CA LEU A 66 0.87 6.23 -4.89
C LEU A 66 1.33 4.76 -4.93
N LEU A 67 1.38 4.23 -6.14
CA LEU A 67 1.79 2.84 -6.32
C LEU A 67 3.14 2.62 -5.63
N ALA A 68 4.00 3.61 -5.76
CA ALA A 68 5.32 3.54 -5.15
C ALA A 68 5.19 3.02 -3.72
N LEU A 69 4.31 3.68 -2.97
CA LEU A 69 4.08 3.30 -1.59
C LEU A 69 3.42 1.93 -1.54
N VAL A 70 2.46 1.73 -2.43
CA VAL A 70 1.74 0.47 -2.51
C VAL A 70 2.74 -0.67 -2.77
N LYS A 71 3.63 -0.41 -3.73
CA LYS A 71 4.63 -1.40 -4.08
C LYS A 71 5.50 -1.70 -2.86
N HIS A 72 5.85 -0.64 -2.13
CA HIS A 72 6.66 -0.79 -0.94
C HIS A 72 6.10 -1.91 -0.07
N VAL A 73 4.91 -1.66 0.46
CA VAL A 73 4.25 -2.63 1.31
C VAL A 73 4.12 -3.96 0.56
N GLN A 74 3.80 -3.85 -0.72
CA GLN A 74 3.63 -5.02 -1.56
C GLN A 74 4.79 -5.99 -1.34
N SER A 75 5.98 -5.42 -1.20
CA SER A 75 7.18 -6.23 -1.00
C SER A 75 7.31 -6.58 0.49
N LYS A 76 6.88 -5.65 1.33
CA LYS A 76 6.95 -5.86 2.77
C LYS A 76 6.33 -7.21 3.12
N GLY A 77 5.48 -7.69 2.22
CA GLY A 77 4.82 -8.97 2.43
C GLY A 77 3.31 -8.79 2.55
N TYR A 78 2.78 -7.86 1.76
CA TYR A 78 1.35 -7.58 1.77
C TYR A 78 0.89 -7.03 0.43
N PRO A 79 0.31 -7.95 -0.40
CA PRO A 79 -0.18 -7.57 -1.71
C PRO A 79 -1.49 -6.78 -1.60
N ASN A 80 -1.58 -5.73 -2.42
CA ASN A 80 -2.76 -4.89 -2.42
C ASN A 80 -4.01 -5.77 -2.53
N GLU A 81 -3.98 -6.66 -3.53
CA GLU A 81 -5.09 -7.56 -3.76
C GLU A 81 -5.59 -8.14 -2.44
N ARG A 82 -4.67 -8.22 -1.48
CA ARG A 82 -5.00 -8.75 -0.17
C ARG A 82 -5.13 -7.62 0.84
N PHE A 83 -3.99 -7.16 1.32
CA PHE A 83 -3.97 -6.08 2.29
C PHE A 83 -3.95 -4.71 1.60
N GLU A 84 -4.77 -3.81 2.12
CA GLU A 84 -4.86 -2.47 1.56
C GLU A 84 -4.27 -1.45 2.55
N LEU A 85 -3.88 -0.31 2.00
CA LEU A 85 -3.30 0.75 2.80
C LEU A 85 -4.34 1.86 3.00
N LEU A 86 -4.52 2.24 4.25
CA LEU A 86 -5.47 3.29 4.58
C LEU A 86 -4.72 4.50 5.14
N THR A 87 -5.46 5.58 5.35
CA THR A 87 -4.88 6.80 5.86
C THR A 87 -5.49 7.14 7.23
N ASN A 88 -4.69 7.83 8.04
CA ASN A 88 -5.13 8.21 9.37
C ASN A 88 -6.49 8.91 9.26
N PHE A 89 -7.27 8.79 10.34
CA PHE A 89 -8.58 9.39 10.38
C PHE A 89 -8.59 10.75 9.68
N PRO A 90 -9.54 10.90 8.72
CA PRO A 90 -10.47 9.82 8.41
C PRO A 90 -9.78 8.72 7.61
N ARG A 91 -10.38 7.54 7.65
CA ARG A 91 -9.84 6.39 6.94
C ARG A 91 -10.19 6.48 5.45
N ARG A 92 -9.31 5.92 4.63
CA ARG A 92 -9.51 5.92 3.20
C ARG A 92 -8.65 4.85 2.52
N LYS A 93 -9.33 3.96 1.81
CA LYS A 93 -8.64 2.88 1.13
C LYS A 93 -7.75 3.47 0.03
N LEU A 94 -6.45 3.42 0.27
CA LEU A 94 -5.49 3.94 -0.68
C LEU A 94 -5.33 2.96 -1.84
N SER A 95 -6.14 3.19 -2.88
CA SER A 95 -6.10 2.34 -4.05
C SER A 95 -6.97 2.95 -5.16
N HIS A 96 -8.18 3.32 -4.78
CA HIS A 96 -9.12 3.91 -5.72
C HIS A 96 -8.49 5.16 -6.35
N LEU A 97 -7.48 5.69 -5.67
CA LEU A 97 -6.79 6.88 -6.15
C LEU A 97 -6.58 6.76 -7.65
N ASP A 98 -5.55 6.02 -8.02
CA ASP A 98 -5.23 5.82 -9.42
C ASP A 98 -3.76 5.41 -9.56
N TYR A 99 -3.01 5.65 -8.48
CA TYR A 99 -1.60 5.31 -8.46
C TYR A 99 -0.80 6.22 -9.41
N ASP A 100 -1.23 6.22 -10.67
CA ASP A 100 -0.56 7.03 -11.68
C ASP A 100 -0.40 8.46 -11.15
N ILE A 101 -1.21 8.78 -10.15
CA ILE A 101 -1.17 10.11 -9.56
C ILE A 101 0.12 10.26 -8.77
N THR A 102 0.11 11.21 -7.84
CA THR A 102 1.27 11.48 -7.02
C THR A 102 0.91 11.36 -5.53
N LEU A 103 1.94 11.20 -4.71
CA LEU A 103 1.74 11.07 -3.28
C LEU A 103 0.81 12.19 -2.80
N GLN A 104 0.76 13.25 -3.58
CA GLN A 104 -0.08 14.39 -3.25
C GLN A 104 -1.54 14.10 -3.61
N GLU A 105 -1.75 13.80 -4.87
CA GLU A 105 -3.08 13.50 -5.36
C GLU A 105 -3.77 12.49 -4.43
N ALA A 106 -3.07 11.41 -4.16
CA ALA A 106 -3.60 10.37 -3.29
C ALA A 106 -4.01 10.99 -1.95
N GLY A 107 -3.48 12.18 -1.69
CA GLY A 107 -3.79 12.89 -0.46
C GLY A 107 -2.96 12.35 0.70
N LEU A 108 -1.68 12.17 0.44
CA LEU A 108 -0.78 11.66 1.46
C LEU A 108 0.17 12.78 1.90
N CYS A 109 0.64 13.54 0.92
CA CYS A 109 1.54 14.64 1.19
C CYS A 109 0.80 15.67 2.05
N PRO A 110 1.59 16.38 2.91
CA PRO A 110 3.03 16.13 2.98
C PRO A 110 3.34 14.83 3.71
N GLN A 111 2.72 14.68 4.87
CA GLN A 111 2.91 13.49 5.68
C GLN A 111 1.57 12.86 6.04
N GLU A 112 1.50 11.55 5.87
CA GLU A 112 0.29 10.81 6.17
C GLU A 112 0.62 9.44 6.74
N THR A 113 -0.18 9.02 7.70
CA THR A 113 0.01 7.73 8.34
C THR A 113 -0.69 6.63 7.55
N VAL A 114 0.12 5.72 7.01
CA VAL A 114 -0.41 4.62 6.24
C VAL A 114 -0.72 3.45 7.16
N PHE A 115 -1.75 2.70 6.79
CA PHE A 115 -2.16 1.55 7.58
C PHE A 115 -2.57 0.38 6.68
N VAL A 116 -1.79 -0.68 6.76
CA VAL A 116 -2.05 -1.87 5.96
C VAL A 116 -3.09 -2.74 6.67
N GLN A 117 -4.22 -2.92 6.00
CA GLN A 117 -5.30 -3.72 6.55
C GLN A 117 -5.75 -4.77 5.54
N GLU A 118 -6.42 -5.80 6.06
CA GLU A 118 -6.91 -6.87 5.22
C GLU A 118 -8.09 -6.38 4.36
N SER A 119 -7.91 -6.48 3.05
CA SER A 119 -8.93 -6.04 2.13
C SER A 119 -9.90 -7.21 1.84
N GLY A 120 -11.17 -6.94 2.06
CA GLY A 120 -12.20 -7.95 1.82
C GLY A 120 -12.48 -8.73 3.10
N PRO A 121 -13.65 -9.42 3.10
CA PRO A 121 -14.05 -10.23 4.25
C PRO A 121 -13.25 -11.53 4.32
N SER A 122 -13.23 -12.24 3.21
CA SER A 122 -12.50 -13.49 3.13
C SER A 122 -11.34 -13.37 2.13
N SER A 123 -10.27 -14.09 2.42
CA SER A 123 -9.10 -14.07 1.57
C SER A 123 -8.64 -15.51 1.30
N GLY A 124 -8.35 -15.77 0.03
CA GLY A 124 -7.89 -17.08 -0.38
C GLY A 124 -8.68 -17.58 -1.59
N GLY A 1 -14.47 -35.03 79.75
CA GLY A 1 -13.30 -34.20 79.53
C GLY A 1 -12.48 -34.72 78.36
N SER A 2 -11.17 -34.71 78.55
CA SER A 2 -10.25 -35.18 77.52
C SER A 2 -10.29 -34.23 76.32
N SER A 3 -9.20 -34.26 75.56
CA SER A 3 -9.10 -33.40 74.39
C SER A 3 -7.74 -33.59 73.72
N GLY A 4 -7.61 -33.02 72.53
CA GLY A 4 -6.37 -33.12 71.78
C GLY A 4 -6.62 -33.00 70.27
N SER A 5 -5.85 -32.13 69.66
CA SER A 5 -5.98 -31.90 68.23
C SER A 5 -4.75 -31.16 67.69
N SER A 6 -4.50 -31.33 66.41
CA SER A 6 -3.37 -30.70 65.76
C SER A 6 -3.52 -30.76 64.24
N GLY A 7 -2.79 -29.87 63.57
CA GLY A 7 -2.83 -29.82 62.12
C GLY A 7 -2.32 -28.47 61.61
N THR A 8 -1.96 -28.46 60.33
CA THR A 8 -1.45 -27.25 59.70
C THR A 8 -1.44 -27.40 58.19
N ALA A 9 -1.39 -26.26 57.51
CA ALA A 9 -1.38 -26.25 56.05
C ALA A 9 -1.31 -24.80 55.56
N THR A 10 -0.54 -24.61 54.50
CA THR A 10 -0.38 -23.29 53.92
C THR A 10 -0.54 -23.35 52.40
N ASN A 11 -0.72 -22.18 51.80
CA ASN A 11 -0.88 -22.08 50.36
C ASN A 11 -1.01 -20.61 49.97
N HIS A 12 -0.92 -20.37 48.66
CA HIS A 12 -1.03 -19.02 48.15
C HIS A 12 -1.04 -19.06 46.62
N GLN A 13 -1.65 -18.04 46.04
CA GLN A 13 -1.73 -17.95 44.58
C GLN A 13 -2.49 -16.68 44.18
N GLY A 14 -2.36 -16.34 42.90
CA GLY A 14 -3.03 -15.17 42.37
C GLY A 14 -2.54 -14.84 40.96
N LEU A 15 -3.28 -15.34 39.98
CA LEU A 15 -2.94 -15.12 38.59
C LEU A 15 -3.14 -13.64 38.25
N PRO A 16 -2.39 -13.17 37.22
CA PRO A 16 -2.47 -11.79 36.79
C PRO A 16 -3.76 -11.55 35.99
N ALA A 17 -3.77 -10.43 35.28
CA ALA A 17 -4.93 -10.07 34.47
C ALA A 17 -4.49 -9.13 33.35
N VAL A 18 -5.25 -9.16 32.26
CA VAL A 18 -4.96 -8.31 31.12
C VAL A 18 -6.25 -7.68 30.61
N ASP A 19 -6.09 -6.58 29.89
CA ASP A 19 -7.24 -5.87 29.34
C ASP A 19 -6.78 -5.02 28.16
N SER A 20 -7.77 -4.47 27.46
CA SER A 20 -7.48 -3.63 26.30
C SER A 20 -7.48 -2.16 26.71
N GLU A 21 -6.55 -1.82 27.59
CA GLU A 21 -6.42 -0.46 28.07
C GLU A 21 -6.59 0.53 26.91
N ILE A 22 -5.46 0.87 26.30
CA ILE A 22 -5.46 1.80 25.19
C ILE A 22 -6.56 2.84 25.40
N LEU A 23 -7.07 3.35 24.29
CA LEU A 23 -8.12 4.35 24.33
C LEU A 23 -9.07 4.15 23.14
N GLU A 24 -10.02 5.07 23.02
CA GLU A 24 -10.99 4.99 21.94
C GLU A 24 -11.17 6.38 21.30
N MET A 25 -10.04 6.94 20.87
CA MET A 25 -10.06 8.25 20.24
C MET A 25 -11.26 8.38 19.30
N PRO A 26 -12.08 9.44 19.56
CA PRO A 26 -13.26 9.68 18.74
C PRO A 26 -12.87 10.29 17.39
N PRO A 27 -13.72 10.01 16.37
CA PRO A 27 -13.47 10.52 15.03
C PRO A 27 -13.80 12.02 14.94
N GLU A 28 -13.44 12.60 13.81
CA GLU A 28 -13.67 14.02 13.59
C GLU A 28 -14.33 14.24 12.22
N LYS A 29 -14.80 15.46 12.02
CA LYS A 29 -15.45 15.82 10.78
C LYS A 29 -14.74 17.03 10.16
N ALA A 30 -13.42 16.92 10.10
CA ALA A 30 -12.61 17.99 9.54
C ALA A 30 -11.62 17.40 8.54
N ASP A 31 -11.03 18.28 7.75
CA ASP A 31 -10.06 17.87 6.75
C ASP A 31 -9.01 18.97 6.58
N GLY A 32 -7.91 18.60 5.95
CA GLY A 32 -6.82 19.53 5.72
C GLY A 32 -6.95 20.18 4.34
N VAL A 33 -6.58 21.46 4.29
CA VAL A 33 -6.65 22.21 3.04
C VAL A 33 -5.26 22.26 2.41
N VAL A 34 -4.94 21.20 1.67
CA VAL A 34 -3.65 21.11 1.01
C VAL A 34 -3.87 21.01 -0.50
N GLU A 35 -3.71 22.15 -1.17
CA GLU A 35 -3.88 22.19 -2.62
C GLU A 35 -2.79 23.05 -3.25
N GLY A 36 -2.42 22.68 -4.47
CA GLY A 36 -1.40 23.41 -5.20
C GLY A 36 -0.58 22.46 -6.09
N ILE A 37 0.13 23.06 -7.03
CA ILE A 37 0.96 22.30 -7.94
C ILE A 37 1.95 21.45 -7.15
N ASP A 38 2.55 20.49 -7.83
CA ASP A 38 3.52 19.60 -7.20
C ASP A 38 4.94 20.09 -7.54
N VAL A 39 5.56 20.71 -6.55
CA VAL A 39 6.91 21.22 -6.73
C VAL A 39 7.88 20.41 -5.85
N ASN A 40 8.98 20.02 -6.46
CA ASN A 40 9.99 19.24 -5.76
C ASN A 40 10.43 20.00 -4.50
N GLY A 41 9.98 19.50 -3.36
CA GLY A 41 10.31 20.12 -2.09
C GLY A 41 10.66 19.07 -1.04
N PRO A 42 9.94 19.16 0.12
CA PRO A 42 10.14 18.22 1.21
C PRO A 42 9.52 16.86 0.89
N LYS A 43 10.33 15.82 1.05
CA LYS A 43 9.87 14.47 0.79
C LYS A 43 8.55 14.23 1.52
N ALA A 44 7.84 13.19 1.08
CA ALA A 44 6.57 12.85 1.70
C ALA A 44 6.77 11.64 2.62
N GLN A 45 6.55 11.88 3.91
CA GLN A 45 6.70 10.83 4.90
C GLN A 45 5.38 10.06 5.06
N LEU A 46 5.47 8.75 4.85
CA LEU A 46 4.29 7.90 4.97
C LEU A 46 4.57 6.80 6.00
N MET A 47 3.66 6.69 6.96
CA MET A 47 3.79 5.70 8.01
C MET A 47 3.02 4.41 7.64
N LEU A 48 3.74 3.30 7.72
CA LEU A 48 3.15 2.01 7.40
C LEU A 48 2.82 1.27 8.70
N ARG A 49 1.53 1.05 8.91
CA ARG A 49 1.07 0.35 10.10
C ARG A 49 0.63 -1.07 9.76
N TYR A 50 1.51 -2.02 10.02
CA TYR A 50 1.22 -3.42 9.74
C TYR A 50 0.20 -3.97 10.74
N PRO A 51 -0.70 -4.84 10.22
CA PRO A 51 -1.72 -5.45 11.05
C PRO A 51 -1.12 -6.55 11.94
N ASP A 52 -0.12 -6.17 12.71
CA ASP A 52 0.54 -7.10 13.60
C ASP A 52 1.31 -6.32 14.67
N GLY A 53 0.84 -5.11 14.92
CA GLY A 53 1.48 -4.26 15.92
C GLY A 53 2.75 -3.61 15.36
N LYS A 54 3.27 -4.23 14.31
CA LYS A 54 4.48 -3.73 13.68
C LYS A 54 4.12 -2.60 12.72
N ARG A 55 5.14 -1.85 12.33
CA ARG A 55 4.95 -0.74 11.41
C ARG A 55 6.25 -0.44 10.66
N GLU A 56 6.20 0.62 9.86
CA GLU A 56 7.36 1.03 9.09
C GLU A 56 7.14 2.42 8.50
N GLN A 57 8.11 3.29 8.73
CA GLN A 57 8.05 4.65 8.24
C GLN A 57 9.01 4.84 7.06
N ILE A 58 8.43 5.18 5.92
CA ILE A 58 9.21 5.40 4.72
C ILE A 58 9.05 6.85 4.25
N THR A 59 9.97 7.26 3.40
CA THR A 59 9.94 8.62 2.86
C THR A 59 9.93 8.60 1.34
N LEU A 60 8.76 8.90 0.78
CA LEU A 60 8.62 8.92 -0.67
C LEU A 60 8.60 10.37 -1.15
N PRO A 61 8.83 10.53 -2.48
CA PRO A 61 8.85 11.86 -3.08
C PRO A 61 7.43 12.41 -3.23
N GLU A 62 7.35 13.71 -3.43
CA GLU A 62 6.07 14.38 -3.58
C GLU A 62 5.40 13.96 -4.89
N GLN A 63 6.23 13.79 -5.91
CA GLN A 63 5.75 13.39 -7.22
C GLN A 63 5.95 11.88 -7.43
N ALA A 64 5.72 11.14 -6.35
CA ALA A 64 5.86 9.70 -6.40
C ALA A 64 4.48 9.05 -6.56
N LYS A 65 4.41 8.12 -7.50
CA LYS A 65 3.18 7.42 -7.77
C LYS A 65 2.75 6.62 -6.53
N LEU A 66 1.53 6.88 -6.09
CA LEU A 66 1.00 6.20 -4.91
C LEU A 66 1.44 4.73 -4.94
N LEU A 67 1.53 4.19 -6.15
CA LEU A 67 1.93 2.81 -6.33
C LEU A 67 3.25 2.58 -5.60
N ALA A 68 4.08 3.61 -5.60
CA ALA A 68 5.38 3.52 -4.94
C ALA A 68 5.19 3.03 -3.51
N LEU A 69 4.32 3.72 -2.79
CA LEU A 69 4.04 3.37 -1.40
C LEU A 69 3.38 1.98 -1.36
N VAL A 70 2.59 1.71 -2.39
CA VAL A 70 1.91 0.43 -2.49
C VAL A 70 2.93 -0.68 -2.73
N LYS A 71 3.95 -0.34 -3.50
CA LYS A 71 5.00 -1.29 -3.81
C LYS A 71 5.72 -1.69 -2.53
N HIS A 72 6.10 -0.68 -1.76
CA HIS A 72 6.79 -0.91 -0.51
C HIS A 72 6.04 -1.96 0.31
N VAL A 73 4.77 -1.69 0.55
CA VAL A 73 3.93 -2.59 1.31
C VAL A 73 3.81 -3.92 0.57
N GLN A 74 4.03 -3.85 -0.74
CA GLN A 74 3.96 -5.03 -1.58
C GLN A 74 5.16 -5.94 -1.33
N SER A 75 6.34 -5.35 -1.43
CA SER A 75 7.57 -6.09 -1.22
C SER A 75 7.74 -6.40 0.27
N LYS A 76 7.22 -5.51 1.10
CA LYS A 76 7.31 -5.68 2.53
C LYS A 76 6.71 -7.03 2.93
N GLY A 77 5.54 -7.30 2.38
CA GLY A 77 4.84 -8.54 2.66
C GLY A 77 3.33 -8.33 2.70
N TYR A 78 2.84 -7.59 1.73
CA TYR A 78 1.42 -7.31 1.66
C TYR A 78 1.02 -6.85 0.25
N PRO A 79 0.45 -7.81 -0.52
CA PRO A 79 0.03 -7.51 -1.88
C PRO A 79 -1.27 -6.69 -1.89
N ASN A 80 -1.21 -5.57 -2.60
CA ASN A 80 -2.37 -4.69 -2.69
C ASN A 80 -3.62 -5.54 -2.92
N GLU A 81 -3.65 -6.21 -4.06
CA GLU A 81 -4.79 -7.05 -4.41
C GLU A 81 -5.32 -7.76 -3.17
N ARG A 82 -4.42 -8.03 -2.24
CA ARG A 82 -4.78 -8.71 -1.01
C ARG A 82 -5.08 -7.68 0.09
N PHE A 83 -4.03 -6.98 0.50
CA PHE A 83 -4.17 -5.97 1.54
C PHE A 83 -4.40 -4.59 0.93
N GLU A 84 -5.14 -3.78 1.66
CA GLU A 84 -5.44 -2.42 1.21
C GLU A 84 -4.82 -1.40 2.15
N LEU A 85 -4.31 -0.34 1.56
CA LEU A 85 -3.69 0.72 2.35
C LEU A 85 -4.72 1.81 2.64
N LEU A 86 -4.80 2.19 3.91
CA LEU A 86 -5.74 3.22 4.33
C LEU A 86 -4.96 4.42 4.87
N THR A 87 -5.70 5.48 5.16
CA THR A 87 -5.11 6.69 5.69
C THR A 87 -5.70 7.04 7.06
N ASN A 88 -5.01 7.91 7.77
CA ASN A 88 -5.45 8.33 9.08
C ASN A 88 -6.77 9.08 8.95
N PHE A 89 -7.53 9.09 10.04
CA PHE A 89 -8.81 9.77 10.06
C PHE A 89 -8.76 11.07 9.24
N PRO A 90 -9.71 11.17 8.28
CA PRO A 90 -10.69 10.12 8.08
C PRO A 90 -10.06 8.92 7.36
N ARG A 91 -10.71 7.78 7.52
CA ARG A 91 -10.23 6.55 6.90
C ARG A 91 -10.56 6.54 5.41
N ARG A 92 -9.68 5.91 4.65
CA ARG A 92 -9.86 5.82 3.21
C ARG A 92 -9.24 4.54 2.67
N LYS A 93 -9.06 4.51 1.35
CA LYS A 93 -8.47 3.36 0.71
C LYS A 93 -7.65 3.81 -0.50
N LEU A 94 -6.34 3.84 -0.31
CA LEU A 94 -5.44 4.25 -1.37
C LEU A 94 -5.49 3.24 -2.51
N SER A 95 -6.53 3.37 -3.33
CA SER A 95 -6.72 2.47 -4.47
C SER A 95 -7.63 3.13 -5.50
N HIS A 96 -8.90 3.23 -5.14
CA HIS A 96 -9.88 3.83 -6.02
C HIS A 96 -9.26 5.02 -6.76
N LEU A 97 -8.75 5.96 -5.99
CA LEU A 97 -8.12 7.15 -6.56
C LEU A 97 -7.32 6.74 -7.79
N ASP A 98 -6.12 6.25 -7.56
CA ASP A 98 -5.26 5.83 -8.66
C ASP A 98 -3.79 5.93 -8.21
N TYR A 99 -2.98 5.05 -8.76
CA TYR A 99 -1.56 5.03 -8.43
C TYR A 99 -0.78 6.00 -9.32
N ASP A 100 -1.30 6.19 -10.53
CA ASP A 100 -0.66 7.09 -11.49
C ASP A 100 -0.50 8.47 -10.85
N ILE A 101 -1.36 8.75 -9.88
CA ILE A 101 -1.33 10.03 -9.19
C ILE A 101 -0.09 10.08 -8.29
N THR A 102 0.12 11.26 -7.72
CA THR A 102 1.26 11.46 -6.83
C THR A 102 0.82 11.36 -5.37
N LEU A 103 1.79 11.09 -4.51
CA LEU A 103 1.51 10.97 -3.09
C LEU A 103 0.61 12.12 -2.65
N GLN A 104 0.73 13.23 -3.35
CA GLN A 104 -0.08 14.40 -3.04
C GLN A 104 -1.53 14.16 -3.43
N GLU A 105 -1.71 13.60 -4.63
CA GLU A 105 -3.04 13.31 -5.13
C GLU A 105 -3.74 12.30 -4.23
N ALA A 106 -3.02 11.24 -3.91
CA ALA A 106 -3.56 10.19 -3.06
C ALA A 106 -4.06 10.81 -1.75
N GLY A 107 -3.56 12.01 -1.47
CA GLY A 107 -3.95 12.72 -0.26
C GLY A 107 -3.12 12.25 0.93
N LEU A 108 -1.81 12.25 0.74
CA LEU A 108 -0.90 11.83 1.79
C LEU A 108 0.08 12.98 2.10
N CYS A 109 0.61 13.55 1.03
CA CYS A 109 1.56 14.65 1.17
C CYS A 109 0.93 15.71 2.08
N PRO A 110 1.80 16.36 2.90
CA PRO A 110 3.22 16.04 2.88
C PRO A 110 3.49 14.70 3.58
N GLN A 111 2.96 14.60 4.80
CA GLN A 111 3.15 13.39 5.58
C GLN A 111 1.80 12.85 6.05
N GLU A 112 1.59 11.57 5.83
CA GLU A 112 0.34 10.93 6.24
C GLU A 112 0.61 9.52 6.76
N THR A 113 -0.36 9.00 7.49
CA THR A 113 -0.23 7.67 8.06
C THR A 113 -0.95 6.65 7.19
N VAL A 114 -0.17 5.70 6.65
CA VAL A 114 -0.71 4.67 5.81
C VAL A 114 -0.88 3.39 6.61
N PHE A 115 -2.14 3.05 6.89
CA PHE A 115 -2.45 1.87 7.65
C PHE A 115 -2.77 0.68 6.72
N VAL A 116 -2.06 -0.41 6.95
CA VAL A 116 -2.25 -1.61 6.15
C VAL A 116 -3.42 -2.41 6.71
N GLN A 117 -4.41 -2.64 5.86
CA GLN A 117 -5.58 -3.39 6.25
C GLN A 117 -5.89 -4.49 5.22
N GLU A 118 -6.45 -5.57 5.72
CA GLU A 118 -6.80 -6.69 4.85
C GLU A 118 -8.02 -6.34 3.99
N SER A 119 -7.81 -6.39 2.69
CA SER A 119 -8.88 -6.09 1.76
C SER A 119 -9.91 -7.22 1.75
N GLY A 120 -11.16 -6.85 1.48
CA GLY A 120 -12.24 -7.82 1.45
C GLY A 120 -12.07 -8.77 0.26
N PRO A 121 -13.23 -9.31 -0.20
CA PRO A 121 -13.24 -10.23 -1.33
C PRO A 121 -13.01 -9.49 -2.64
N SER A 122 -11.81 -8.95 -2.79
CA SER A 122 -11.45 -8.21 -3.99
C SER A 122 -10.28 -8.90 -4.69
N SER A 123 -10.23 -8.72 -6.00
CA SER A 123 -9.18 -9.31 -6.81
C SER A 123 -8.51 -8.24 -7.66
N GLY A 124 -9.31 -7.61 -8.51
CA GLY A 124 -8.80 -6.57 -9.37
C GLY A 124 -9.91 -6.05 -10.30
N GLY A 1 35.13 -48.62 -85.89
CA GLY A 1 33.90 -48.57 -85.11
C GLY A 1 32.97 -47.47 -85.62
N SER A 2 31.75 -47.48 -85.10
CA SER A 2 30.77 -46.49 -85.49
C SER A 2 29.51 -46.64 -84.64
N SER A 3 28.62 -45.67 -84.77
CA SER A 3 27.38 -45.68 -84.02
C SER A 3 26.56 -44.42 -84.34
N GLY A 4 25.33 -44.42 -83.85
CA GLY A 4 24.44 -43.29 -84.07
C GLY A 4 24.13 -42.58 -82.76
N SER A 5 22.87 -42.18 -82.63
CA SER A 5 22.42 -41.50 -81.43
C SER A 5 20.90 -41.38 -81.43
N SER A 6 20.36 -40.96 -80.29
CA SER A 6 18.93 -40.80 -80.15
C SER A 6 18.61 -39.93 -78.93
N GLY A 7 17.35 -39.57 -78.80
CA GLY A 7 16.91 -38.75 -77.69
C GLY A 7 15.69 -39.37 -77.00
N THR A 8 15.24 -38.69 -75.95
CA THR A 8 14.09 -39.16 -75.19
C THR A 8 13.67 -38.12 -74.16
N ALA A 9 12.39 -38.16 -73.81
CA ALA A 9 11.85 -37.23 -72.84
C ALA A 9 11.57 -37.97 -71.52
N THR A 10 11.15 -37.20 -70.53
CA THR A 10 10.84 -37.77 -69.23
C THR A 10 10.11 -36.74 -68.35
N ASN A 11 9.40 -37.25 -67.36
CA ASN A 11 8.66 -36.40 -66.46
C ASN A 11 8.83 -36.91 -65.02
N HIS A 12 8.85 -35.97 -64.10
CA HIS A 12 9.00 -36.31 -62.69
C HIS A 12 8.90 -35.04 -61.84
N GLN A 13 8.81 -35.25 -60.54
CA GLN A 13 8.70 -34.14 -59.61
C GLN A 13 8.71 -34.64 -58.16
N GLY A 14 8.74 -33.70 -57.24
CA GLY A 14 8.75 -34.03 -55.83
C GLY A 14 9.46 -32.95 -55.01
N LEU A 15 8.86 -32.60 -53.88
CA LEU A 15 9.42 -31.59 -53.00
C LEU A 15 9.27 -32.04 -51.55
N PRO A 16 10.20 -31.54 -50.70
CA PRO A 16 10.19 -31.88 -49.29
C PRO A 16 9.07 -31.14 -48.55
N ALA A 17 9.05 -31.32 -47.24
CA ALA A 17 8.04 -30.67 -46.42
C ALA A 17 8.48 -30.71 -44.96
N VAL A 18 8.08 -29.67 -44.23
CA VAL A 18 8.44 -29.57 -42.82
C VAL A 18 9.96 -29.45 -42.69
N ASP A 19 10.37 -28.75 -41.64
CA ASP A 19 11.79 -28.56 -41.38
C ASP A 19 11.96 -27.64 -40.17
N SER A 20 12.15 -28.28 -39.02
CA SER A 20 12.32 -27.54 -37.79
C SER A 20 12.40 -28.50 -36.60
N GLU A 21 13.59 -29.05 -36.40
CA GLU A 21 13.82 -29.98 -35.32
C GLU A 21 14.56 -29.30 -34.17
N ILE A 22 15.76 -28.82 -34.48
CA ILE A 22 16.57 -28.14 -33.49
C ILE A 22 15.77 -27.00 -32.86
N LEU A 23 15.79 -26.97 -31.54
CA LEU A 23 15.07 -25.94 -30.80
C LEU A 23 15.79 -25.65 -29.49
N GLU A 24 16.76 -24.74 -29.56
CA GLU A 24 17.52 -24.38 -28.38
C GLU A 24 17.61 -22.86 -28.26
N MET A 25 16.64 -22.30 -27.53
CA MET A 25 16.59 -20.87 -27.33
C MET A 25 16.22 -20.53 -25.89
N PRO A 26 17.28 -20.41 -25.04
CA PRO A 26 17.09 -20.11 -23.63
C PRO A 26 16.73 -18.62 -23.45
N PRO A 27 15.93 -18.35 -22.38
CA PRO A 27 15.51 -17.00 -22.09
C PRO A 27 16.66 -16.20 -21.46
N GLU A 28 16.33 -14.98 -21.05
CA GLU A 28 17.32 -14.11 -20.44
C GLU A 28 16.77 -13.51 -19.15
N LYS A 29 17.63 -13.45 -18.14
CA LYS A 29 17.24 -12.90 -16.85
C LYS A 29 18.16 -11.73 -16.51
N ALA A 30 17.55 -10.67 -16.01
CA ALA A 30 18.30 -9.47 -15.63
C ALA A 30 17.33 -8.41 -15.13
N ASP A 31 17.57 -7.94 -13.91
CA ASP A 31 16.73 -6.92 -13.31
C ASP A 31 17.38 -6.43 -12.02
N GLY A 32 17.08 -5.18 -11.68
CA GLY A 32 17.63 -4.58 -10.47
C GLY A 32 17.76 -3.07 -10.63
N VAL A 33 16.63 -2.40 -10.50
CA VAL A 33 16.61 -0.95 -10.62
C VAL A 33 16.18 -0.34 -9.28
N VAL A 34 15.80 0.93 -9.35
CA VAL A 34 15.37 1.64 -8.15
C VAL A 34 16.31 1.31 -7.00
N GLU A 35 17.36 2.11 -6.89
CA GLU A 35 18.35 1.91 -5.85
C GLU A 35 19.33 3.08 -5.81
N GLY A 36 19.01 4.06 -4.98
CA GLY A 36 19.85 5.23 -4.84
C GLY A 36 19.19 6.27 -3.93
N ILE A 37 19.50 6.17 -2.65
CA ILE A 37 18.96 7.09 -1.67
C ILE A 37 19.80 8.36 -1.63
N ASP A 38 19.26 9.42 -2.19
CA ASP A 38 19.95 10.70 -2.23
C ASP A 38 18.95 11.83 -2.02
N VAL A 39 18.93 12.35 -0.81
CA VAL A 39 18.02 13.43 -0.46
C VAL A 39 17.97 14.44 -1.62
N ASN A 40 16.77 14.93 -1.88
CA ASN A 40 16.57 15.90 -2.95
C ASN A 40 15.20 16.55 -2.79
N GLY A 41 15.24 17.81 -2.38
CA GLY A 41 14.01 18.57 -2.19
C GLY A 41 13.19 18.00 -1.03
N PRO A 42 11.96 18.54 -0.88
CA PRO A 42 11.07 18.09 0.18
C PRO A 42 10.46 16.72 -0.15
N LYS A 43 10.72 15.77 0.72
CA LYS A 43 10.20 14.42 0.54
C LYS A 43 8.95 14.22 1.41
N ALA A 44 8.11 13.31 0.96
CA ALA A 44 6.87 13.03 1.69
C ALA A 44 7.11 11.85 2.64
N GLN A 45 6.71 12.04 3.88
CA GLN A 45 6.86 11.01 4.89
C GLN A 45 5.56 10.22 5.06
N LEU A 46 5.67 8.91 4.90
CA LEU A 46 4.51 8.05 5.03
C LEU A 46 4.83 6.93 6.03
N MET A 47 3.83 6.59 6.83
CA MET A 47 3.99 5.55 7.83
C MET A 47 3.10 4.35 7.51
N LEU A 48 3.75 3.21 7.32
CA LEU A 48 3.04 1.98 7.00
C LEU A 48 2.74 1.23 8.30
N ARG A 49 1.45 1.11 8.59
CA ARG A 49 1.01 0.42 9.80
C ARG A 49 0.44 -0.95 9.45
N TYR A 50 1.25 -1.97 9.67
CA TYR A 50 0.84 -3.34 9.38
C TYR A 50 -0.23 -3.81 10.37
N PRO A 51 -0.98 -4.86 9.95
CA PRO A 51 -2.02 -5.42 10.78
C PRO A 51 -1.43 -6.26 11.92
N ASP A 52 -0.30 -6.88 11.62
CA ASP A 52 0.37 -7.72 12.60
C ASP A 52 0.53 -6.93 13.91
N GLY A 53 0.61 -5.62 13.77
CA GLY A 53 0.76 -4.75 14.92
C GLY A 53 1.98 -3.84 14.78
N LYS A 54 2.96 -4.33 14.01
CA LYS A 54 4.18 -3.59 13.78
C LYS A 54 3.92 -2.50 12.74
N ARG A 55 4.81 -1.52 12.71
CA ARG A 55 4.69 -0.42 11.77
C ARG A 55 6.06 -0.03 11.24
N GLU A 56 6.05 0.76 10.17
CA GLU A 56 7.28 1.22 9.56
C GLU A 56 7.06 2.56 8.83
N GLN A 57 8.08 3.39 8.87
CA GLN A 57 8.00 4.69 8.24
C GLN A 57 8.88 4.72 6.98
N ILE A 58 8.43 5.49 6.01
CA ILE A 58 9.16 5.61 4.75
C ILE A 58 9.14 7.07 4.29
N THR A 59 9.94 7.35 3.27
CA THR A 59 10.01 8.69 2.73
C THR A 59 10.03 8.65 1.20
N LEU A 60 8.88 9.01 0.62
CA LEU A 60 8.75 9.01 -0.82
C LEU A 60 8.70 10.46 -1.32
N PRO A 61 8.92 10.61 -2.66
CA PRO A 61 8.91 11.93 -3.27
C PRO A 61 7.47 12.45 -3.41
N GLU A 62 7.33 13.74 -3.19
CA GLU A 62 6.03 14.38 -3.28
C GLU A 62 5.28 13.87 -4.52
N GLN A 63 5.96 13.93 -5.65
CA GLN A 63 5.38 13.48 -6.91
C GLN A 63 5.76 12.02 -7.17
N ALA A 64 5.37 11.16 -6.24
CA ALA A 64 5.66 9.74 -6.35
C ALA A 64 4.34 8.98 -6.52
N LYS A 65 4.28 8.20 -7.59
CA LYS A 65 3.09 7.41 -7.88
C LYS A 65 2.71 6.62 -6.63
N LEU A 66 1.48 6.82 -6.18
CA LEU A 66 0.97 6.12 -5.01
C LEU A 66 1.48 4.68 -5.03
N LEU A 67 1.60 4.15 -6.23
CA LEU A 67 2.06 2.78 -6.39
C LEU A 67 3.36 2.58 -5.60
N ALA A 68 4.18 3.63 -5.60
CA ALA A 68 5.45 3.60 -4.89
C ALA A 68 5.21 3.06 -3.48
N LEU A 69 4.25 3.67 -2.80
CA LEU A 69 3.92 3.27 -1.44
C LEU A 69 3.32 1.86 -1.47
N VAL A 70 2.52 1.61 -2.48
CA VAL A 70 1.88 0.31 -2.63
C VAL A 70 2.95 -0.75 -2.91
N LYS A 71 3.93 -0.36 -3.70
CA LYS A 71 5.02 -1.26 -4.05
C LYS A 71 5.85 -1.57 -2.80
N HIS A 72 6.01 -0.54 -1.97
CA HIS A 72 6.78 -0.70 -0.75
C HIS A 72 6.19 -1.83 0.09
N VAL A 73 5.01 -1.58 0.63
CA VAL A 73 4.33 -2.56 1.45
C VAL A 73 4.30 -3.90 0.71
N GLN A 74 4.31 -3.80 -0.62
CA GLN A 74 4.28 -4.99 -1.45
C GLN A 74 5.45 -5.92 -1.11
N SER A 75 6.62 -5.31 -1.00
CA SER A 75 7.82 -6.07 -0.68
C SER A 75 7.85 -6.41 0.82
N LYS A 76 6.89 -5.82 1.53
CA LYS A 76 6.80 -6.05 2.96
C LYS A 76 6.04 -7.36 3.21
N GLY A 77 5.31 -7.79 2.19
CA GLY A 77 4.54 -9.01 2.28
C GLY A 77 3.05 -8.75 2.08
N TYR A 78 2.76 -7.53 1.65
CA TYR A 78 1.38 -7.14 1.41
C TYR A 78 1.16 -6.78 -0.06
N PRO A 79 0.70 -7.80 -0.84
CA PRO A 79 0.45 -7.59 -2.26
C PRO A 79 -0.84 -6.81 -2.48
N ASN A 80 -0.83 -6.00 -3.52
CA ASN A 80 -1.98 -5.19 -3.85
C ASN A 80 -3.22 -6.08 -3.93
N GLU A 81 -2.98 -7.34 -4.27
CA GLU A 81 -4.07 -8.30 -4.38
C GLU A 81 -4.49 -8.78 -3.00
N ARG A 82 -3.90 -8.17 -1.98
CA ARG A 82 -4.20 -8.54 -0.60
C ARG A 82 -3.95 -7.35 0.33
N PHE A 83 -4.95 -7.05 1.13
CA PHE A 83 -4.85 -5.95 2.07
C PHE A 83 -4.92 -4.60 1.34
N GLU A 84 -5.28 -3.58 2.09
CA GLU A 84 -5.39 -2.23 1.54
C GLU A 84 -4.73 -1.22 2.47
N LEU A 85 -4.14 -0.20 1.85
CA LEU A 85 -3.48 0.84 2.61
C LEU A 85 -4.46 1.98 2.89
N LEU A 86 -4.66 2.25 4.16
CA LEU A 86 -5.57 3.31 4.57
C LEU A 86 -4.76 4.47 5.17
N THR A 87 -5.48 5.54 5.45
CA THR A 87 -4.84 6.73 6.02
C THR A 87 -5.48 7.09 7.36
N ASN A 88 -4.80 7.96 8.10
CA ASN A 88 -5.30 8.38 9.39
C ASN A 88 -6.60 9.17 9.20
N PHE A 89 -7.24 9.47 10.33
CA PHE A 89 -8.48 10.21 10.30
C PHE A 89 -8.49 11.24 9.16
N PRO A 90 -9.68 11.39 8.52
CA PRO A 90 -10.84 10.59 8.90
C PRO A 90 -10.70 9.15 8.42
N ARG A 91 -10.20 9.01 7.20
CA ARG A 91 -10.01 7.71 6.61
C ARG A 91 -9.93 7.82 5.08
N ARG A 92 -9.60 6.69 4.45
CA ARG A 92 -9.48 6.66 3.01
C ARG A 92 -8.70 5.41 2.57
N LYS A 93 -9.15 4.83 1.47
CA LYS A 93 -8.51 3.64 0.95
C LYS A 93 -7.69 4.01 -0.30
N LEU A 94 -6.38 3.92 -0.16
CA LEU A 94 -5.49 4.24 -1.26
C LEU A 94 -5.60 3.16 -2.34
N SER A 95 -6.56 3.36 -3.22
CA SER A 95 -6.79 2.41 -4.30
C SER A 95 -7.77 3.00 -5.32
N HIS A 96 -9.01 3.14 -4.87
CA HIS A 96 -10.05 3.69 -5.72
C HIS A 96 -9.47 4.82 -6.58
N LEU A 97 -8.96 5.83 -5.90
CA LEU A 97 -8.38 6.97 -6.58
C LEU A 97 -7.58 6.48 -7.80
N ASP A 98 -6.32 6.17 -7.54
CA ASP A 98 -5.44 5.69 -8.60
C ASP A 98 -4.00 5.62 -8.08
N TYR A 99 -3.12 5.13 -8.93
CA TYR A 99 -1.72 5.00 -8.56
C TYR A 99 -0.84 5.91 -9.43
N ASP A 100 -1.36 6.23 -10.61
CA ASP A 100 -0.64 7.08 -11.53
C ASP A 100 -0.52 8.49 -10.94
N ILE A 101 -1.41 8.78 -9.99
CA ILE A 101 -1.41 10.07 -9.34
C ILE A 101 -0.12 10.24 -8.54
N THR A 102 -0.13 11.22 -7.66
CA THR A 102 1.03 11.51 -6.82
C THR A 102 0.67 11.35 -5.34
N LEU A 103 1.67 11.05 -4.55
CA LEU A 103 1.48 10.88 -3.12
C LEU A 103 0.55 11.97 -2.60
N GLN A 104 0.57 13.10 -3.29
CA GLN A 104 -0.28 14.22 -2.92
C GLN A 104 -1.75 13.92 -3.25
N GLU A 105 -1.96 13.51 -4.49
CA GLU A 105 -3.30 13.19 -4.96
C GLU A 105 -3.93 12.15 -4.05
N ALA A 106 -3.20 11.07 -3.83
CA ALA A 106 -3.67 9.99 -2.98
C ALA A 106 -4.06 10.55 -1.61
N GLY A 107 -3.42 11.67 -1.27
CA GLY A 107 -3.68 12.32 0.01
C GLY A 107 -2.74 11.80 1.09
N LEU A 108 -1.45 11.92 0.81
CA LEU A 108 -0.43 11.46 1.73
C LEU A 108 0.72 12.48 1.77
N CYS A 109 0.39 13.71 1.41
CA CYS A 109 1.38 14.78 1.39
C CYS A 109 0.90 15.87 2.34
N PRO A 110 1.90 16.52 3.00
CA PRO A 110 3.30 16.17 2.80
C PRO A 110 3.64 14.85 3.49
N GLN A 111 2.98 14.64 4.62
CA GLN A 111 3.21 13.43 5.40
C GLN A 111 1.89 12.89 5.94
N GLU A 112 1.70 11.59 5.73
CA GLU A 112 0.48 10.94 6.19
C GLU A 112 0.80 9.55 6.73
N THR A 113 -0.01 9.11 7.70
CA THR A 113 0.17 7.81 8.30
C THR A 113 -0.68 6.77 7.59
N VAL A 114 -0.01 5.88 6.86
CA VAL A 114 -0.71 4.83 6.13
C VAL A 114 -0.93 3.64 7.06
N PHE A 115 -1.91 2.83 6.70
CA PHE A 115 -2.23 1.65 7.48
C PHE A 115 -2.64 0.49 6.58
N VAL A 116 -2.02 -0.66 6.81
CA VAL A 116 -2.31 -1.85 6.03
C VAL A 116 -3.46 -2.62 6.68
N GLN A 117 -4.55 -2.71 5.96
CA GLN A 117 -5.73 -3.41 6.46
C GLN A 117 -6.09 -4.57 5.52
N GLU A 118 -6.82 -5.53 6.07
CA GLU A 118 -7.24 -6.69 5.30
C GLU A 118 -8.20 -6.26 4.19
N SER A 119 -7.92 -6.74 2.99
CA SER A 119 -8.74 -6.42 1.84
C SER A 119 -9.44 -7.69 1.33
N GLY A 120 -10.47 -7.48 0.53
CA GLY A 120 -11.22 -8.58 -0.04
C GLY A 120 -10.84 -8.83 -1.49
N PRO A 121 -11.84 -9.26 -2.29
CA PRO A 121 -11.63 -9.54 -3.70
C PRO A 121 -11.50 -8.23 -4.50
N SER A 122 -10.31 -7.64 -4.43
CA SER A 122 -10.06 -6.40 -5.13
C SER A 122 -8.85 -6.56 -6.07
N SER A 123 -8.90 -5.85 -7.18
CA SER A 123 -7.83 -5.92 -8.16
C SER A 123 -8.14 -5.00 -9.34
N GLY A 124 -7.12 -4.29 -9.78
CA GLY A 124 -7.27 -3.37 -10.90
C GLY A 124 -7.02 -1.93 -10.47
N GLY A 1 -74.04 -32.32 -47.28
CA GLY A 1 -74.23 -32.80 -45.92
C GLY A 1 -74.17 -31.64 -44.92
N SER A 2 -74.60 -31.93 -43.70
CA SER A 2 -74.59 -30.92 -42.65
C SER A 2 -75.05 -31.55 -41.33
N SER A 3 -74.71 -30.86 -40.24
CA SER A 3 -75.08 -31.35 -38.92
C SER A 3 -74.45 -30.44 -37.85
N GLY A 4 -74.84 -30.69 -36.61
CA GLY A 4 -74.32 -29.92 -35.49
C GLY A 4 -74.25 -30.77 -34.23
N SER A 5 -73.14 -30.62 -33.52
CA SER A 5 -72.93 -31.36 -32.28
C SER A 5 -71.71 -30.81 -31.54
N SER A 6 -71.99 -29.95 -30.57
CA SER A 6 -70.94 -29.34 -29.79
C SER A 6 -70.17 -30.41 -29.03
N GLY A 7 -69.17 -29.97 -28.28
CA GLY A 7 -68.35 -30.88 -27.49
C GLY A 7 -67.31 -30.12 -26.67
N THR A 8 -66.45 -30.88 -26.01
CA THR A 8 -65.41 -30.29 -25.18
C THR A 8 -64.05 -30.42 -25.87
N ALA A 9 -63.45 -29.28 -26.13
CA ALA A 9 -62.14 -29.25 -26.78
C ALA A 9 -61.05 -29.24 -25.72
N THR A 10 -59.81 -29.16 -26.18
CA THR A 10 -58.67 -29.14 -25.29
C THR A 10 -57.64 -28.09 -25.75
N ASN A 11 -56.85 -27.63 -24.80
CA ASN A 11 -55.83 -26.63 -25.10
C ASN A 11 -54.52 -27.04 -24.42
N HIS A 12 -53.45 -26.37 -24.83
CA HIS A 12 -52.14 -26.64 -24.27
C HIS A 12 -51.26 -25.39 -24.39
N GLN A 13 -50.23 -25.35 -23.56
CA GLN A 13 -49.31 -24.23 -23.56
C GLN A 13 -47.91 -24.69 -23.13
N GLY A 14 -46.95 -23.79 -23.28
CA GLY A 14 -45.59 -24.08 -22.91
C GLY A 14 -44.93 -22.88 -22.20
N LEU A 15 -43.78 -23.14 -21.61
CA LEU A 15 -43.06 -22.10 -20.90
C LEU A 15 -41.55 -22.34 -21.05
N PRO A 16 -40.90 -21.45 -21.84
CA PRO A 16 -39.46 -21.56 -22.07
C PRO A 16 -38.68 -21.10 -20.84
N ALA A 17 -37.37 -20.98 -21.02
CA ALA A 17 -36.50 -20.56 -19.94
C ALA A 17 -35.27 -19.86 -20.54
N VAL A 18 -34.72 -18.93 -19.76
CA VAL A 18 -33.55 -18.19 -20.20
C VAL A 18 -32.29 -18.89 -19.68
N ASP A 19 -31.16 -18.44 -20.18
CA ASP A 19 -29.88 -19.01 -19.79
C ASP A 19 -28.75 -18.14 -20.33
N SER A 20 -28.04 -17.50 -19.41
CA SER A 20 -26.93 -16.64 -19.78
C SER A 20 -26.28 -16.04 -18.53
N GLU A 21 -25.26 -16.73 -18.05
CA GLU A 21 -24.56 -16.29 -16.86
C GLU A 21 -23.05 -16.41 -17.06
N ILE A 22 -22.61 -17.63 -17.31
CA ILE A 22 -21.20 -17.90 -17.53
C ILE A 22 -20.64 -16.85 -18.50
N LEU A 23 -19.39 -16.47 -18.25
CA LEU A 23 -18.72 -15.48 -19.08
C LEU A 23 -17.46 -16.11 -19.70
N GLU A 24 -16.93 -15.41 -20.69
CA GLU A 24 -15.73 -15.88 -21.37
C GLU A 24 -14.49 -15.60 -20.52
N MET A 25 -14.33 -16.40 -19.48
CA MET A 25 -13.19 -16.25 -18.59
C MET A 25 -13.08 -14.80 -18.08
N PRO A 26 -12.33 -14.65 -16.96
CA PRO A 26 -12.14 -13.33 -16.37
C PRO A 26 -11.16 -12.50 -17.19
N PRO A 27 -11.31 -11.15 -17.08
CA PRO A 27 -10.44 -10.25 -17.80
C PRO A 27 -9.05 -10.18 -17.16
N GLU A 28 -8.14 -9.50 -17.84
CA GLU A 28 -6.78 -9.36 -17.35
C GLU A 28 -5.91 -8.64 -18.39
N LYS A 29 -5.58 -7.40 -18.07
CA LYS A 29 -4.76 -6.59 -18.95
C LYS A 29 -4.43 -5.26 -18.27
N ALA A 30 -3.16 -5.12 -17.91
CA ALA A 30 -2.70 -3.92 -17.25
C ALA A 30 -1.18 -4.01 -17.05
N ASP A 31 -0.59 -2.85 -16.77
CA ASP A 31 0.84 -2.77 -16.55
C ASP A 31 1.23 -1.32 -16.26
N GLY A 32 2.42 -1.18 -15.67
CA GLY A 32 2.92 0.14 -15.33
C GLY A 32 4.44 0.13 -15.19
N VAL A 33 5.10 -0.15 -16.30
CA VAL A 33 6.56 -0.20 -16.31
C VAL A 33 7.11 1.19 -15.96
N VAL A 34 7.13 1.47 -14.67
CA VAL A 34 7.63 2.75 -14.19
C VAL A 34 8.19 2.57 -12.78
N GLU A 35 9.46 2.94 -12.63
CA GLU A 35 10.12 2.83 -11.34
C GLU A 35 11.53 3.42 -11.42
N GLY A 36 11.79 4.36 -10.53
CA GLY A 36 13.09 5.02 -10.49
C GLY A 36 13.02 6.32 -9.67
N ILE A 37 13.14 6.15 -8.36
CA ILE A 37 13.10 7.29 -7.46
C ILE A 37 14.16 8.32 -7.90
N ASP A 38 14.17 9.44 -7.19
CA ASP A 38 15.12 10.49 -7.48
C ASP A 38 14.87 11.68 -6.56
N VAL A 39 15.67 11.75 -5.51
CA VAL A 39 15.54 12.83 -4.53
C VAL A 39 15.27 14.14 -5.27
N ASN A 40 14.51 15.00 -4.61
CA ASN A 40 14.16 16.29 -5.19
C ASN A 40 13.35 17.11 -4.17
N GLY A 41 13.86 18.29 -3.87
CA GLY A 41 13.20 19.17 -2.92
C GLY A 41 12.77 18.39 -1.67
N PRO A 42 11.61 18.83 -1.10
CA PRO A 42 11.09 18.20 0.10
C PRO A 42 10.46 16.84 -0.24
N LYS A 43 10.67 15.89 0.66
CA LYS A 43 10.13 14.55 0.47
C LYS A 43 8.85 14.40 1.31
N ALA A 44 8.13 13.31 1.06
CA ALA A 44 6.90 13.04 1.77
C ALA A 44 7.12 11.88 2.74
N GLN A 45 6.77 12.11 3.99
CA GLN A 45 6.92 11.10 5.01
C GLN A 45 5.62 10.32 5.20
N LEU A 46 5.76 9.01 5.34
CA LEU A 46 4.61 8.15 5.52
C LEU A 46 4.94 7.06 6.55
N MET A 47 3.89 6.51 7.14
CA MET A 47 4.06 5.46 8.14
C MET A 47 3.24 4.22 7.77
N LEU A 48 3.94 3.21 7.29
CA LEU A 48 3.29 1.96 6.90
C LEU A 48 2.94 1.17 8.16
N ARG A 49 1.65 1.12 8.45
CA ARG A 49 1.17 0.40 9.63
C ARG A 49 0.57 -0.95 9.21
N TYR A 50 1.32 -2.00 9.49
CA TYR A 50 0.88 -3.34 9.15
C TYR A 50 -0.27 -3.79 10.06
N PRO A 51 -1.13 -4.68 9.51
CA PRO A 51 -2.26 -5.20 10.27
C PRO A 51 -1.81 -6.23 11.30
N ASP A 52 -1.26 -5.72 12.39
CA ASP A 52 -0.78 -6.59 13.46
C ASP A 52 0.59 -7.14 13.08
N GLY A 53 1.12 -6.62 11.99
CA GLY A 53 2.43 -7.05 11.52
C GLY A 53 3.48 -5.97 11.75
N LYS A 54 3.33 -5.27 12.86
CA LYS A 54 4.27 -4.21 13.20
C LYS A 54 3.98 -2.99 12.32
N ARG A 55 4.98 -2.12 12.23
CA ARG A 55 4.85 -0.91 11.43
C ARG A 55 6.23 -0.48 10.92
N GLU A 56 6.21 0.55 10.08
CA GLU A 56 7.44 1.08 9.51
C GLU A 56 7.17 2.41 8.81
N GLN A 57 8.15 3.30 8.89
CA GLN A 57 8.03 4.60 8.27
C GLN A 57 8.94 4.69 7.04
N ILE A 58 8.53 5.51 6.08
CA ILE A 58 9.30 5.69 4.87
C ILE A 58 9.17 7.15 4.40
N THR A 59 9.94 7.48 3.37
CA THR A 59 9.91 8.82 2.83
C THR A 59 9.92 8.77 1.29
N LEU A 60 8.75 9.04 0.72
CA LEU A 60 8.62 9.02 -0.72
C LEU A 60 8.56 10.46 -1.24
N PRO A 61 8.83 10.61 -2.56
CA PRO A 61 8.80 11.93 -3.19
C PRO A 61 7.36 12.40 -3.39
N GLU A 62 7.20 13.72 -3.33
CA GLU A 62 5.89 14.32 -3.50
C GLU A 62 5.24 13.80 -4.79
N GLN A 63 6.01 13.81 -5.86
CA GLN A 63 5.53 13.34 -7.14
C GLN A 63 5.80 11.85 -7.30
N ALA A 64 5.42 11.09 -6.27
CA ALA A 64 5.63 9.65 -6.29
C ALA A 64 4.27 8.95 -6.41
N LYS A 65 4.19 8.05 -7.39
CA LYS A 65 2.97 7.31 -7.63
C LYS A 65 2.57 6.58 -6.35
N LEU A 66 1.29 6.72 -6.00
CA LEU A 66 0.78 6.07 -4.81
C LEU A 66 1.26 4.63 -4.76
N LEU A 67 1.56 4.10 -5.94
CA LEU A 67 2.05 2.73 -6.05
C LEU A 67 3.36 2.59 -5.27
N ALA A 68 4.18 3.62 -5.37
CA ALA A 68 5.46 3.63 -4.68
C ALA A 68 5.27 3.15 -3.25
N LEU A 69 4.22 3.65 -2.62
CA LEU A 69 3.91 3.27 -1.25
C LEU A 69 3.38 1.84 -1.23
N VAL A 70 2.68 1.48 -2.30
CA VAL A 70 2.12 0.15 -2.41
C VAL A 70 3.24 -0.86 -2.66
N LYS A 71 3.99 -0.61 -3.72
CA LYS A 71 5.10 -1.48 -4.08
C LYS A 71 5.96 -1.73 -2.84
N HIS A 72 6.00 -0.74 -1.97
CA HIS A 72 6.78 -0.84 -0.75
C HIS A 72 6.19 -1.93 0.15
N VAL A 73 5.03 -1.63 0.70
CA VAL A 73 4.36 -2.58 1.58
C VAL A 73 4.30 -3.95 0.90
N GLN A 74 4.09 -3.91 -0.41
CA GLN A 74 4.01 -5.14 -1.19
C GLN A 74 5.28 -5.96 -1.01
N SER A 75 6.41 -5.27 -1.03
CA SER A 75 7.69 -5.92 -0.87
C SER A 75 7.93 -6.28 0.60
N LYS A 76 7.09 -5.71 1.45
CA LYS A 76 7.18 -5.95 2.89
C LYS A 76 6.50 -7.28 3.22
N GLY A 77 5.46 -7.58 2.46
CA GLY A 77 4.72 -8.82 2.67
C GLY A 77 3.21 -8.54 2.75
N TYR A 78 2.73 -7.80 1.77
CA TYR A 78 1.31 -7.46 1.71
C TYR A 78 0.92 -6.99 0.31
N PRO A 79 0.34 -7.94 -0.46
CA PRO A 79 -0.10 -7.63 -1.81
C PRO A 79 -1.39 -6.81 -1.81
N ASN A 80 -1.40 -5.79 -2.67
CA ASN A 80 -2.56 -4.91 -2.76
C ASN A 80 -3.81 -5.76 -3.03
N GLU A 81 -3.77 -6.50 -4.13
CA GLU A 81 -4.88 -7.34 -4.51
C GLU A 81 -5.48 -8.01 -3.27
N ARG A 82 -4.63 -8.22 -2.28
CA ARG A 82 -5.05 -8.86 -1.04
C ARG A 82 -5.33 -7.80 0.03
N PHE A 83 -4.26 -7.20 0.51
CA PHE A 83 -4.37 -6.17 1.53
C PHE A 83 -4.47 -4.78 0.91
N GLU A 84 -4.96 -3.84 1.70
CA GLU A 84 -5.12 -2.47 1.23
C GLU A 84 -4.47 -1.50 2.22
N LEU A 85 -4.09 -0.34 1.70
CA LEU A 85 -3.46 0.68 2.52
C LEU A 85 -4.45 1.83 2.75
N LEU A 86 -4.63 2.17 4.03
CA LEU A 86 -5.54 3.24 4.39
C LEU A 86 -4.76 4.35 5.10
N THR A 87 -5.45 5.44 5.36
CA THR A 87 -4.84 6.57 6.03
C THR A 87 -5.30 6.64 7.49
N ASN A 88 -4.93 7.73 8.15
CA ASN A 88 -5.30 7.93 9.53
C ASN A 88 -6.78 8.29 9.62
N PHE A 89 -7.35 8.05 10.80
CA PHE A 89 -8.76 8.34 11.02
C PHE A 89 -9.24 9.46 10.09
N PRO A 90 -10.45 9.24 9.52
CA PRO A 90 -11.20 8.03 9.79
C PRO A 90 -10.60 6.84 9.04
N ARG A 91 -10.50 6.99 7.72
CA ARG A 91 -9.95 5.94 6.89
C ARG A 91 -10.22 6.23 5.41
N ARG A 92 -9.34 5.71 4.57
CA ARG A 92 -9.48 5.90 3.14
C ARG A 92 -8.78 4.77 2.38
N LYS A 93 -9.58 3.98 1.69
CA LYS A 93 -9.06 2.86 0.92
C LYS A 93 -8.25 3.40 -0.26
N LEU A 94 -6.97 3.63 -0.01
CA LEU A 94 -6.08 4.14 -1.04
C LEU A 94 -6.02 3.15 -2.20
N SER A 95 -6.95 3.33 -3.13
CA SER A 95 -7.02 2.46 -4.30
C SER A 95 -7.98 3.04 -5.33
N HIS A 96 -9.19 3.31 -4.88
CA HIS A 96 -10.21 3.87 -5.76
C HIS A 96 -9.58 4.94 -6.66
N LEU A 97 -9.00 5.95 -6.00
CA LEU A 97 -8.36 7.03 -6.72
C LEU A 97 -7.57 6.47 -7.91
N ASP A 98 -6.36 6.04 -7.62
CA ASP A 98 -5.50 5.48 -8.64
C ASP A 98 -4.06 5.46 -8.14
N TYR A 99 -3.24 4.63 -8.77
CA TYR A 99 -1.85 4.51 -8.40
C TYR A 99 -0.95 5.21 -9.43
N ASP A 100 -1.57 6.07 -10.22
CA ASP A 100 -0.84 6.81 -11.24
C ASP A 100 -0.65 8.25 -10.77
N ILE A 101 -1.48 8.65 -9.82
CA ILE A 101 -1.41 10.00 -9.29
C ILE A 101 -0.12 10.17 -8.49
N THR A 102 -0.13 11.14 -7.59
CA THR A 102 1.02 11.41 -6.76
C THR A 102 0.64 11.36 -5.27
N LEU A 103 1.63 11.07 -4.45
CA LEU A 103 1.41 11.00 -3.01
C LEU A 103 0.51 12.16 -2.58
N GLN A 104 0.58 13.23 -3.34
CA GLN A 104 -0.22 14.41 -3.04
C GLN A 104 -1.69 14.16 -3.41
N GLU A 105 -1.91 13.89 -4.68
CA GLU A 105 -3.25 13.62 -5.18
C GLU A 105 -3.98 12.66 -4.24
N ALA A 106 -3.30 11.56 -3.94
CA ALA A 106 -3.86 10.55 -3.06
C ALA A 106 -4.28 11.20 -1.73
N GLY A 107 -3.57 12.27 -1.39
CA GLY A 107 -3.86 12.99 -0.16
C GLY A 107 -2.96 12.49 0.98
N LEU A 108 -1.69 12.31 0.67
CA LEU A 108 -0.73 11.84 1.65
C LEU A 108 0.27 12.96 1.96
N CYS A 109 0.72 13.62 0.90
CA CYS A 109 1.67 14.70 1.04
C CYS A 109 1.04 15.77 1.95
N PRO A 110 1.93 16.45 2.73
CA PRO A 110 3.35 16.16 2.68
C PRO A 110 3.66 14.86 3.40
N GLN A 111 2.88 14.58 4.43
CA GLN A 111 3.06 13.36 5.21
C GLN A 111 1.71 12.80 5.64
N GLU A 112 1.64 11.48 5.68
CA GLU A 112 0.42 10.80 6.07
C GLU A 112 0.74 9.39 6.60
N THR A 113 -0.06 8.98 7.58
CA THR A 113 0.13 7.66 8.18
C THR A 113 -0.68 6.62 7.42
N VAL A 114 0.05 5.71 6.77
CA VAL A 114 -0.59 4.64 6.01
C VAL A 114 -0.91 3.48 6.94
N PHE A 115 -1.90 2.70 6.54
CA PHE A 115 -2.32 1.54 7.31
C PHE A 115 -2.73 0.39 6.40
N VAL A 116 -1.88 -0.64 6.38
CA VAL A 116 -2.15 -1.80 5.55
C VAL A 116 -3.17 -2.69 6.25
N GLN A 117 -4.35 -2.77 5.64
CA GLN A 117 -5.43 -3.57 6.19
C GLN A 117 -5.90 -4.60 5.17
N GLU A 118 -6.44 -5.70 5.68
CA GLU A 118 -6.93 -6.76 4.82
C GLU A 118 -8.01 -6.22 3.88
N SER A 119 -7.84 -6.52 2.60
CA SER A 119 -8.79 -6.08 1.59
C SER A 119 -9.69 -7.25 1.18
N GLY A 120 -10.84 -6.89 0.61
CA GLY A 120 -11.80 -7.89 0.17
C GLY A 120 -11.53 -8.30 -1.28
N PRO A 121 -12.58 -8.89 -1.92
CA PRO A 121 -12.47 -9.33 -3.30
C PRO A 121 -12.52 -8.14 -4.26
N SER A 122 -11.34 -7.56 -4.48
CA SER A 122 -11.24 -6.41 -5.37
C SER A 122 -10.26 -6.73 -6.50
N SER A 123 -9.02 -6.96 -6.12
CA SER A 123 -7.97 -7.27 -7.08
C SER A 123 -7.77 -6.08 -8.03
N GLY A 124 -6.71 -5.33 -7.77
CA GLY A 124 -6.39 -4.18 -8.59
C GLY A 124 -4.93 -4.20 -9.03
N GLY A 1 -51.79 40.33 7.43
CA GLY A 1 -50.52 40.60 8.09
C GLY A 1 -49.34 40.39 7.15
N SER A 2 -48.14 40.52 7.71
CA SER A 2 -46.93 40.35 6.93
C SER A 2 -45.72 40.27 7.85
N SER A 3 -44.69 39.59 7.37
CA SER A 3 -43.46 39.44 8.14
C SER A 3 -42.32 38.99 7.23
N GLY A 4 -41.12 39.00 7.79
CA GLY A 4 -39.94 38.61 7.05
C GLY A 4 -38.98 37.79 7.92
N SER A 5 -37.91 37.32 7.29
CA SER A 5 -36.93 36.53 7.99
C SER A 5 -35.78 36.17 7.05
N SER A 6 -34.75 35.56 7.62
CA SER A 6 -33.59 35.16 6.84
C SER A 6 -32.91 33.96 7.50
N GLY A 7 -32.03 33.32 6.73
CA GLY A 7 -31.31 32.17 7.23
C GLY A 7 -30.03 31.93 6.42
N THR A 8 -29.41 30.78 6.68
CA THR A 8 -28.18 30.43 5.98
C THR A 8 -28.17 28.94 5.67
N ALA A 9 -27.49 28.60 4.57
CA ALA A 9 -27.40 27.22 4.15
C ALA A 9 -25.93 26.84 3.97
N THR A 10 -25.70 25.58 3.64
CA THR A 10 -24.36 25.07 3.44
C THR A 10 -24.21 24.48 2.05
N ASN A 11 -23.23 24.99 1.32
CA ASN A 11 -22.97 24.51 -0.03
C ASN A 11 -22.26 23.17 0.03
N HIS A 12 -22.87 22.18 -0.59
CA HIS A 12 -22.31 20.83 -0.61
C HIS A 12 -21.42 20.67 -1.85
N GLN A 13 -20.68 19.57 -1.86
CA GLN A 13 -19.79 19.28 -2.98
C GLN A 13 -19.86 17.79 -3.33
N GLY A 14 -19.41 17.49 -4.54
CA GLY A 14 -19.41 16.11 -5.01
C GLY A 14 -18.59 15.97 -6.30
N LEU A 15 -18.31 14.72 -6.65
CA LEU A 15 -17.54 14.45 -7.86
C LEU A 15 -18.21 13.32 -8.63
N PRO A 16 -18.10 13.40 -9.98
CA PRO A 16 -18.70 12.40 -10.85
C PRO A 16 -17.87 11.10 -10.83
N ALA A 17 -18.31 10.14 -11.63
CA ALA A 17 -17.63 8.87 -11.71
C ALA A 17 -16.29 9.05 -12.44
N VAL A 18 -15.56 7.96 -12.55
CA VAL A 18 -14.27 7.99 -13.21
C VAL A 18 -14.18 6.82 -14.21
N ASP A 19 -13.65 7.14 -15.38
CA ASP A 19 -13.51 6.14 -16.42
C ASP A 19 -12.02 5.91 -16.71
N SER A 20 -11.49 4.85 -16.11
CA SER A 20 -10.09 4.50 -16.30
C SER A 20 -9.97 3.27 -17.20
N GLU A 21 -9.46 3.50 -18.39
CA GLU A 21 -9.27 2.43 -19.35
C GLU A 21 -7.80 2.26 -19.69
N ILE A 22 -7.29 3.22 -20.47
CA ILE A 22 -5.89 3.19 -20.87
C ILE A 22 -5.00 3.22 -19.62
N LEU A 23 -3.87 2.53 -19.72
CA LEU A 23 -2.94 2.47 -18.61
C LEU A 23 -1.72 3.35 -18.93
N GLU A 24 -0.88 3.53 -17.92
CA GLU A 24 0.31 4.35 -18.08
C GLU A 24 1.48 3.48 -18.56
N MET A 25 1.20 2.69 -19.58
CA MET A 25 2.22 1.81 -20.13
C MET A 25 2.34 0.52 -19.32
N PRO A 26 2.85 -0.55 -20.00
CA PRO A 26 3.02 -1.84 -19.36
C PRO A 26 4.23 -1.82 -18.41
N PRO A 27 4.21 -2.78 -17.45
CA PRO A 27 5.29 -2.89 -16.48
C PRO A 27 6.54 -3.49 -17.12
N GLU A 28 7.64 -2.77 -16.98
CA GLU A 28 8.91 -3.23 -17.53
C GLU A 28 10.08 -2.61 -16.77
N LYS A 29 11.21 -3.29 -16.83
CA LYS A 29 12.41 -2.81 -16.16
C LYS A 29 13.37 -2.21 -17.18
N ALA A 30 14.29 -1.41 -16.68
CA ALA A 30 15.27 -0.76 -17.55
C ALA A 30 16.58 -0.56 -16.77
N ASP A 31 17.60 -0.17 -17.50
CA ASP A 31 18.91 0.05 -16.91
C ASP A 31 18.79 1.12 -15.83
N GLY A 32 19.90 1.36 -15.14
CA GLY A 32 19.93 2.35 -14.08
C GLY A 32 19.54 3.73 -14.62
N VAL A 33 19.01 4.55 -13.72
CA VAL A 33 18.58 5.88 -14.09
C VAL A 33 19.50 6.91 -13.41
N VAL A 34 19.01 8.14 -13.34
CA VAL A 34 19.77 9.22 -12.73
C VAL A 34 19.03 9.71 -11.49
N GLU A 35 19.66 9.50 -10.34
CA GLU A 35 19.07 9.92 -9.08
C GLU A 35 19.78 11.18 -8.56
N GLY A 36 19.17 11.80 -7.56
CA GLY A 36 19.73 13.00 -6.96
C GLY A 36 20.98 12.68 -6.16
N ILE A 37 22.13 12.97 -6.75
CA ILE A 37 23.39 12.73 -6.09
C ILE A 37 23.38 13.37 -4.70
N ASP A 38 23.95 12.64 -3.75
CA ASP A 38 24.00 13.12 -2.38
C ASP A 38 22.59 13.15 -1.79
N VAL A 39 22.53 13.02 -0.48
CA VAL A 39 21.25 13.02 0.22
C VAL A 39 20.42 14.21 -0.27
N ASN A 40 19.12 13.99 -0.36
CA ASN A 40 18.22 15.03 -0.80
C ASN A 40 17.30 15.45 0.36
N GLY A 41 16.70 16.62 0.20
CA GLY A 41 15.82 17.14 1.23
C GLY A 41 14.76 16.10 1.62
N PRO A 42 13.96 16.45 2.67
CA PRO A 42 12.93 15.57 3.15
C PRO A 42 11.73 15.55 2.19
N LYS A 43 11.34 14.34 1.81
CA LYS A 43 10.21 14.17 0.91
C LYS A 43 8.92 14.02 1.72
N ALA A 44 8.04 13.15 1.23
CA ALA A 44 6.77 12.92 1.90
C ALA A 44 6.93 11.77 2.90
N GLN A 45 6.75 12.10 4.17
CA GLN A 45 6.87 11.11 5.22
C GLN A 45 5.56 10.32 5.37
N LEU A 46 5.71 9.01 5.44
CA LEU A 46 4.55 8.13 5.57
C LEU A 46 4.89 7.01 6.55
N MET A 47 3.84 6.41 7.10
CA MET A 47 4.02 5.32 8.04
C MET A 47 3.18 4.11 7.63
N LEU A 48 3.86 2.99 7.46
CA LEU A 48 3.20 1.75 7.07
C LEU A 48 2.81 0.97 8.32
N ARG A 49 1.54 1.07 8.67
CA ARG A 49 1.03 0.38 9.84
C ARG A 49 0.48 -1.00 9.45
N TYR A 50 1.31 -2.00 9.68
CA TYR A 50 0.94 -3.38 9.36
C TYR A 50 -0.12 -3.89 10.33
N PRO A 51 -0.89 -4.91 9.85
CA PRO A 51 -1.94 -5.50 10.67
C PRO A 51 -1.36 -6.41 11.76
N ASP A 52 -0.09 -6.76 11.56
CA ASP A 52 0.59 -7.61 12.52
C ASP A 52 0.85 -6.84 13.81
N GLY A 53 0.62 -5.53 13.73
CA GLY A 53 0.81 -4.67 14.89
C GLY A 53 2.06 -3.80 14.72
N LYS A 54 2.95 -4.26 13.85
CA LYS A 54 4.19 -3.53 13.59
C LYS A 54 3.92 -2.44 12.56
N ARG A 55 4.89 -1.54 12.44
CA ARG A 55 4.76 -0.42 11.51
C ARG A 55 6.09 -0.23 10.76
N GLU A 56 6.11 0.83 9.95
CA GLU A 56 7.29 1.14 9.17
C GLU A 56 7.20 2.56 8.59
N GLN A 57 8.29 3.29 8.71
CA GLN A 57 8.34 4.65 8.21
C GLN A 57 9.18 4.72 6.94
N ILE A 58 8.64 5.40 5.94
CA ILE A 58 9.34 5.56 4.68
C ILE A 58 9.24 7.00 4.21
N THR A 59 9.98 7.32 3.15
CA THR A 59 9.99 8.66 2.61
C THR A 59 9.93 8.61 1.08
N LEU A 60 8.76 8.92 0.54
CA LEU A 60 8.56 8.92 -0.90
C LEU A 60 8.55 10.37 -1.41
N PRO A 61 8.89 10.51 -2.72
CA PRO A 61 8.93 11.82 -3.34
C PRO A 61 7.51 12.33 -3.61
N GLU A 62 7.30 13.60 -3.29
CA GLU A 62 6.01 14.22 -3.50
C GLU A 62 5.37 13.71 -4.79
N GLN A 63 6.11 13.87 -5.87
CA GLN A 63 5.63 13.42 -7.18
C GLN A 63 5.91 11.94 -7.37
N ALA A 64 5.50 11.14 -6.38
CA ALA A 64 5.71 9.71 -6.43
C ALA A 64 4.36 9.01 -6.57
N LYS A 65 4.29 8.13 -7.55
CA LYS A 65 3.07 7.38 -7.80
C LYS A 65 2.67 6.61 -6.54
N LEU A 66 1.44 6.84 -6.11
CA LEU A 66 0.93 6.16 -4.92
C LEU A 66 1.40 4.71 -4.92
N LEU A 67 1.59 4.18 -6.11
CA LEU A 67 2.04 2.81 -6.26
C LEU A 67 3.35 2.62 -5.48
N ALA A 68 4.21 3.62 -5.59
CA ALA A 68 5.49 3.57 -4.90
C ALA A 68 5.28 3.06 -3.48
N LEU A 69 4.32 3.67 -2.80
CA LEU A 69 4.01 3.28 -1.43
C LEU A 69 3.47 1.86 -1.42
N VAL A 70 2.72 1.53 -2.46
CA VAL A 70 2.13 0.21 -2.59
C VAL A 70 3.24 -0.83 -2.80
N LYS A 71 4.04 -0.58 -3.82
CA LYS A 71 5.14 -1.47 -4.14
C LYS A 71 5.95 -1.74 -2.88
N HIS A 72 6.04 -0.73 -2.04
CA HIS A 72 6.79 -0.85 -0.80
C HIS A 72 6.17 -1.94 0.08
N VAL A 73 4.98 -1.64 0.59
CA VAL A 73 4.27 -2.58 1.44
C VAL A 73 4.21 -3.94 0.74
N GLN A 74 4.17 -3.89 -0.59
CA GLN A 74 4.12 -5.11 -1.39
C GLN A 74 5.35 -5.98 -1.12
N SER A 75 6.46 -5.31 -0.89
CA SER A 75 7.71 -6.00 -0.62
C SER A 75 7.91 -6.15 0.89
N LYS A 76 6.91 -5.73 1.64
CA LYS A 76 6.97 -5.79 3.08
C LYS A 76 6.33 -7.10 3.56
N GLY A 77 5.40 -7.59 2.75
CA GLY A 77 4.71 -8.83 3.08
C GLY A 77 3.19 -8.65 2.98
N TYR A 78 2.77 -7.95 1.94
CA TYR A 78 1.36 -7.70 1.71
C TYR A 78 1.10 -7.24 0.28
N PRO A 79 0.60 -8.21 -0.54
CA PRO A 79 0.30 -7.91 -1.94
C PRO A 79 -0.98 -7.07 -2.06
N ASN A 80 -0.85 -5.97 -2.79
CA ASN A 80 -1.99 -5.09 -2.99
C ASN A 80 -3.24 -5.91 -3.29
N GLU A 81 -3.20 -6.61 -4.42
CA GLU A 81 -4.32 -7.45 -4.82
C GLU A 81 -4.97 -8.10 -3.59
N ARG A 82 -4.12 -8.40 -2.61
CA ARG A 82 -4.59 -9.03 -1.38
C ARG A 82 -4.92 -7.95 -0.33
N PHE A 83 -3.87 -7.38 0.22
CA PHE A 83 -4.03 -6.35 1.24
C PHE A 83 -4.05 -4.95 0.61
N GLU A 84 -4.68 -4.03 1.31
CA GLU A 84 -4.78 -2.66 0.84
C GLU A 84 -4.07 -1.71 1.79
N LEU A 85 -4.15 -0.43 1.49
CA LEU A 85 -3.52 0.59 2.31
C LEU A 85 -4.50 1.73 2.56
N LEU A 86 -4.64 2.10 3.82
CA LEU A 86 -5.54 3.18 4.19
C LEU A 86 -4.74 4.31 4.85
N THR A 87 -5.44 5.40 5.15
CA THR A 87 -4.81 6.55 5.77
C THR A 87 -5.13 6.59 7.27
N ASN A 88 -4.84 7.72 7.87
CA ASN A 88 -5.09 7.90 9.29
C ASN A 88 -6.52 8.43 9.49
N PHE A 89 -6.91 8.54 10.75
CA PHE A 89 -8.23 9.03 11.09
C PHE A 89 -8.69 10.10 10.10
N PRO A 90 -9.94 9.93 9.60
CA PRO A 90 -10.76 8.80 10.01
C PRO A 90 -10.28 7.51 9.34
N ARG A 91 -10.24 7.54 8.01
CA ARG A 91 -9.80 6.38 7.25
C ARG A 91 -10.08 6.60 5.76
N ARG A 92 -9.19 6.05 4.94
CA ARG A 92 -9.34 6.17 3.50
C ARG A 92 -8.35 5.25 2.79
N LYS A 93 -8.90 4.41 1.92
CA LYS A 93 -8.08 3.46 1.17
C LYS A 93 -7.40 4.20 0.01
N LEU A 94 -6.12 3.89 -0.18
CA LEU A 94 -5.36 4.51 -1.25
C LEU A 94 -5.25 3.53 -2.42
N SER A 95 -6.33 3.45 -3.19
CA SER A 95 -6.37 2.57 -4.34
C SER A 95 -7.52 2.96 -5.26
N HIS A 96 -8.71 3.02 -4.68
CA HIS A 96 -9.90 3.37 -5.43
C HIS A 96 -9.56 4.47 -6.44
N LEU A 97 -8.97 5.54 -5.91
CA LEU A 97 -8.59 6.67 -6.75
C LEU A 97 -7.75 6.16 -7.93
N ASP A 98 -6.44 6.29 -7.77
CA ASP A 98 -5.52 5.84 -8.81
C ASP A 98 -4.09 5.87 -8.26
N TYR A 99 -3.24 5.06 -8.87
CA TYR A 99 -1.86 4.97 -8.45
C TYR A 99 -0.96 5.86 -9.32
N ASP A 100 -1.50 6.22 -10.49
CA ASP A 100 -0.76 7.06 -11.41
C ASP A 100 -0.61 8.46 -10.80
N ILE A 101 -1.51 8.78 -9.89
CA ILE A 101 -1.49 10.07 -9.24
C ILE A 101 -0.20 10.21 -8.42
N THR A 102 -0.13 11.28 -7.65
CA THR A 102 1.04 11.54 -6.82
C THR A 102 0.65 11.48 -5.34
N LEU A 103 1.64 11.14 -4.52
CA LEU A 103 1.43 11.05 -3.09
C LEU A 103 0.52 12.19 -2.63
N GLN A 104 0.61 13.30 -3.37
CA GLN A 104 -0.19 14.47 -3.05
C GLN A 104 -1.66 14.21 -3.42
N GLU A 105 -1.86 13.83 -4.67
CA GLU A 105 -3.20 13.55 -5.16
C GLU A 105 -3.95 12.64 -4.18
N ALA A 106 -3.31 11.53 -3.86
CA ALA A 106 -3.89 10.56 -2.95
C ALA A 106 -4.27 11.28 -1.64
N GLY A 107 -3.62 12.41 -1.41
CA GLY A 107 -3.88 13.19 -0.21
C GLY A 107 -3.05 12.66 0.96
N LEU A 108 -1.80 12.34 0.67
CA LEU A 108 -0.89 11.84 1.69
C LEU A 108 0.11 12.94 2.07
N CYS A 109 0.58 13.64 1.05
CA CYS A 109 1.53 14.71 1.26
C CYS A 109 0.89 15.77 2.16
N PRO A 110 1.75 16.43 2.98
CA PRO A 110 3.17 16.13 2.97
C PRO A 110 3.46 14.80 3.68
N GLN A 111 2.79 14.61 4.79
CA GLN A 111 2.96 13.39 5.58
C GLN A 111 1.60 12.76 5.88
N GLU A 112 1.59 11.44 5.89
CA GLU A 112 0.37 10.71 6.17
C GLU A 112 0.69 9.27 6.59
N THR A 113 -0.06 8.77 7.55
CA THR A 113 0.14 7.42 8.05
C THR A 113 -0.65 6.43 7.20
N VAL A 114 0.08 5.59 6.47
CA VAL A 114 -0.53 4.60 5.62
C VAL A 114 -0.73 3.31 6.41
N PHE A 115 -1.99 2.95 6.59
CA PHE A 115 -2.32 1.74 7.33
C PHE A 115 -2.65 0.58 6.37
N VAL A 116 -2.15 -0.59 6.73
CA VAL A 116 -2.38 -1.78 5.93
C VAL A 116 -3.57 -2.56 6.49
N GLN A 117 -4.50 -2.88 5.61
CA GLN A 117 -5.68 -3.62 6.01
C GLN A 117 -6.04 -4.66 4.94
N GLU A 118 -6.64 -5.74 5.39
CA GLU A 118 -7.05 -6.81 4.49
C GLU A 118 -8.10 -6.31 3.51
N SER A 119 -7.77 -6.40 2.23
CA SER A 119 -8.68 -5.95 1.19
C SER A 119 -9.79 -6.98 0.99
N GLY A 120 -10.99 -6.58 1.33
CA GLY A 120 -12.15 -7.45 1.19
C GLY A 120 -12.34 -8.31 2.45
N PRO A 121 -13.61 -8.77 2.64
CA PRO A 121 -13.93 -9.60 3.79
C PRO A 121 -13.39 -11.02 3.61
N SER A 122 -13.35 -11.45 2.36
CA SER A 122 -12.87 -12.78 2.05
C SER A 122 -11.34 -12.77 1.91
N SER A 123 -10.76 -13.96 1.99
CA SER A 123 -9.31 -14.08 1.88
C SER A 123 -8.97 -15.29 0.99
N GLY A 124 -7.83 -15.18 0.33
CA GLY A 124 -7.37 -16.25 -0.55
C GLY A 124 -8.39 -16.52 -1.65
N GLY A 1 28.46 21.18 43.62
CA GLY A 1 27.64 20.22 42.90
C GLY A 1 26.24 20.12 43.50
N SER A 2 25.32 19.60 42.70
CA SER A 2 23.94 19.45 43.13
C SER A 2 23.10 18.86 42.00
N SER A 3 21.88 18.48 42.36
CA SER A 3 20.97 17.90 41.38
C SER A 3 19.60 17.63 42.04
N GLY A 4 18.64 17.27 41.21
CA GLY A 4 17.31 16.98 41.69
C GLY A 4 16.90 15.55 41.36
N SER A 5 15.60 15.30 41.44
CA SER A 5 15.07 13.98 41.16
C SER A 5 13.56 13.95 41.40
N SER A 6 12.94 12.87 40.95
CA SER A 6 11.51 12.71 41.11
C SER A 6 10.77 13.66 40.18
N GLY A 7 9.56 13.25 39.80
CA GLY A 7 8.74 14.06 38.90
C GLY A 7 7.46 13.33 38.54
N THR A 8 6.85 13.77 37.44
CA THR A 8 5.62 13.17 36.97
C THR A 8 5.69 11.64 37.10
N ALA A 9 4.52 11.03 37.21
CA ALA A 9 4.43 9.59 37.34
C ALA A 9 3.51 9.04 36.24
N THR A 10 3.88 9.33 35.01
CA THR A 10 3.11 8.87 33.87
C THR A 10 1.61 9.04 34.14
N ASN A 11 1.09 10.19 33.73
CA ASN A 11 -0.32 10.47 33.92
C ASN A 11 -0.88 11.11 32.65
N HIS A 12 -1.81 10.40 32.02
CA HIS A 12 -2.43 10.88 30.81
C HIS A 12 -3.58 9.94 30.40
N GLN A 13 -4.41 10.42 29.50
CA GLN A 13 -5.54 9.64 29.03
C GLN A 13 -6.03 10.19 27.69
N GLY A 14 -6.75 9.33 26.97
CA GLY A 14 -7.28 9.72 25.68
C GLY A 14 -8.26 8.66 25.16
N LEU A 15 -9.53 9.07 25.06
CA LEU A 15 -10.56 8.18 24.59
C LEU A 15 -10.80 8.42 23.09
N PRO A 16 -10.49 7.36 22.28
CA PRO A 16 -10.67 7.45 20.84
C PRO A 16 -12.15 7.38 20.46
N ALA A 17 -12.38 7.39 19.16
CA ALA A 17 -13.75 7.31 18.65
C ALA A 17 -13.73 6.65 17.27
N VAL A 18 -14.88 6.72 16.61
CA VAL A 18 -15.02 6.13 15.28
C VAL A 18 -16.33 6.59 14.65
N ASP A 19 -16.24 7.01 13.40
CA ASP A 19 -17.41 7.47 12.68
C ASP A 19 -17.33 7.01 11.22
N SER A 20 -18.50 6.91 10.60
CA SER A 20 -18.57 6.49 9.21
C SER A 20 -20.02 6.45 8.75
N GLU A 21 -20.19 6.59 7.44
CA GLU A 21 -21.53 6.58 6.86
C GLU A 21 -21.45 6.53 5.34
N ILE A 22 -21.00 7.64 4.76
CA ILE A 22 -20.86 7.73 3.32
C ILE A 22 -20.31 6.41 2.77
N LEU A 23 -20.89 5.95 1.68
CA LEU A 23 -20.48 4.71 1.05
C LEU A 23 -20.73 4.79 -0.45
N GLU A 24 -19.63 4.73 -1.20
CA GLU A 24 -19.71 4.79 -2.65
C GLU A 24 -18.77 3.77 -3.28
N MET A 25 -19.16 2.51 -3.18
CA MET A 25 -18.36 1.43 -3.73
C MET A 25 -17.80 1.81 -5.10
N PRO A 26 -16.46 1.65 -5.24
CA PRO A 26 -15.80 1.97 -6.50
C PRO A 26 -16.07 0.90 -7.56
N PRO A 27 -15.95 1.32 -8.85
CA PRO A 27 -16.18 0.42 -9.96
C PRO A 27 -15.01 -0.56 -10.12
N GLU A 28 -15.11 -1.37 -11.16
CA GLU A 28 -14.07 -2.35 -11.45
C GLU A 28 -13.06 -1.77 -12.44
N LYS A 29 -11.78 -1.95 -12.11
CA LYS A 29 -10.71 -1.46 -12.97
C LYS A 29 -9.37 -1.91 -12.40
N ALA A 30 -8.33 -1.72 -13.19
CA ALA A 30 -6.99 -2.10 -12.78
C ALA A 30 -5.96 -1.45 -13.71
N ASP A 31 -4.70 -1.65 -13.39
CA ASP A 31 -3.62 -1.09 -14.18
C ASP A 31 -2.29 -1.35 -13.49
N GLY A 32 -1.21 -1.06 -14.20
CA GLY A 32 0.12 -1.27 -13.67
C GLY A 32 1.17 -0.49 -14.48
N VAL A 33 2.01 0.22 -13.76
CA VAL A 33 3.05 1.03 -14.38
C VAL A 33 4.42 0.45 -14.01
N VAL A 34 5.44 1.26 -14.24
CA VAL A 34 6.80 0.85 -13.93
C VAL A 34 7.72 2.07 -13.97
N GLU A 35 8.78 2.00 -13.18
CA GLU A 35 9.75 3.10 -13.12
C GLU A 35 9.10 4.33 -12.51
N GLY A 36 9.51 4.62 -11.28
CA GLY A 36 8.98 5.78 -10.57
C GLY A 36 10.08 6.47 -9.76
N ILE A 37 10.94 7.18 -10.48
CA ILE A 37 12.04 7.88 -9.84
C ILE A 37 11.65 9.36 -9.66
N ASP A 38 12.37 10.03 -8.78
CA ASP A 38 12.11 11.44 -8.51
C ASP A 38 13.31 12.26 -8.98
N VAL A 39 13.10 13.57 -9.02
CA VAL A 39 14.15 14.48 -9.45
C VAL A 39 14.86 15.05 -8.22
N ASN A 40 14.12 15.84 -7.46
CA ASN A 40 14.65 16.45 -6.25
C ASN A 40 13.58 17.32 -5.60
N GLY A 41 13.90 17.80 -4.41
CA GLY A 41 12.97 18.65 -3.67
C GLY A 41 12.60 18.00 -2.33
N PRO A 42 11.42 18.41 -1.81
CA PRO A 42 10.93 17.89 -0.55
C PRO A 42 10.41 16.46 -0.70
N LYS A 43 10.34 15.77 0.42
CA LYS A 43 9.87 14.39 0.42
C LYS A 43 8.62 14.30 1.31
N ALA A 44 7.93 13.16 1.18
CA ALA A 44 6.73 12.93 1.95
C ALA A 44 6.96 11.76 2.91
N GLN A 45 6.65 11.99 4.17
CA GLN A 45 6.82 10.97 5.19
C GLN A 45 5.53 10.15 5.34
N LEU A 46 5.69 8.84 5.23
CA LEU A 46 4.55 7.94 5.34
C LEU A 46 4.84 6.91 6.44
N MET A 47 3.81 6.60 7.20
CA MET A 47 3.92 5.64 8.28
C MET A 47 3.18 4.34 7.95
N LEU A 48 3.93 3.40 7.40
CA LEU A 48 3.36 2.11 7.03
C LEU A 48 3.03 1.32 8.30
N ARG A 49 1.74 1.05 8.49
CA ARG A 49 1.29 0.31 9.65
C ARG A 49 0.77 -1.07 9.23
N TYR A 50 1.67 -2.04 9.29
CA TYR A 50 1.31 -3.41 8.91
C TYR A 50 0.32 -4.00 9.92
N PRO A 51 -0.67 -4.76 9.37
CA PRO A 51 -1.68 -5.39 10.21
C PRO A 51 -1.10 -6.60 10.94
N ASP A 52 0.01 -6.38 11.61
CA ASP A 52 0.67 -7.44 12.36
C ASP A 52 1.28 -6.86 13.62
N GLY A 53 0.83 -5.68 13.98
CA GLY A 53 1.32 -5.00 15.17
C GLY A 53 2.68 -4.35 14.91
N LYS A 54 3.12 -4.45 13.67
CA LYS A 54 4.40 -3.87 13.27
C LYS A 54 4.15 -2.68 12.34
N ARG A 55 4.99 -1.67 12.48
CA ARG A 55 4.89 -0.48 11.66
C ARG A 55 6.23 -0.14 11.03
N GLU A 56 6.24 0.93 10.26
CA GLU A 56 7.44 1.37 9.58
C GLU A 56 7.20 2.70 8.87
N GLN A 57 8.06 3.67 9.17
CA GLN A 57 7.95 4.99 8.56
C GLN A 57 8.95 5.12 7.41
N ILE A 58 8.43 5.50 6.25
CA ILE A 58 9.26 5.67 5.08
C ILE A 58 9.13 7.12 4.58
N THR A 59 9.95 7.44 3.58
CA THR A 59 9.93 8.77 3.01
C THR A 59 9.97 8.68 1.48
N LEU A 60 8.82 8.96 0.88
CA LEU A 60 8.70 8.92 -0.57
C LEU A 60 8.48 10.34 -1.10
N PRO A 61 8.74 10.50 -2.43
CA PRO A 61 8.58 11.79 -3.07
C PRO A 61 7.10 12.12 -3.28
N GLU A 62 6.80 13.40 -3.37
CA GLU A 62 5.44 13.85 -3.58
C GLU A 62 4.96 13.48 -4.99
N GLN A 63 5.92 13.40 -5.89
CA GLN A 63 5.62 13.05 -7.27
C GLN A 63 5.53 11.54 -7.44
N ALA A 64 6.06 10.83 -6.44
CA ALA A 64 6.04 9.38 -6.47
C ALA A 64 4.58 8.89 -6.55
N LYS A 65 4.38 7.90 -7.40
CA LYS A 65 3.05 7.35 -7.60
C LYS A 65 2.63 6.60 -6.33
N LEU A 66 1.39 6.82 -5.94
CA LEU A 66 0.85 6.17 -4.76
C LEU A 66 1.26 4.69 -4.75
N LEU A 67 1.38 4.14 -5.95
CA LEU A 67 1.75 2.75 -6.10
C LEU A 67 3.12 2.52 -5.42
N ALA A 68 4.00 3.49 -5.60
CA ALA A 68 5.33 3.42 -5.03
C ALA A 68 5.21 2.98 -3.56
N LEU A 69 4.31 3.64 -2.85
CA LEU A 69 4.10 3.33 -1.45
C LEU A 69 3.47 1.94 -1.32
N VAL A 70 2.61 1.62 -2.28
CA VAL A 70 1.94 0.33 -2.30
C VAL A 70 2.97 -0.77 -2.53
N LYS A 71 3.88 -0.50 -3.46
CA LYS A 71 4.92 -1.46 -3.79
C LYS A 71 5.77 -1.73 -2.57
N HIS A 72 5.90 -0.71 -1.74
CA HIS A 72 6.68 -0.82 -0.51
C HIS A 72 6.07 -1.90 0.39
N VAL A 73 4.89 -1.59 0.91
CA VAL A 73 4.20 -2.52 1.79
C VAL A 73 4.11 -3.88 1.11
N GLN A 74 4.17 -3.85 -0.22
CA GLN A 74 4.09 -5.07 -1.00
C GLN A 74 5.34 -5.93 -0.78
N SER A 75 6.47 -5.37 -1.18
CA SER A 75 7.75 -6.07 -1.03
C SER A 75 7.92 -6.53 0.41
N LYS A 76 7.19 -5.88 1.30
CA LYS A 76 7.26 -6.21 2.72
C LYS A 76 6.58 -7.56 2.95
N GLY A 77 5.47 -7.76 2.27
CA GLY A 77 4.71 -9.00 2.39
C GLY A 77 3.21 -8.73 2.45
N TYR A 78 2.74 -8.00 1.46
CA TYR A 78 1.32 -7.67 1.38
C TYR A 78 0.94 -7.19 -0.03
N PRO A 79 0.43 -8.15 -0.85
CA PRO A 79 0.03 -7.84 -2.20
C PRO A 79 -1.29 -7.08 -2.22
N ASN A 80 -1.29 -5.98 -2.96
CA ASN A 80 -2.48 -5.15 -3.08
C ASN A 80 -3.71 -6.05 -3.20
N GLU A 81 -3.71 -6.85 -4.26
CA GLU A 81 -4.81 -7.76 -4.52
C GLU A 81 -5.33 -8.35 -3.20
N ARG A 82 -4.40 -8.54 -2.28
CA ARG A 82 -4.74 -9.10 -0.97
C ARG A 82 -4.98 -7.98 0.04
N PHE A 83 -3.88 -7.43 0.53
CA PHE A 83 -3.96 -6.36 1.51
C PHE A 83 -4.07 -4.99 0.82
N GLU A 84 -4.72 -4.06 1.51
CA GLU A 84 -4.90 -2.73 0.97
C GLU A 84 -4.36 -1.68 1.95
N LEU A 85 -4.00 -0.54 1.40
CA LEU A 85 -3.47 0.55 2.22
C LEU A 85 -4.57 1.59 2.44
N LEU A 86 -4.70 2.00 3.70
CA LEU A 86 -5.71 2.98 4.06
C LEU A 86 -5.01 4.25 4.58
N THR A 87 -5.81 5.27 4.83
CA THR A 87 -5.28 6.52 5.33
C THR A 87 -5.85 6.82 6.72
N ASN A 88 -5.37 7.92 7.29
CA ASN A 88 -5.82 8.33 8.61
C ASN A 88 -7.06 9.21 8.48
N PHE A 89 -7.78 9.33 9.59
CA PHE A 89 -8.99 10.14 9.61
C PHE A 89 -8.85 11.35 8.68
N PRO A 90 -9.83 11.46 7.73
CA PRO A 90 -10.89 10.48 7.63
C PRO A 90 -10.38 9.18 7.02
N ARG A 91 -11.11 8.11 7.28
CA ARG A 91 -10.75 6.80 6.76
C ARG A 91 -10.91 6.77 5.24
N ARG A 92 -9.80 6.57 4.56
CA ARG A 92 -9.80 6.51 3.11
C ARG A 92 -8.96 5.33 2.62
N LYS A 93 -9.51 4.62 1.65
CA LYS A 93 -8.81 3.48 1.08
C LYS A 93 -8.02 3.91 -0.15
N LEU A 94 -6.70 3.90 -0.01
CA LEU A 94 -5.83 4.29 -1.11
C LEU A 94 -5.92 3.25 -2.22
N SER A 95 -6.86 3.48 -3.13
CA SER A 95 -7.06 2.58 -4.24
C SER A 95 -8.11 3.15 -5.20
N HIS A 96 -9.30 3.34 -4.66
CA HIS A 96 -10.40 3.88 -5.44
C HIS A 96 -9.88 4.97 -6.37
N LEU A 97 -9.27 5.98 -5.77
CA LEU A 97 -8.72 7.09 -6.53
C LEU A 97 -7.91 6.55 -7.71
N ASP A 98 -6.67 6.17 -7.40
CA ASP A 98 -5.78 5.64 -8.42
C ASP A 98 -4.34 5.67 -7.91
N TYR A 99 -3.55 4.75 -8.43
CA TYR A 99 -2.15 4.66 -8.03
C TYR A 99 -1.24 5.34 -9.06
N ASP A 100 -1.88 5.94 -10.05
CA ASP A 100 -1.14 6.63 -11.10
C ASP A 100 -0.94 8.09 -10.70
N ILE A 101 -1.67 8.50 -9.67
CA ILE A 101 -1.58 9.86 -9.18
C ILE A 101 -0.27 10.05 -8.42
N THR A 102 -0.16 11.18 -7.75
CA THR A 102 1.03 11.49 -6.97
C THR A 102 0.72 11.49 -5.48
N LEU A 103 1.73 11.17 -4.69
CA LEU A 103 1.58 11.14 -3.24
C LEU A 103 0.71 12.32 -2.80
N GLN A 104 0.78 13.38 -3.59
CA GLN A 104 0.01 14.59 -3.29
C GLN A 104 -1.48 14.35 -3.59
N GLU A 105 -1.74 13.91 -4.81
CA GLU A 105 -3.10 13.65 -5.23
C GLU A 105 -3.83 12.80 -4.19
N ALA A 106 -3.19 11.69 -3.84
CA ALA A 106 -3.77 10.78 -2.84
C ALA A 106 -4.07 11.56 -1.57
N GLY A 107 -3.40 12.69 -1.42
CA GLY A 107 -3.59 13.53 -0.25
C GLY A 107 -2.78 13.00 0.94
N LEU A 108 -1.60 12.48 0.63
CA LEU A 108 -0.73 11.94 1.65
C LEU A 108 0.34 12.98 2.01
N CYS A 109 0.63 13.84 1.04
CA CYS A 109 1.62 14.89 1.24
C CYS A 109 1.04 15.93 2.20
N PRO A 110 1.95 16.53 3.01
CA PRO A 110 3.36 16.20 2.93
C PRO A 110 3.64 14.84 3.58
N GLN A 111 2.98 14.62 4.71
CA GLN A 111 3.15 13.38 5.45
C GLN A 111 1.79 12.82 5.86
N GLU A 112 1.66 11.51 5.75
CA GLU A 112 0.42 10.83 6.11
C GLU A 112 0.72 9.47 6.74
N THR A 113 -0.31 8.88 7.32
CA THR A 113 -0.18 7.59 7.95
C THR A 113 -0.94 6.52 7.15
N VAL A 114 -0.19 5.73 6.42
CA VAL A 114 -0.77 4.67 5.61
C VAL A 114 -0.95 3.41 6.47
N PHE A 115 -2.12 2.80 6.32
CA PHE A 115 -2.43 1.60 7.07
C PHE A 115 -2.76 0.43 6.13
N VAL A 116 -2.02 -0.65 6.31
CA VAL A 116 -2.22 -1.84 5.49
C VAL A 116 -3.21 -2.78 6.19
N GLN A 117 -4.21 -3.20 5.44
CA GLN A 117 -5.22 -4.10 5.97
C GLN A 117 -5.61 -5.14 4.93
N GLU A 118 -6.27 -6.19 5.39
CA GLU A 118 -6.71 -7.26 4.51
C GLU A 118 -7.84 -6.76 3.60
N SER A 119 -7.62 -6.92 2.30
CA SER A 119 -8.60 -6.50 1.32
C SER A 119 -9.42 -7.70 0.84
N GLY A 120 -10.49 -7.41 0.13
CA GLY A 120 -11.36 -8.45 -0.39
C GLY A 120 -10.58 -9.40 -1.30
N PRO A 121 -11.32 -10.01 -2.26
CA PRO A 121 -10.72 -10.94 -3.21
C PRO A 121 -9.89 -10.20 -4.25
N SER A 122 -10.50 -9.17 -4.84
CA SER A 122 -9.83 -8.38 -5.85
C SER A 122 -9.06 -9.29 -6.79
N SER A 123 -9.76 -9.80 -7.79
CA SER A 123 -9.15 -10.69 -8.77
C SER A 123 -9.72 -10.39 -10.16
N GLY A 124 -11.03 -10.54 -10.28
CA GLY A 124 -11.70 -10.30 -11.54
C GLY A 124 -13.22 -10.44 -11.39
#